data_9NH8
#
_entry.id   9NH8
#
_cell.length_a   1.00
_cell.length_b   1.00
_cell.length_c   1.00
_cell.angle_alpha   90.00
_cell.angle_beta   90.00
_cell.angle_gamma   90.00
#
_symmetry.space_group_name_H-M   'P 1'
#
loop_
_entity.id
_entity.type
_entity.pdbx_description
1 polymer 'Histone H3.2'
2 polymer 'Histone H4'
3 polymer 'Histone H2A'
4 polymer 'Histone H2B 1.1'
5 polymer 'DNA (158-MER)'
6 polymer 'DNA (158-MER)'
7 polymer 'Chromodomain-helicase-DNA-binding protein 1'
8 non-polymer ARGININE
#
loop_
_entity_poly.entity_id
_entity_poly.type
_entity_poly.pdbx_seq_one_letter_code
_entity_poly.pdbx_strand_id
1 'polypeptide(L)'
;MART(ML3)QTARKSTGGKAPRKQLATKAARKSAPATGGVKKPHRYRPGTVALREIRRYQKSTELLIRKLPFQRLVREIA
QDFKTDLRFQSSAVMALQEASEAYLVALFEDTNLAAIHAKRVTIMPKDIQLARRIRGERA
;
A,E,V
2 'polypeptide(L)'
;MSGRGKGGKGLGKGGAKRHRKVLRDNIQGITKPAIRRLARRGGVKRISGLIYEETRGVLKVFLENVIRDAVTYTEHAKRK
TVTAMDVVYALKRQGRTLYGFGG
;
B,F
3 'polypeptide(L)'
;MSGRGKQGGKTRAKAKTRSSRAGLQFPVGRVHRLLRKGNYAERVGAGAPVYLAAVLEYLTAEILELAGNAARDNKKTRII
PRHLQLAVRNDEELNKLLGRVTIAQGGVLPNIQSVLLPKKTESSKSAKSK
;
C,G
4 'polypeptide(L)'
;MAKSAPAPKKGSKKAVTKTQKKDGKKRRKTRKESYAIYVYKVLKQVHPDTGISSKAMSIMNSFVNDVFERIAGEASRLAH
YNKRSTITSREIQTAVRLLLPGELAKHAVSEGTKAVTKYTSAK
;
D,H
5 'polydeoxyribonucleotide'
;(DA)(DA)(DC)(DT)(DA)(DA)(DA)(DG)(DC)(DT)(DT)(DA)(DG)(DA)(DT)(DG)(DT)(DG)(DC)(DG)
(DA)(DA)(DT)(DT)(DC)(DC)(DA)(DG)(DC)(DC)(DA)(DT)(DC)(DA)(DG)(DA)(DA)(DT)(DC)(DC)
(DC)(DG)(DG)(DT)(DG)(DC)(DC)(DG)(DA)(DG)(DG)(DC)(DC)(DG)(DC)(DT)(DC)(DA)(DA)(DT)
(DT)(DG)(DG)(DT)(DC)(DG)(DT)(DA)(DG)(DA)(DC)(DA)(DG)(DC)(DT)(DC)(DT)(DA)(DG)(DC)
(DA)(DC)(DC)(DG)(DC)(DT)(DT)(DA)(DA)(DA)(DC)(DG)(DC)(DA)(DC)(DG)(DT)(DA)(DC)(DG)
(DC)(DG)(DC)(DT)(DG)(DT)(DC)(DC)(DC)(DC)(DC)(DG)(DC)(DG)(DT)(DT)(DT)(DT)(DA)(DA)
(DC)(DC)(DG)(DC)(DC)(DA)(DA)(DG)(DG)(DG)(DG)(DA)(DT)(DT)(DA)(DC)(DT)(DC)(DC)(DC)
(DT)(DA)(DG)(DT)(DC)(DT)(DC)(DC)(DA)(DG)(DG)(DC)(DA)(DC)(DG)(DT)(DG)(DT)(DC)(DA)
(DG)(DA)(DT)(DA)(DT)(DA)(DT)(DA)(DC)(DA)(DT)(DC)(DG)(DA)(DT)(DA)(DG)(DG)(DC)(DA)
(DC)(DT)(DG)(DA)(DT)(DT)(DG)(DA)(DT)(DT)(DA)(DC)(DT)(DA)(DG)(DG)(DA)(DA)(DT)(DA)
(DA)(DC)(DA)(DG)(DG)
;
I
6 'polydeoxyribonucleotide'
;(DC)(DC)(DT)(DG)(DT)(DT)(DA)(DT)(DT)(DC)(DC)(DT)(DA)(DG)(DT)(DA)(DA)(DT)(DC)(DA)
(DA)(DT)(DC)(DA)(DG)(DT)(DG)(DC)(DC)(DT)(DA)(DT)(DC)(DG)(DA)(DT)(DG)(DT)(DA)(DT)
(DA)(DT)(DA)(DT)(DC)(DT)(DG)(DA)(DC)(DA)(DC)(DG)(DT)(DG)(DC)(DC)(DT)(DG)(DG)(DA)
(DG)(DA)(DC)(DT)(DA)(DG)(DG)(DG)(DA)(DG)(DT)(DA)(DA)(DT)(DC)(DC)(DC)(DC)(DT)(DT)
(DG)(DG)(DC)(DG)(DG)(DT)(DT)(DA)(DA)(DA)(DA)(DC)(DG)(DC)(DG)(DG)(DG)(DG)(DG)(DA)
(DC)(DA)(DG)(DC)(DG)(DC)(DG)(DT)(DA)(DC)(DG)(DT)(DG)(DC)(DG)(DT)(DT)(DT)(DA)(DA)
(DG)(DC)(DG)(DG)(DT)(DG)(DC)(DT)(DA)(DG)(DA)(DG)(DC)(DT)(DG)(DT)(DC)(DT)(DA)(DC)
(DG)(DA)(DC)(DC)(DA)(DA)(DT)(DT)(DG)(DA)(DG)(DC)(DG)(DG)(DC)(DC)(DT)(DC)(DG)(DG)
(DC)(DA)(DC)(DC)(DG)(DG)(DG)(DA)(DT)(DT)(DC)(DT)(DG)(DA)(DT)(DG)(DG)(DC)(DT)(DG)
(DG)(DA)(DA)(DT)(DT)(DC)(DG)(DC)(DA)(DC)(DA)(DT)(DC)(DT)(DA)(DA)(DG)(DC)(DT)(DT)
(DT)(DA)(DG)(DT)(DT)
;
J
7 'polypeptide(L)'
;SNANGHSDEESVRNSSGESSQSDDDSGSASGSGSGSSSGSSSDGSSSQSGSSDSDSGSESGSQSESESDTSRENKVQAKP
PKVDGAEFWKSSPSILAVQRSAILKKQQQQQQQQQHQASSNSGSEEDSSSSEDSDDSSSEVKRKKHKDEDWQMSGSGSPS
QSGSDSESEEEREKSSCDETESDYEPKNKVKSRKPQNRSKSKNGKKILGQKKRQIDSSEEDDDEEDYDNDKRSSRRQATV
NVSYKEDEEMKTDSDDLLEVCGEDVPQPEEEEFETIERFMDCRIGRKGATGATTTIYAVEADGDPNAGFEKNKEPGEIQY
LIKWKGWSHIHNTWETEETLKQQNVRGMKKLDNYKKKDQETKRWLKNASPEDVEYYNCQQELTDDLHKQYQIVERIIAHS
NQKSAAGYPDYYCKWQGLPYSECSWEDGALISKKFQACIDEYFSRNQSKTTPFKDCKVLKQRPRFVALKKQPSYIGGHEG
LELRDYQLNGLNWLAHSWCKGNSCILADEMGLGKTIQTISFLNYLFHEHQLYGPFLLVVPLSTLTSWQREIQTWASQMNA
VVYLGDINSRNMIRTHEWTHHQTKRLKFNILLTTYEILLKDKAFLGGLNWAFIGVDEAHRLKNDDSLLYKTLIDFKSNHR
LLITGTPLQNSLKELWSLLHFIMPEKFSSWEDFEEEHGKGREYGYASLHKELEPFLLRRVKKDVEKSLPAKVEQILRMEM
SALQKQYYKWILTRNYKALSKGSKGSTSGFLNIMMELKKCCNHCYLIKPPDNNEFYNKQEALQHLIRSSGKLILLDKLLI
RLRERGNRVLIFSQMVRMLDILAEYLKYRQFPFQRLDGSIKGELRKQALDHFNAEGSEDFCFLLSTRAGGLGINLASADT
VVIFDSDWNPQNDLQAQARAHRIGQKKQVNIYRLVTKGSVEEDILERAKKKMVLDHLVIQRMDTTGKTVLHTGSAPSSST
PFNKEELSAILKFGAEELFKEPEGEEQEPQEMDIDEILKRAETHENEPGPLTVGDELLSQFKVANFSNMDEDDIELEPER
NSKNWEEIIPEDQRRRLEEEERQKELEEIYMLPRMRNCAKQISFNGSEGRRSRSRRYSGSDSDSISEGKRPKKRGRPRTI
PRENIKGFSDAEIRRFIKSYKKFGGPLERLDAIARDAELVDKSETDLRRLGELVHNGCIKALKDSSSGTERTGGRLGKVK
GPTFRISGVQVNAKLVISHEEELIPLHKSIPSDPEERKQYTIPCHTKAAHFDIDWGKEDDSNLLIGIYEYGYGSWEMIKM
DPDLSLTHKILPDDPDKKPQAKQLQTRADYLIKLLSRDLAKKEALSGAG
;
W
#
loop_
_chem_comp.id
_chem_comp.type
_chem_comp.name
_chem_comp.formula
DA DNA linking 2'-DEOXYADENOSINE-5'-MONOPHOSPHATE 'C10 H14 N5 O6 P'
DC DNA linking 2'-DEOXYCYTIDINE-5'-MONOPHOSPHATE 'C9 H14 N3 O7 P'
DG DNA linking 2'-DEOXYGUANOSINE-5'-MONOPHOSPHATE 'C10 H14 N5 O7 P'
DT DNA linking THYMIDINE-5'-MONOPHOSPHATE 'C10 H15 N2 O8 P'
#
# COMPACT_ATOMS: atom_id res chain seq x y z
N PRO A 39 -27.35 -36.89 12.07
CA PRO A 39 -27.24 -36.01 10.90
C PRO A 39 -26.17 -36.48 9.94
N HIS A 40 -26.32 -36.16 8.65
CA HIS A 40 -25.37 -36.57 7.64
C HIS A 40 -24.05 -35.83 7.81
N ARG A 41 -22.96 -36.56 7.83
CA ARG A 41 -21.65 -35.95 8.06
C ARG A 41 -20.61 -36.67 7.22
N TYR A 42 -19.93 -35.92 6.37
CA TYR A 42 -18.88 -36.48 5.54
C TYR A 42 -17.66 -36.88 6.37
N ARG A 43 -16.99 -37.93 5.92
CA ARG A 43 -15.81 -38.42 6.61
C ARG A 43 -14.62 -37.51 6.36
N PRO A 44 -13.62 -37.54 7.23
CA PRO A 44 -12.42 -36.71 7.03
C PRO A 44 -11.74 -37.04 5.70
N GLY A 45 -11.67 -36.05 4.83
CA GLY A 45 -11.01 -36.22 3.55
C GLY A 45 -11.86 -35.86 2.36
N THR A 46 -13.18 -36.09 2.47
CA THR A 46 -14.08 -35.82 1.35
C THR A 46 -14.15 -34.33 1.04
N VAL A 47 -14.32 -33.50 2.08
CA VAL A 47 -14.35 -32.06 1.87
C VAL A 47 -12.99 -31.54 1.47
N ALA A 48 -11.92 -32.20 1.94
CA ALA A 48 -10.58 -31.80 1.54
C ALA A 48 -10.38 -31.96 0.04
N LEU A 49 -10.86 -33.06 -0.53
CA LEU A 49 -10.70 -33.29 -1.96
C LEU A 49 -11.53 -32.32 -2.79
N ARG A 50 -12.76 -32.03 -2.35
CA ARG A 50 -13.61 -31.12 -3.11
C ARG A 50 -13.01 -29.72 -3.12
N GLU A 51 -12.42 -29.30 -2.01
CA GLU A 51 -11.72 -28.02 -2.00
C GLU A 51 -10.53 -28.05 -2.96
N ILE A 52 -9.81 -29.18 -2.99
CA ILE A 52 -8.73 -29.33 -3.96
C ILE A 52 -9.27 -29.19 -5.38
N ARG A 53 -10.41 -29.83 -5.65
CA ARG A 53 -11.00 -29.78 -6.99
C ARG A 53 -11.49 -28.37 -7.33
N ARG A 54 -12.19 -27.74 -6.40
CA ARG A 54 -12.77 -26.42 -6.66
C ARG A 54 -11.68 -25.36 -6.86
N TYR A 55 -10.67 -25.34 -6.00
CA TYR A 55 -9.67 -24.29 -6.06
C TYR A 55 -8.60 -24.52 -7.12
N GLN A 56 -8.45 -25.76 -7.60
CA GLN A 56 -7.58 -25.99 -8.74
C GLN A 56 -8.25 -25.55 -10.04
N LYS A 57 -9.58 -25.65 -10.10
CA LYS A 57 -10.34 -25.23 -11.28
C LYS A 57 -10.46 -23.72 -11.36
N SER A 58 -10.60 -23.05 -10.22
CA SER A 58 -10.81 -21.61 -10.18
C SER A 58 -9.48 -20.86 -10.14
N THR A 59 -9.44 -19.72 -10.81
CA THR A 59 -8.27 -18.85 -10.83
C THR A 59 -8.40 -17.63 -9.94
N GLU A 60 -9.47 -17.54 -9.14
CA GLU A 60 -9.71 -16.37 -8.31
C GLU A 60 -8.67 -16.25 -7.21
N LEU A 61 -8.47 -15.01 -6.75
CA LEU A 61 -7.57 -14.76 -5.63
C LEU A 61 -8.05 -15.48 -4.38
N LEU A 62 -7.09 -15.98 -3.59
CA LEU A 62 -7.41 -16.62 -2.31
C LEU A 62 -7.11 -15.72 -1.12
N ILE A 63 -5.96 -15.05 -1.09
CA ILE A 63 -5.68 -14.08 -0.04
C ILE A 63 -6.57 -12.86 -0.24
N ARG A 64 -7.09 -12.33 0.87
CA ARG A 64 -7.94 -11.14 0.82
C ARG A 64 -7.11 -9.92 0.40
N LYS A 65 -7.69 -9.08 -0.45
CA LYS A 65 -6.93 -7.99 -1.05
C LYS A 65 -6.53 -6.94 -0.01
N LEU A 66 -7.46 -6.49 0.82
CA LEU A 66 -7.21 -5.36 1.69
C LEU A 66 -6.16 -5.64 2.76
N PRO A 67 -6.22 -6.77 3.50
CA PRO A 67 -5.15 -7.04 4.46
C PRO A 67 -3.81 -7.34 3.81
N PHE A 68 -3.81 -7.88 2.59
CA PHE A 68 -2.54 -8.05 1.88
C PHE A 68 -1.95 -6.71 1.47
N GLN A 69 -2.80 -5.77 1.03
CA GLN A 69 -2.33 -4.44 0.71
C GLN A 69 -1.73 -3.76 1.94
N ARG A 70 -2.37 -3.95 3.09
CA ARG A 70 -1.86 -3.35 4.32
C ARG A 70 -0.51 -3.93 4.71
N LEU A 71 -0.34 -5.25 4.56
CA LEU A 71 0.94 -5.87 4.90
C LEU A 71 2.05 -5.43 3.95
N VAL A 72 1.72 -5.23 2.67
CA VAL A 72 2.70 -4.75 1.71
C VAL A 72 3.22 -3.37 2.12
N ARG A 73 2.30 -2.47 2.48
CA ARG A 73 2.70 -1.13 2.89
C ARG A 73 3.57 -1.16 4.14
N GLU A 74 3.30 -2.09 5.05
CA GLU A 74 4.08 -2.18 6.28
C GLU A 74 5.54 -2.50 5.98
N ILE A 75 5.78 -3.52 5.15
CA ILE A 75 7.15 -3.92 4.85
C ILE A 75 7.89 -2.83 4.10
N ALA A 76 7.20 -2.16 3.17
CA ALA A 76 7.86 -1.15 2.35
C ALA A 76 8.29 0.05 3.19
N GLN A 77 7.48 0.40 4.20
CA GLN A 77 7.76 1.58 5.00
C GLN A 77 9.04 1.44 5.82
N ASP A 78 9.53 0.21 6.00
CA ASP A 78 10.83 0.01 6.63
C ASP A 78 11.97 0.45 5.72
N PHE A 79 11.74 0.51 4.41
CA PHE A 79 12.78 0.88 3.46
C PHE A 79 12.72 2.35 3.08
N LYS A 80 11.54 2.85 2.74
CA LYS A 80 11.33 4.27 2.44
C LYS A 80 9.95 4.67 2.93
N THR A 81 9.90 5.68 3.80
CA THR A 81 8.63 6.12 4.36
C THR A 81 7.84 6.91 3.32
N ASP A 82 6.55 7.08 3.60
CA ASP A 82 5.64 7.88 2.77
C ASP A 82 5.54 7.35 1.35
N LEU A 83 5.57 6.02 1.20
CA LEU A 83 5.46 5.43 -0.12
C LEU A 83 4.02 5.23 -0.54
N ARG A 84 3.69 5.70 -1.74
CA ARG A 84 2.41 5.44 -2.37
C ARG A 84 2.52 4.20 -3.26
N PHE A 85 1.40 3.48 -3.39
CA PHE A 85 1.34 2.26 -4.17
C PHE A 85 0.21 2.34 -5.19
N GLN A 86 0.55 2.13 -6.45
CA GLN A 86 -0.46 2.04 -7.48
C GLN A 86 -1.34 0.81 -7.26
N SER A 87 -2.59 0.92 -7.71
CA SER A 87 -3.52 -0.20 -7.55
C SER A 87 -3.01 -1.47 -8.22
N SER A 88 -2.23 -1.33 -9.30
CA SER A 88 -1.74 -2.51 -10.01
C SER A 88 -0.48 -3.09 -9.36
N ALA A 89 0.27 -2.27 -8.61
CA ALA A 89 1.48 -2.78 -7.97
C ALA A 89 1.17 -3.83 -6.91
N VAL A 90 0.17 -3.56 -6.06
CA VAL A 90 -0.25 -4.55 -5.08
C VAL A 90 -0.84 -5.77 -5.78
N MET A 91 -1.54 -5.56 -6.89
CA MET A 91 -2.08 -6.68 -7.66
C MET A 91 -0.96 -7.58 -8.16
N ALA A 92 0.11 -6.97 -8.67
CA ALA A 92 1.25 -7.75 -9.14
C ALA A 92 1.93 -8.49 -7.99
N LEU A 93 2.05 -7.83 -6.84
CA LEU A 93 2.64 -8.51 -5.69
C LEU A 93 1.82 -9.71 -5.24
N GLN A 94 0.50 -9.56 -5.24
CA GLN A 94 -0.35 -10.65 -4.74
C GLN A 94 -0.32 -11.85 -5.70
N GLU A 95 -0.31 -11.59 -7.01
CA GLU A 95 -0.21 -12.68 -7.96
C GLU A 95 1.09 -13.45 -7.77
N ALA A 96 2.20 -12.73 -7.60
CA ALA A 96 3.48 -13.39 -7.39
C ALA A 96 3.51 -14.15 -6.06
N SER A 97 2.99 -13.53 -5.00
CA SER A 97 3.04 -14.17 -3.68
C SER A 97 2.22 -15.45 -3.66
N GLU A 98 1.01 -15.40 -4.23
CA GLU A 98 0.15 -16.58 -4.23
C GLU A 98 0.76 -17.70 -5.07
N ALA A 99 1.29 -17.36 -6.25
CA ALA A 99 1.88 -18.38 -7.12
C ALA A 99 3.10 -19.02 -6.45
N TYR A 100 3.90 -18.22 -5.77
CA TYR A 100 5.06 -18.78 -5.05
C TYR A 100 4.61 -19.74 -3.95
N LEU A 101 3.58 -19.37 -3.18
CA LEU A 101 3.14 -20.22 -2.09
C LEU A 101 2.54 -21.53 -2.61
N VAL A 102 1.77 -21.47 -3.70
CA VAL A 102 1.16 -22.68 -4.25
C VAL A 102 2.22 -23.65 -4.73
N ALA A 103 3.26 -23.14 -5.41
CA ALA A 103 4.38 -24.00 -5.79
C ALA A 103 5.09 -24.54 -4.55
N LEU A 104 5.27 -23.68 -3.53
CA LEU A 104 5.85 -24.14 -2.28
C LEU A 104 4.99 -25.22 -1.63
N PHE A 105 3.67 -25.07 -1.70
CA PHE A 105 2.79 -26.07 -1.11
C PHE A 105 2.81 -27.38 -1.89
N GLU A 106 2.94 -27.30 -3.22
CA GLU A 106 3.11 -28.51 -4.02
C GLU A 106 4.39 -29.24 -3.62
N ASP A 107 5.50 -28.50 -3.52
CA ASP A 107 6.76 -29.11 -3.11
C ASP A 107 6.65 -29.66 -1.69
N THR A 108 5.96 -28.95 -0.80
CA THR A 108 5.80 -29.40 0.58
C THR A 108 4.99 -30.69 0.65
N ASN A 109 3.93 -30.78 -0.14
CA ASN A 109 3.13 -32.00 -0.19
C ASN A 109 3.95 -33.16 -0.74
N LEU A 110 4.77 -32.92 -1.76
CA LEU A 110 5.63 -33.98 -2.26
C LEU A 110 6.66 -34.39 -1.21
N ALA A 111 7.22 -33.42 -0.49
CA ALA A 111 8.17 -33.75 0.57
C ALA A 111 7.53 -34.60 1.65
N ALA A 112 6.32 -34.24 2.07
CA ALA A 112 5.64 -35.01 3.11
C ALA A 112 5.37 -36.43 2.66
N ILE A 113 4.91 -36.59 1.42
CA ILE A 113 4.60 -37.92 0.90
C ILE A 113 5.85 -38.78 0.82
N HIS A 114 7.00 -38.17 0.51
CA HIS A 114 8.25 -38.94 0.51
C HIS A 114 8.49 -39.59 1.86
N ALA A 115 8.10 -38.94 2.94
CA ALA A 115 8.14 -39.52 4.27
C ALA A 115 6.96 -40.43 4.56
N LYS A 116 6.17 -40.77 3.54
CA LYS A 116 5.05 -41.70 3.64
C LYS A 116 3.97 -41.16 4.58
N ARG A 117 3.71 -39.85 4.50
CA ARG A 117 2.70 -39.17 5.30
C ARG A 117 1.64 -38.58 4.38
N VAL A 118 0.61 -38.00 4.99
CA VAL A 118 -0.37 -37.22 4.26
C VAL A 118 -0.42 -35.76 4.72
N THR A 119 0.03 -35.45 5.93
CA THR A 119 -0.02 -34.11 6.48
C THR A 119 1.29 -33.38 6.20
N ILE A 120 1.19 -32.13 5.75
CA ILE A 120 2.37 -31.30 5.55
C ILE A 120 2.75 -30.67 6.88
N MET A 121 4.05 -30.61 7.14
CA MET A 121 4.61 -30.10 8.39
C MET A 121 5.69 -29.07 8.09
N PRO A 122 6.06 -28.24 9.08
CA PRO A 122 7.06 -27.20 8.81
C PRO A 122 8.39 -27.74 8.30
N LYS A 123 8.81 -28.92 8.74
CA LYS A 123 10.07 -29.48 8.25
C LYS A 123 9.99 -29.76 6.76
N ASP A 124 8.82 -30.12 6.24
CA ASP A 124 8.67 -30.30 4.81
C ASP A 124 8.89 -28.99 4.07
N ILE A 125 8.38 -27.88 4.61
CA ILE A 125 8.60 -26.58 4.02
C ILE A 125 10.09 -26.24 4.06
N GLN A 126 10.75 -26.51 5.19
CA GLN A 126 12.17 -26.23 5.31
C GLN A 126 12.98 -27.05 4.31
N LEU A 127 12.66 -28.34 4.18
CA LEU A 127 13.35 -29.19 3.22
C LEU A 127 13.14 -28.71 1.79
N ALA A 128 11.90 -28.34 1.45
CA ALA A 128 11.61 -27.85 0.11
C ALA A 128 12.40 -26.60 -0.19
N ARG A 129 12.45 -25.66 0.76
CA ARG A 129 13.19 -24.42 0.54
C ARG A 129 14.69 -24.69 0.42
N ARG A 130 15.22 -25.60 1.25
CA ARG A 130 16.64 -25.90 1.19
C ARG A 130 17.01 -26.54 -0.14
N ILE A 131 16.17 -27.45 -0.64
CA ILE A 131 16.44 -28.04 -1.95
C ILE A 131 16.34 -26.99 -3.05
N ARG A 132 15.32 -26.13 -2.99
CA ARG A 132 15.15 -25.10 -4.00
C ARG A 132 16.28 -24.07 -3.96
N GLY A 133 16.97 -23.94 -2.83
CA GLY A 133 18.11 -23.06 -2.74
C GLY A 133 17.87 -21.72 -2.08
N GLU A 134 16.81 -21.58 -1.28
CA GLU A 134 16.50 -20.32 -0.62
C GLU A 134 17.10 -20.31 0.78
N ARG A 135 17.86 -19.26 1.09
CA ARG A 135 18.49 -19.12 2.39
C ARG A 135 17.77 -18.08 3.25
N ARG B 18 -9.47 -2.58 24.60
CA ARG B 18 -9.96 -2.93 23.28
C ARG B 18 -9.39 -4.28 22.83
N HIS B 19 -10.14 -4.98 21.97
CA HIS B 19 -9.72 -6.31 21.56
C HIS B 19 -8.56 -6.30 20.59
N ARG B 20 -8.32 -5.19 19.90
CA ARG B 20 -7.23 -5.12 18.95
C ARG B 20 -6.58 -3.74 19.00
N LYS B 21 -5.31 -3.68 18.59
CA LYS B 21 -4.52 -2.46 18.63
C LYS B 21 -3.79 -2.29 17.30
N VAL B 22 -3.39 -1.05 17.02
CA VAL B 22 -2.56 -0.75 15.86
C VAL B 22 -1.11 -0.97 16.31
N LEU B 23 -0.66 -2.22 16.22
CA LEU B 23 0.68 -2.58 16.69
C LEU B 23 1.43 -3.40 15.65
N ARG B 24 1.14 -3.17 14.36
CA ARG B 24 1.87 -3.78 13.25
C ARG B 24 1.84 -5.31 13.33
N ASP B 25 0.66 -5.85 13.60
CA ASP B 25 0.42 -7.29 13.54
C ASP B 25 -0.13 -7.72 12.19
N ASN B 26 0.10 -6.91 11.15
CA ASN B 26 -0.66 -7.04 9.91
C ASN B 26 -0.41 -8.36 9.19
N ILE B 27 0.73 -9.02 9.46
CA ILE B 27 1.00 -10.30 8.83
C ILE B 27 0.04 -11.38 9.32
N GLN B 28 -0.62 -11.16 10.45
CA GLN B 28 -1.61 -12.11 10.92
C GLN B 28 -2.94 -11.97 10.18
N GLY B 29 -3.06 -11.05 9.22
CA GLY B 29 -4.22 -10.98 8.36
C GLY B 29 -4.16 -11.94 7.19
N ILE B 30 -3.11 -12.74 7.14
CA ILE B 30 -3.07 -13.87 6.17
C ILE B 30 -3.51 -15.01 7.08
N THR B 31 -4.82 -15.27 7.16
CA THR B 31 -5.38 -16.20 8.16
C THR B 31 -5.24 -17.68 7.89
N LYS B 32 -5.84 -18.49 8.76
CA LYS B 32 -5.79 -19.97 8.62
C LYS B 32 -6.48 -20.34 7.33
N PRO B 33 -7.62 -19.72 7.02
CA PRO B 33 -8.37 -20.03 5.82
C PRO B 33 -7.56 -19.74 4.55
N ALA B 34 -6.88 -18.59 4.52
CA ALA B 34 -6.15 -18.19 3.32
C ALA B 34 -4.98 -19.14 3.05
N ILE B 35 -4.23 -19.49 4.10
CA ILE B 35 -3.14 -20.44 3.95
C ILE B 35 -3.69 -21.81 3.57
N ARG B 36 -4.85 -22.17 4.12
CA ARG B 36 -5.46 -23.46 3.81
C ARG B 36 -5.89 -23.54 2.35
N ARG B 37 -6.52 -22.47 1.84
CA ARG B 37 -6.95 -22.46 0.45
C ARG B 37 -5.75 -22.56 -0.50
N LEU B 38 -4.68 -21.83 -0.19
CA LEU B 38 -3.48 -21.91 -1.02
C LEU B 38 -2.89 -23.31 -1.02
N ALA B 39 -2.88 -23.96 0.14
CA ALA B 39 -2.42 -25.35 0.20
C ALA B 39 -3.36 -26.28 -0.55
N ARG B 40 -4.67 -26.04 -0.45
CA ARG B 40 -5.63 -26.89 -1.16
C ARG B 40 -5.51 -26.75 -2.67
N ARG B 41 -5.17 -25.56 -3.16
CA ARG B 41 -4.91 -25.41 -4.59
C ARG B 41 -3.69 -26.20 -5.02
N GLY B 42 -2.67 -26.26 -4.15
CA GLY B 42 -1.50 -27.05 -4.47
C GLY B 42 -1.79 -28.54 -4.49
N GLY B 43 -2.60 -29.02 -3.55
CA GLY B 43 -2.95 -30.42 -3.50
C GLY B 43 -2.92 -31.01 -2.09
N VAL B 44 -2.68 -30.16 -1.09
CA VAL B 44 -2.53 -30.62 0.27
C VAL B 44 -3.90 -31.02 0.83
N LYS B 45 -3.97 -32.20 1.45
CA LYS B 45 -5.20 -32.73 2.02
C LYS B 45 -5.29 -32.54 3.52
N ARG B 46 -4.19 -32.67 4.25
CA ARG B 46 -4.15 -32.47 5.70
C ARG B 46 -3.03 -31.49 6.01
N ILE B 47 -3.34 -30.49 6.84
CA ILE B 47 -2.40 -29.43 7.18
C ILE B 47 -2.19 -29.43 8.69
N SER B 48 -0.93 -29.54 9.10
CA SER B 48 -0.58 -29.44 10.51
C SER B 48 -0.79 -28.02 11.02
N GLY B 49 -1.05 -27.90 12.32
CA GLY B 49 -1.34 -26.60 12.90
C GLY B 49 -0.18 -25.63 12.90
N LEU B 50 1.05 -26.12 12.70
CA LEU B 50 2.22 -25.26 12.67
C LEU B 50 2.60 -24.79 11.27
N ILE B 51 1.83 -25.18 10.26
CA ILE B 51 2.12 -24.76 8.90
C ILE B 51 1.91 -23.25 8.73
N TYR B 52 0.94 -22.69 9.46
CA TYR B 52 0.57 -21.29 9.23
C TYR B 52 1.68 -20.32 9.63
N GLU B 53 2.32 -20.55 10.78
CA GLU B 53 3.43 -19.68 11.15
C GLU B 53 4.59 -19.79 10.18
N GLU B 54 4.85 -20.99 9.66
CA GLU B 54 5.92 -21.13 8.68
C GLU B 54 5.57 -20.43 7.38
N THR B 55 4.31 -20.51 6.95
CA THR B 55 3.89 -19.81 5.75
C THR B 55 4.01 -18.31 5.93
N ARG B 56 3.59 -17.79 7.08
CA ARG B 56 3.70 -16.37 7.35
C ARG B 56 5.16 -15.92 7.37
N GLY B 57 6.03 -16.72 7.99
CA GLY B 57 7.45 -16.40 7.94
C GLY B 57 8.01 -16.42 6.53
N VAL B 58 7.62 -17.42 5.74
CA VAL B 58 8.08 -17.51 4.36
C VAL B 58 7.57 -16.35 3.53
N LEU B 59 6.29 -16.01 3.70
CA LEU B 59 5.70 -14.95 2.88
C LEU B 59 6.33 -13.60 3.17
N LYS B 60 6.67 -13.33 4.43
CA LYS B 60 7.35 -12.09 4.75
C LYS B 60 8.72 -12.03 4.09
N VAL B 61 9.46 -13.14 4.09
CA VAL B 61 10.77 -13.16 3.46
C VAL B 61 10.66 -12.96 1.95
N PHE B 62 9.65 -13.57 1.33
CA PHE B 62 9.44 -13.34 -0.11
C PHE B 62 9.14 -11.87 -0.38
N LEU B 63 8.23 -11.28 0.39
CA LEU B 63 7.84 -9.90 0.14
C LEU B 63 8.97 -8.94 0.44
N GLU B 64 9.78 -9.20 1.48
CA GLU B 64 10.85 -8.27 1.82
C GLU B 64 11.82 -8.11 0.66
N ASN B 65 12.20 -9.21 0.02
CA ASN B 65 13.14 -9.12 -1.10
C ASN B 65 12.49 -8.45 -2.31
N VAL B 66 11.25 -8.82 -2.63
CA VAL B 66 10.58 -8.23 -3.79
C VAL B 66 10.33 -6.75 -3.55
N ILE B 67 9.85 -6.38 -2.37
CA ILE B 67 9.55 -4.97 -2.10
C ILE B 67 10.81 -4.14 -2.09
N ARG B 68 11.93 -4.67 -1.59
CA ARG B 68 13.17 -3.89 -1.55
C ARG B 68 13.63 -3.51 -2.96
N ASP B 69 13.56 -4.45 -3.91
CA ASP B 69 13.97 -4.14 -5.27
C ASP B 69 13.05 -3.10 -5.90
N ALA B 70 11.74 -3.24 -5.68
CA ALA B 70 10.80 -2.26 -6.20
C ALA B 70 11.08 -0.88 -5.62
N VAL B 71 11.37 -0.81 -4.33
CA VAL B 71 11.69 0.46 -3.69
C VAL B 71 13.00 1.03 -4.24
N THR B 72 13.97 0.16 -4.54
CA THR B 72 15.22 0.65 -5.13
C THR B 72 14.99 1.24 -6.51
N TYR B 73 14.16 0.59 -7.33
CA TYR B 73 13.86 1.14 -8.64
C TYR B 73 13.08 2.44 -8.53
N THR B 74 12.15 2.51 -7.58
CA THR B 74 11.38 3.72 -7.35
C THR B 74 12.29 4.87 -6.90
N GLU B 75 13.22 4.60 -5.99
CA GLU B 75 14.15 5.63 -5.54
C GLU B 75 15.07 6.07 -6.67
N HIS B 76 15.52 5.14 -7.49
CA HIS B 76 16.35 5.51 -8.64
C HIS B 76 15.58 6.42 -9.59
N ALA B 77 14.30 6.13 -9.79
CA ALA B 77 13.50 6.96 -10.69
C ALA B 77 13.16 8.33 -10.12
N LYS B 78 13.66 8.66 -8.93
CA LYS B 78 13.29 9.90 -8.23
C LYS B 78 11.77 10.01 -8.11
N ARG B 79 11.14 8.87 -7.85
CA ARG B 79 9.69 8.75 -7.80
C ARG B 79 9.28 8.30 -6.40
N LYS B 80 8.01 8.52 -6.06
CA LYS B 80 7.51 8.19 -4.73
C LYS B 80 6.40 7.16 -4.75
N THR B 81 6.00 6.67 -5.92
CA THR B 81 4.92 5.70 -6.05
C THR B 81 5.48 4.41 -6.65
N VAL B 82 5.30 3.31 -5.93
CA VAL B 82 5.77 2.00 -6.39
C VAL B 82 4.78 1.47 -7.42
N THR B 83 5.26 1.23 -8.63
CA THR B 83 4.39 0.88 -9.75
C THR B 83 4.44 -0.60 -10.08
N ALA B 84 3.46 -1.02 -10.91
CA ALA B 84 3.44 -2.39 -11.38
C ALA B 84 4.66 -2.71 -12.24
N MET B 85 5.14 -1.74 -13.02
CA MET B 85 6.36 -1.95 -13.78
C MET B 85 7.55 -2.17 -12.87
N ASP B 86 7.64 -1.41 -11.79
CA ASP B 86 8.73 -1.61 -10.84
C ASP B 86 8.63 -2.99 -10.19
N VAL B 87 7.42 -3.44 -9.87
CA VAL B 87 7.27 -4.75 -9.25
C VAL B 87 7.64 -5.86 -10.24
N VAL B 88 7.23 -5.71 -11.50
CA VAL B 88 7.58 -6.70 -12.52
C VAL B 88 9.08 -6.76 -12.73
N TYR B 89 9.75 -5.59 -12.75
CA TYR B 89 11.21 -5.59 -12.84
C TYR B 89 11.88 -6.14 -11.59
N ALA B 90 11.24 -6.03 -10.43
CA ALA B 90 11.78 -6.65 -9.22
C ALA B 90 11.68 -8.17 -9.29
N LEU B 91 10.57 -8.68 -9.83
CA LEU B 91 10.42 -10.12 -9.99
C LEU B 91 11.29 -10.67 -11.11
N LYS B 92 11.51 -9.89 -12.17
CA LYS B 92 12.27 -10.38 -13.31
C LYS B 92 13.72 -10.66 -12.94
N ARG B 93 14.26 -9.93 -11.96
CA ARG B 93 15.62 -10.18 -11.51
C ARG B 93 15.75 -11.58 -10.90
N GLN B 94 14.82 -11.92 -10.02
CA GLN B 94 14.88 -13.15 -9.25
C GLN B 94 14.39 -14.37 -10.03
N GLY B 95 14.32 -14.28 -11.36
CA GLY B 95 13.87 -15.41 -12.16
C GLY B 95 12.44 -15.81 -11.92
N ARG B 96 11.55 -14.85 -11.67
CA ARG B 96 10.15 -15.09 -11.40
C ARG B 96 9.27 -14.24 -12.30
N THR B 97 9.55 -14.27 -13.61
CA THR B 97 8.91 -13.38 -14.56
C THR B 97 7.39 -13.46 -14.46
N LEU B 98 6.75 -12.30 -14.39
CA LEU B 98 5.29 -12.20 -14.26
C LEU B 98 4.72 -11.52 -15.49
N TYR B 99 3.81 -12.20 -16.19
CA TYR B 99 3.17 -11.61 -17.35
C TYR B 99 1.78 -11.13 -16.96
N GLY B 100 1.38 -9.98 -17.50
CA GLY B 100 0.03 -9.49 -17.29
C GLY B 100 -0.06 -8.01 -17.01
N PHE B 101 1.02 -7.41 -16.49
CA PHE B 101 0.97 -6.03 -16.06
C PHE B 101 1.78 -5.06 -16.91
N GLY B 102 2.69 -5.55 -17.73
CA GLY B 102 3.45 -4.67 -18.59
C GLY B 102 4.77 -5.30 -18.98
N GLY B 103 5.48 -4.60 -19.86
CA GLY B 103 6.75 -5.08 -20.37
C GLY B 103 7.33 -4.21 -21.46
N ARG C 12 52.75 19.38 -23.81
CA ARG C 12 51.60 19.23 -22.94
C ARG C 12 52.01 18.77 -21.54
N ALA C 13 51.07 18.81 -20.61
CA ALA C 13 51.34 18.42 -19.23
C ALA C 13 51.65 16.94 -19.14
N LYS C 14 52.52 16.59 -18.19
CA LYS C 14 52.89 15.20 -18.00
C LYS C 14 51.69 14.37 -17.54
N ALA C 15 51.58 13.17 -18.10
CA ALA C 15 50.37 12.36 -17.92
C ALA C 15 50.20 11.93 -16.46
N LYS C 16 48.95 11.74 -16.06
CA LYS C 16 48.60 11.23 -14.74
C LYS C 16 47.33 10.42 -14.90
N THR C 17 47.42 9.12 -14.62
CA THR C 17 46.31 8.21 -14.90
C THR C 17 45.12 8.47 -13.98
N ARG C 18 43.92 8.24 -14.52
CA ARG C 18 42.69 8.44 -13.74
C ARG C 18 42.64 7.54 -12.52
N SER C 19 43.26 6.37 -12.59
CA SER C 19 43.30 5.48 -11.42
C SER C 19 44.05 6.14 -10.27
N SER C 20 45.11 6.88 -10.56
CA SER C 20 45.89 7.53 -9.51
C SER C 20 45.14 8.70 -8.87
N ARG C 21 44.28 9.39 -9.63
CA ARG C 21 43.58 10.54 -9.06
C ARG C 21 42.56 10.10 -8.02
N ALA C 22 41.80 9.04 -8.33
CA ALA C 22 40.78 8.54 -7.42
C ALA C 22 41.35 7.71 -6.27
N GLY C 23 42.62 7.32 -6.33
CA GLY C 23 43.22 6.53 -5.29
C GLY C 23 43.11 5.03 -5.48
N LEU C 24 42.26 4.58 -6.39
CA LEU C 24 42.08 3.17 -6.65
C LEU C 24 43.31 2.57 -7.32
N GLN C 25 43.42 1.25 -7.22
CA GLN C 25 44.43 0.49 -7.96
C GLN C 25 43.89 -0.10 -9.26
N PHE C 26 42.59 -0.39 -9.30
CA PHE C 26 41.99 -0.97 -10.49
C PHE C 26 42.00 0.05 -11.62
N PRO C 27 42.07 -0.40 -12.88
CA PRO C 27 42.24 0.53 -14.01
C PRO C 27 40.92 1.20 -14.38
N VAL C 28 40.84 2.50 -14.11
CA VAL C 28 39.69 3.27 -14.56
C VAL C 28 39.65 3.38 -16.07
N GLY C 29 40.82 3.38 -16.71
CA GLY C 29 40.88 3.45 -18.16
C GLY C 29 40.30 2.22 -18.82
N ARG C 30 40.68 1.04 -18.33
CA ARG C 30 40.17 -0.20 -18.91
C ARG C 30 38.67 -0.36 -18.68
N VAL C 31 38.20 0.00 -17.48
CA VAL C 31 36.77 -0.11 -17.19
C VAL C 31 35.97 0.83 -18.08
N HIS C 32 36.50 2.02 -18.35
CA HIS C 32 35.81 2.95 -19.23
C HIS C 32 35.73 2.41 -20.66
N ARG C 33 36.83 1.81 -21.13
CA ARG C 33 36.83 1.24 -22.48
C ARG C 33 35.86 0.07 -22.59
N LEU C 34 35.83 -0.80 -21.58
CA LEU C 34 34.92 -1.94 -21.61
C LEU C 34 33.46 -1.49 -21.57
N LEU C 35 33.17 -0.42 -20.82
CA LEU C 35 31.82 0.09 -20.75
C LEU C 35 31.39 0.80 -22.03
N ARG C 36 32.34 1.30 -22.83
CA ARG C 36 32.00 2.01 -24.05
C ARG C 36 32.07 1.14 -25.30
N LYS C 37 32.94 0.13 -25.33
CA LYS C 37 32.97 -0.81 -26.44
C LYS C 37 32.11 -2.04 -26.20
N GLY C 38 31.62 -2.22 -24.97
CA GLY C 38 30.52 -3.12 -24.73
C GLY C 38 29.24 -2.31 -24.85
N ASN C 39 28.29 -2.83 -25.62
CA ASN C 39 27.09 -2.06 -25.96
C ASN C 39 26.09 -2.08 -24.81
N TYR C 40 26.54 -1.53 -23.68
CA TYR C 40 25.69 -1.42 -22.50
C TYR C 40 24.80 -0.18 -22.56
N ALA C 41 25.30 0.92 -23.11
CA ALA C 41 24.49 2.11 -23.32
C ALA C 41 25.18 2.98 -24.36
N GLU C 42 24.42 3.96 -24.88
CA GLU C 42 24.95 4.82 -25.93
C GLU C 42 25.98 5.81 -25.39
N ARG C 43 25.93 6.13 -24.10
CA ARG C 43 26.90 7.00 -23.47
C ARG C 43 27.31 6.41 -22.12
N VAL C 44 28.53 6.70 -21.71
CA VAL C 44 29.08 6.22 -20.44
C VAL C 44 29.58 7.44 -19.68
N GLY C 45 29.03 7.66 -18.49
CA GLY C 45 29.40 8.84 -17.74
C GLY C 45 30.84 8.81 -17.29
N ALA C 46 31.43 10.01 -17.13
CA ALA C 46 32.81 10.11 -16.70
C ALA C 46 32.99 9.66 -15.26
N GLY C 47 31.92 9.68 -14.46
CA GLY C 47 31.94 9.19 -13.10
C GLY C 47 31.62 7.73 -12.94
N ALA C 48 31.32 7.02 -14.02
CA ALA C 48 30.95 5.62 -13.97
C ALA C 48 32.16 4.70 -13.82
N PRO C 49 33.22 4.83 -14.63
CA PRO C 49 34.36 3.92 -14.45
C PRO C 49 35.04 4.06 -13.10
N VAL C 50 35.07 5.25 -12.53
CA VAL C 50 35.69 5.45 -11.22
C VAL C 50 34.90 4.71 -10.15
N TYR C 51 33.57 4.80 -10.19
CA TYR C 51 32.74 4.06 -9.25
C TYR C 51 32.88 2.55 -9.43
N LEU C 52 32.84 2.07 -10.67
CA LEU C 52 32.84 0.63 -10.91
C LEU C 52 34.15 -0.01 -10.44
N ALA C 53 35.27 0.67 -10.68
CA ALA C 53 36.55 0.14 -10.24
C ALA C 53 36.63 0.09 -8.72
N ALA C 54 36.01 1.05 -8.04
CA ALA C 54 36.03 1.07 -6.59
C ALA C 54 35.31 -0.14 -5.99
N VAL C 55 34.14 -0.49 -6.56
CA VAL C 55 33.41 -1.67 -6.08
C VAL C 55 34.19 -2.94 -6.38
N LEU C 56 34.74 -3.04 -7.59
CA LEU C 56 35.49 -4.24 -7.96
C LEU C 56 36.73 -4.41 -7.08
N GLU C 57 37.42 -3.31 -6.79
CA GLU C 57 38.60 -3.38 -5.94
C GLU C 57 38.23 -3.83 -4.52
N TYR C 58 37.11 -3.35 -4.00
CA TYR C 58 36.69 -3.73 -2.66
C TYR C 58 36.35 -5.21 -2.57
N LEU C 59 35.59 -5.72 -3.54
CA LEU C 59 35.23 -7.14 -3.52
C LEU C 59 36.46 -8.03 -3.63
N THR C 60 37.38 -7.66 -4.54
CA THR C 60 38.61 -8.42 -4.67
C THR C 60 39.41 -8.38 -3.39
N ALA C 61 39.45 -7.23 -2.72
CA ALA C 61 40.18 -7.13 -1.46
C ALA C 61 39.56 -8.00 -0.38
N GLU C 62 38.23 -8.01 -0.31
CA GLU C 62 37.54 -8.82 0.70
C GLU C 62 37.80 -10.30 0.47
N ILE C 63 37.65 -10.75 -0.78
CA ILE C 63 37.86 -12.16 -1.08
C ILE C 63 39.32 -12.54 -0.82
N LEU C 64 40.26 -11.67 -1.20
CA LEU C 64 41.66 -11.95 -0.95
C LEU C 64 41.97 -12.00 0.53
N GLU C 65 41.35 -11.13 1.32
CA GLU C 65 41.56 -11.15 2.75
C GLU C 65 41.11 -12.47 3.36
N LEU C 66 39.89 -12.90 3.04
CA LEU C 66 39.40 -14.17 3.58
C LEU C 66 40.22 -15.36 3.06
N ALA C 67 40.62 -15.32 1.80
CA ALA C 67 41.43 -16.40 1.25
C ALA C 67 42.79 -16.47 1.94
N GLY C 68 43.43 -15.33 2.18
CA GLY C 68 44.68 -15.32 2.92
C GLY C 68 44.51 -15.74 4.37
N ASN C 69 43.38 -15.39 4.97
CA ASN C 69 43.10 -15.79 6.34
C ASN C 69 42.96 -17.30 6.45
N ALA C 70 42.37 -17.93 5.44
CA ALA C 70 42.35 -19.39 5.38
C ALA C 70 43.72 -19.97 5.02
N ALA C 71 44.51 -19.23 4.23
CA ALA C 71 45.85 -19.70 3.88
C ALA C 71 46.75 -19.77 5.11
N ARG C 72 46.66 -18.77 5.99
CA ARG C 72 47.43 -18.84 7.23
C ARG C 72 46.99 -20.03 8.08
N ASP C 73 45.70 -20.35 8.07
CA ASP C 73 45.21 -21.52 8.79
C ASP C 73 45.73 -22.82 8.17
N ASN C 74 45.78 -22.87 6.84
CA ASN C 74 46.25 -24.05 6.12
C ASN C 74 47.76 -24.12 6.03
N LYS C 75 48.44 -23.12 6.59
CA LYS C 75 49.89 -23.07 6.76
C LYS C 75 50.64 -22.83 5.46
N LYS C 76 49.96 -22.36 4.42
CA LYS C 76 50.60 -21.99 3.17
C LYS C 76 50.81 -20.48 3.08
N THR C 77 51.67 -20.08 2.15
CA THR C 77 51.95 -18.67 1.87
C THR C 77 51.50 -18.24 0.49
N ARG C 78 50.90 -19.14 -0.29
CA ARG C 78 50.30 -18.81 -1.57
C ARG C 78 48.83 -19.20 -1.55
N ILE C 79 47.98 -18.33 -2.12
CA ILE C 79 46.55 -18.60 -2.20
C ILE C 79 46.30 -19.61 -3.32
N ILE C 80 45.61 -20.70 -2.87
CA ILE C 80 45.28 -21.87 -3.73
C ILE C 80 43.77 -21.91 -3.95
N PRO C 81 43.20 -22.76 -4.82
CA PRO C 81 41.79 -22.68 -5.15
C PRO C 81 40.94 -23.08 -3.97
N ARG C 82 41.45 -24.01 -3.21
CA ARG C 82 40.70 -24.49 -2.05
C ARG C 82 40.38 -23.35 -1.07
N HIS C 83 41.33 -22.44 -0.84
CA HIS C 83 41.11 -21.36 0.13
C HIS C 83 39.98 -20.44 -0.31
N LEU C 84 39.88 -20.16 -1.61
CA LEU C 84 38.80 -19.30 -2.09
C LEU C 84 37.44 -19.93 -1.84
N GLN C 85 37.35 -21.25 -1.99
CA GLN C 85 36.11 -21.95 -1.65
C GLN C 85 35.83 -21.86 -0.16
N LEU C 86 36.86 -22.02 0.66
CA LEU C 86 36.69 -21.85 2.11
C LEU C 86 36.28 -20.42 2.44
N ALA C 87 36.89 -19.44 1.77
CA ALA C 87 36.57 -18.05 2.03
C ALA C 87 35.12 -17.72 1.64
N VAL C 88 34.75 -18.06 0.41
CA VAL C 88 33.46 -17.63 -0.12
C VAL C 88 32.32 -18.30 0.64
N ARG C 89 32.45 -19.61 0.89
CA ARG C 89 31.34 -20.36 1.46
C ARG C 89 31.16 -20.09 2.95
N ASN C 90 32.23 -19.73 3.67
CA ASN C 90 32.08 -19.40 5.08
C ASN C 90 31.42 -18.04 5.27
N ASP C 91 31.78 -17.05 4.45
CA ASP C 91 31.18 -15.73 4.57
C ASP C 91 29.77 -15.79 3.98
N GLU C 92 28.76 -15.56 4.81
CA GLU C 92 27.38 -15.75 4.40
C GLU C 92 26.93 -14.75 3.33
N GLU C 93 27.61 -13.61 3.21
CA GLU C 93 27.20 -12.63 2.20
C GLU C 93 27.83 -12.90 0.86
N LEU C 94 29.12 -13.22 0.82
CA LEU C 94 29.76 -13.59 -0.44
C LEU C 94 29.20 -14.89 -0.98
N ASN C 95 28.76 -15.79 -0.10
CA ASN C 95 28.08 -16.99 -0.56
C ASN C 95 26.75 -16.68 -1.23
N LYS C 96 26.04 -15.66 -0.76
CA LYS C 96 24.78 -15.30 -1.40
C LYS C 96 25.01 -14.62 -2.74
N LEU C 97 26.20 -14.09 -2.98
CA LEU C 97 26.56 -13.55 -4.28
C LEU C 97 27.06 -14.63 -5.23
N LEU C 98 27.76 -15.64 -4.71
CA LEU C 98 28.34 -16.70 -5.52
C LEU C 98 27.67 -18.06 -5.30
N GLY C 99 26.39 -18.08 -4.95
CA GLY C 99 25.71 -19.35 -4.70
C GLY C 99 25.65 -20.26 -5.91
N ARG C 100 25.39 -19.69 -7.09
CA ARG C 100 25.38 -20.46 -8.31
C ARG C 100 26.78 -20.69 -8.87
N VAL C 101 27.78 -19.95 -8.38
CA VAL C 101 29.13 -20.09 -8.90
C VAL C 101 29.75 -21.40 -8.46
N THR C 102 30.53 -22.01 -9.35
CA THR C 102 31.33 -23.19 -9.05
C THR C 102 32.80 -22.83 -9.23
N ILE C 103 33.62 -23.19 -8.25
CA ILE C 103 35.05 -22.89 -8.27
C ILE C 103 35.80 -24.19 -8.54
N ALA C 104 36.52 -24.22 -9.66
CA ALA C 104 37.32 -25.39 -10.00
C ALA C 104 38.42 -25.61 -8.96
N GLN C 105 38.69 -26.88 -8.67
CA GLN C 105 39.67 -27.28 -7.66
C GLN C 105 39.34 -26.72 -6.29
N GLY C 106 38.06 -26.49 -6.01
CA GLY C 106 37.67 -25.81 -4.79
C GLY C 106 37.22 -26.72 -3.68
N GLY C 107 36.70 -27.89 -4.03
CA GLY C 107 36.19 -28.78 -3.00
C GLY C 107 34.86 -28.29 -2.43
N VAL C 108 34.52 -28.83 -1.26
CA VAL C 108 33.27 -28.51 -0.57
C VAL C 108 33.57 -28.23 0.89
N LEU C 109 32.60 -27.59 1.55
CA LEU C 109 32.75 -27.32 2.96
C LEU C 109 32.70 -28.62 3.76
N PRO C 110 33.63 -28.83 4.69
CA PRO C 110 33.55 -30.01 5.56
C PRO C 110 32.31 -29.98 6.43
N ASN C 111 31.36 -30.87 6.16
CA ASN C 111 30.11 -30.88 6.90
C ASN C 111 29.50 -32.28 6.85
N ILE C 112 29.11 -32.80 8.01
CA ILE C 112 28.46 -34.09 8.14
C ILE C 112 27.21 -33.91 8.98
N GLN C 113 26.10 -34.46 8.52
CA GLN C 113 24.84 -34.32 9.24
C GLN C 113 24.90 -35.09 10.56
N SER C 114 24.33 -34.49 11.61
CA SER C 114 24.45 -35.06 12.95
C SER C 114 23.70 -36.38 13.09
N VAL C 115 22.74 -36.66 12.22
CA VAL C 115 22.03 -37.93 12.28
C VAL C 115 22.96 -39.09 11.91
N LEU C 116 23.93 -38.84 11.05
CA LEU C 116 24.83 -39.89 10.57
C LEU C 116 25.99 -40.16 11.51
N LEU C 117 26.33 -39.23 12.40
CA LEU C 117 27.44 -39.42 13.31
C LEU C 117 27.15 -40.59 14.27
N PRO C 118 28.17 -41.34 14.66
CA PRO C 118 27.93 -42.55 15.47
C PRO C 118 27.52 -42.20 16.89
N LYS C 119 26.87 -43.17 17.52
CA LYS C 119 26.44 -43.04 18.91
C LYS C 119 26.46 -44.40 19.60
N LYS D 29 51.24 -14.66 -28.38
CA LYS D 29 51.68 -13.87 -29.52
C LYS D 29 50.90 -12.56 -29.64
N THR D 30 49.67 -12.57 -29.12
CA THR D 30 48.80 -11.41 -29.15
C THR D 30 48.39 -11.03 -27.74
N ARG D 31 48.34 -9.72 -27.48
CA ARG D 31 47.98 -9.20 -26.17
C ARG D 31 46.60 -9.70 -25.73
N LYS D 32 46.58 -10.41 -24.60
CA LYS D 32 45.33 -10.83 -23.96
C LYS D 32 45.29 -10.23 -22.57
N GLU D 33 44.46 -9.21 -22.38
CA GLU D 33 44.47 -8.41 -21.17
C GLU D 33 43.76 -9.12 -20.02
N SER D 34 44.26 -8.91 -18.81
CA SER D 34 43.72 -9.56 -17.63
C SER D 34 43.94 -8.69 -16.41
N TYR D 35 43.19 -8.98 -15.34
CA TYR D 35 43.26 -8.26 -14.07
C TYR D 35 44.25 -8.87 -13.09
N ALA D 36 45.30 -9.53 -13.58
CA ALA D 36 46.29 -10.12 -12.68
C ALA D 36 47.04 -9.06 -11.89
N ILE D 37 47.54 -8.03 -12.59
CA ILE D 37 48.46 -7.09 -11.96
C ILE D 37 47.76 -6.25 -10.89
N TYR D 38 46.53 -5.82 -11.16
CA TYR D 38 45.82 -4.99 -10.19
C TYR D 38 45.33 -5.80 -8.99
N VAL D 39 44.87 -7.03 -9.22
CA VAL D 39 44.49 -7.88 -8.10
C VAL D 39 45.72 -8.21 -7.25
N TYR D 40 46.89 -8.36 -7.89
CA TYR D 40 48.11 -8.59 -7.14
C TYR D 40 48.47 -7.40 -6.27
N LYS D 41 48.30 -6.18 -6.77
CA LYS D 41 48.52 -5.00 -5.95
C LYS D 41 47.56 -4.99 -4.76
N VAL D 42 46.31 -5.38 -4.98
CA VAL D 42 45.34 -5.45 -3.90
C VAL D 42 45.74 -6.50 -2.88
N LEU D 43 46.24 -7.65 -3.35
CA LEU D 43 46.72 -8.68 -2.42
C LEU D 43 47.92 -8.18 -1.62
N LYS D 44 48.85 -7.49 -2.30
CA LYS D 44 50.02 -6.96 -1.60
C LYS D 44 49.67 -5.80 -0.68
N GLN D 45 48.44 -5.30 -0.74
CA GLN D 45 47.96 -4.30 0.19
C GLN D 45 47.36 -4.95 1.44
N VAL D 46 46.38 -5.83 1.25
CA VAL D 46 45.72 -6.48 2.37
C VAL D 46 46.63 -7.46 3.08
N HIS D 47 47.47 -8.19 2.31
CA HIS D 47 48.36 -9.19 2.88
C HIS D 47 49.71 -9.07 2.19
N PRO D 48 50.64 -8.30 2.78
CA PRO D 48 51.93 -8.06 2.10
C PRO D 48 52.81 -9.30 2.00
N ASP D 49 52.55 -10.34 2.80
CA ASP D 49 53.42 -11.50 2.84
C ASP D 49 52.93 -12.68 2.01
N THR D 50 51.64 -12.69 1.65
CA THR D 50 51.04 -13.85 0.99
C THR D 50 51.23 -13.76 -0.52
N GLY D 51 51.10 -14.91 -1.18
CA GLY D 51 51.13 -14.99 -2.62
C GLY D 51 49.87 -15.65 -3.15
N ILE D 52 49.79 -15.74 -4.47
CA ILE D 52 48.61 -16.27 -5.14
C ILE D 52 49.06 -17.11 -6.34
N SER D 53 48.52 -18.32 -6.45
CA SER D 53 48.92 -19.24 -7.51
C SER D 53 48.34 -18.81 -8.85
N SER D 54 48.88 -19.41 -9.92
CA SER D 54 48.47 -19.03 -11.27
C SER D 54 47.02 -19.37 -11.57
N LYS D 55 46.43 -20.34 -10.86
CA LYS D 55 45.05 -20.72 -11.10
C LYS D 55 44.05 -19.93 -10.27
N ALA D 56 44.46 -19.40 -9.12
CA ALA D 56 43.60 -18.46 -8.41
C ALA D 56 43.52 -17.12 -9.13
N MET D 57 44.54 -16.80 -9.95
CA MET D 57 44.46 -15.63 -10.81
C MET D 57 43.33 -15.76 -11.82
N SER D 58 43.16 -16.95 -12.41
CA SER D 58 42.08 -17.15 -13.37
C SER D 58 40.73 -17.02 -12.70
N ILE D 59 40.61 -17.48 -11.45
CA ILE D 59 39.39 -17.27 -10.69
C ILE D 59 39.19 -15.80 -10.39
N MET D 60 40.27 -15.10 -10.04
CA MET D 60 40.19 -13.68 -9.76
C MET D 60 39.87 -12.88 -11.02
N ASN D 61 40.49 -13.23 -12.15
CA ASN D 61 40.19 -12.55 -13.41
C ASN D 61 38.77 -12.83 -13.87
N SER D 62 38.22 -14.00 -13.50
CA SER D 62 36.85 -14.32 -13.87
C SER D 62 35.83 -13.71 -12.90
N PHE D 63 36.18 -13.63 -11.62
CA PHE D 63 35.27 -13.03 -10.64
C PHE D 63 35.02 -11.56 -10.95
N VAL D 64 36.09 -10.81 -11.22
CA VAL D 64 35.94 -9.39 -11.52
C VAL D 64 35.16 -9.21 -12.82
N ASN D 65 35.45 -10.03 -13.83
CA ASN D 65 34.72 -9.94 -15.09
C ASN D 65 33.25 -10.26 -14.89
N ASP D 66 32.93 -11.25 -14.05
CA ASP D 66 31.54 -11.60 -13.80
C ASP D 66 30.81 -10.49 -13.08
N VAL D 67 31.44 -9.89 -12.06
CA VAL D 67 30.79 -8.79 -11.35
C VAL D 67 30.63 -7.58 -12.27
N PHE D 68 31.60 -7.34 -13.16
CA PHE D 68 31.44 -6.28 -14.15
C PHE D 68 30.23 -6.53 -15.03
N GLU D 69 30.13 -7.74 -15.58
CA GLU D 69 29.03 -8.04 -16.50
C GLU D 69 27.69 -8.11 -15.79
N ARG D 70 27.69 -8.26 -14.46
CA ARG D 70 26.43 -8.19 -13.73
C ARG D 70 26.05 -6.75 -13.41
N ILE D 71 26.96 -5.98 -12.82
CA ILE D 71 26.62 -4.61 -12.43
C ILE D 71 26.34 -3.76 -13.66
N ALA D 72 27.23 -3.82 -14.66
CA ALA D 72 27.01 -3.04 -15.87
C ALA D 72 25.83 -3.57 -16.66
N GLY D 73 25.49 -4.85 -16.49
CA GLY D 73 24.29 -5.38 -17.12
C GLY D 73 23.03 -4.75 -16.54
N GLU D 74 22.97 -4.64 -15.21
CA GLU D 74 21.86 -3.93 -14.59
C GLU D 74 21.87 -2.45 -14.94
N ALA D 75 23.06 -1.84 -14.99
CA ALA D 75 23.12 -0.44 -15.39
C ALA D 75 22.75 -0.22 -16.84
N SER D 76 22.47 -1.27 -17.59
CA SER D 76 21.94 -1.17 -18.95
C SER D 76 20.43 -1.37 -18.99
N ARG D 77 19.88 -2.14 -18.05
CA ARG D 77 18.44 -2.23 -17.91
C ARG D 77 17.90 -0.98 -17.23
N LEU D 78 18.52 -0.58 -16.12
CA LEU D 78 18.39 0.79 -15.66
C LEU D 78 19.00 1.72 -16.70
N ALA D 79 18.47 2.93 -16.78
CA ALA D 79 18.79 3.90 -17.84
C ALA D 79 18.29 3.43 -19.20
N HIS D 80 17.41 2.45 -19.20
CA HIS D 80 16.56 2.09 -20.33
C HIS D 80 15.09 2.07 -19.91
N TYR D 81 14.82 1.60 -18.69
CA TYR D 81 13.49 1.76 -18.11
C TYR D 81 13.17 3.23 -17.87
N ASN D 82 14.18 4.02 -17.53
CA ASN D 82 14.03 5.46 -17.32
C ASN D 82 14.22 6.25 -18.59
N LYS D 83 14.42 5.58 -19.72
CA LYS D 83 14.61 6.22 -21.03
C LYS D 83 15.80 7.16 -21.06
N ARG D 84 16.78 6.94 -20.18
CA ARG D 84 18.06 7.60 -20.29
C ARG D 84 18.88 6.96 -21.41
N SER D 85 20.00 7.61 -21.73
CA SER D 85 20.94 7.09 -22.72
C SER D 85 22.36 7.00 -22.20
N THR D 86 22.61 7.34 -20.93
CA THR D 86 23.96 7.35 -20.38
C THR D 86 24.00 6.56 -19.08
N ILE D 87 25.09 5.83 -18.89
CA ILE D 87 25.36 5.16 -17.63
C ILE D 87 26.13 6.11 -16.71
N THR D 88 25.61 6.33 -15.51
CA THR D 88 26.22 7.25 -14.55
C THR D 88 26.54 6.52 -13.26
N SER D 89 27.28 7.24 -12.40
CA SER D 89 27.60 6.73 -11.08
C SER D 89 26.35 6.42 -10.28
N ARG D 90 25.29 7.20 -10.47
CA ARG D 90 24.04 6.93 -9.76
C ARG D 90 23.43 5.59 -10.17
N GLU D 91 23.44 5.27 -11.45
CA GLU D 91 22.93 3.99 -11.89
C GLU D 91 23.85 2.85 -11.47
N ILE D 92 25.16 3.09 -11.44
CA ILE D 92 26.07 2.04 -10.97
C ILE D 92 25.84 1.77 -9.50
N GLN D 93 25.59 2.83 -8.72
CA GLN D 93 25.27 2.66 -7.30
C GLN D 93 23.94 1.91 -7.12
N THR D 94 22.94 2.23 -7.95
CA THR D 94 21.68 1.50 -7.85
C THR D 94 21.85 0.03 -8.24
N ALA D 95 22.68 -0.26 -9.24
CA ALA D 95 22.95 -1.64 -9.60
C ALA D 95 23.65 -2.38 -8.48
N VAL D 96 24.63 -1.74 -7.84
CA VAL D 96 25.32 -2.35 -6.70
C VAL D 96 24.34 -2.60 -5.55
N ARG D 97 23.45 -1.63 -5.30
CA ARG D 97 22.44 -1.78 -4.26
C ARG D 97 21.53 -2.97 -4.53
N LEU D 98 21.11 -3.13 -5.79
CA LEU D 98 20.23 -4.24 -6.12
C LEU D 98 20.96 -5.57 -6.09
N LEU D 99 22.24 -5.59 -6.45
CA LEU D 99 22.95 -6.83 -6.69
C LEU D 99 23.67 -7.38 -5.46
N LEU D 100 24.29 -6.53 -4.66
CA LEU D 100 25.08 -7.16 -3.60
C LEU D 100 24.25 -7.31 -2.34
N PRO D 101 24.34 -8.48 -1.71
CA PRO D 101 23.46 -8.78 -0.56
C PRO D 101 23.98 -8.19 0.74
N GLY D 102 23.03 -7.66 1.52
CA GLY D 102 23.28 -7.28 2.91
C GLY D 102 24.33 -6.22 3.14
N GLU D 103 25.34 -6.55 3.95
CA GLU D 103 26.36 -5.58 4.35
C GLU D 103 27.39 -5.31 3.27
N LEU D 104 27.50 -6.19 2.28
CA LEU D 104 28.43 -5.93 1.18
C LEU D 104 28.03 -4.70 0.39
N ALA D 105 26.74 -4.39 0.35
CA ALA D 105 26.26 -3.24 -0.43
C ALA D 105 26.73 -1.93 0.18
N LYS D 106 26.66 -1.80 1.50
CA LYS D 106 26.97 -0.52 2.15
C LYS D 106 28.43 -0.13 1.94
N HIS D 107 29.34 -1.08 2.11
CA HIS D 107 30.76 -0.79 1.91
C HIS D 107 31.06 -0.52 0.44
N ALA D 108 30.41 -1.26 -0.46
CA ALA D 108 30.60 -1.05 -1.88
C ALA D 108 30.14 0.35 -2.30
N VAL D 109 28.99 0.78 -1.79
CA VAL D 109 28.50 2.12 -2.09
C VAL D 109 29.42 3.16 -1.47
N SER D 110 29.90 2.91 -0.25
CA SER D 110 30.80 3.85 0.40
C SER D 110 32.11 4.01 -0.36
N GLU D 111 32.70 2.89 -0.81
CA GLU D 111 33.95 2.97 -1.55
C GLU D 111 33.75 3.68 -2.88
N GLY D 112 32.64 3.42 -3.56
CA GLY D 112 32.36 4.13 -4.79
C GLY D 112 32.22 5.63 -4.57
N THR D 113 31.56 6.02 -3.47
CA THR D 113 31.38 7.44 -3.19
C THR D 113 32.72 8.10 -2.88
N LYS D 114 33.59 7.40 -2.15
CA LYS D 114 34.91 7.94 -1.84
C LYS D 114 35.73 8.16 -3.10
N ALA D 115 35.72 7.18 -4.01
CA ALA D 115 36.49 7.30 -5.25
C ALA D 115 35.97 8.46 -6.10
N VAL D 116 34.65 8.60 -6.20
CA VAL D 116 34.07 9.69 -6.98
C VAL D 116 34.47 11.03 -6.39
N THR D 117 34.41 11.14 -5.06
CA THR D 117 34.75 12.41 -4.41
C THR D 117 36.21 12.76 -4.63
N LYS D 118 37.10 11.77 -4.54
CA LYS D 118 38.51 12.03 -4.74
C LYS D 118 38.84 12.37 -6.19
N TYR D 119 38.11 11.82 -7.15
CA TYR D 119 38.34 12.17 -8.54
C TYR D 119 37.84 13.58 -8.83
N THR D 120 36.64 13.90 -8.36
CA THR D 120 36.08 15.23 -8.63
C THR D 120 36.83 16.33 -7.88
N SER D 121 37.40 16.03 -6.72
CA SER D 121 38.01 17.06 -5.89
C SER D 121 39.47 17.34 -6.22
N ALA D 122 40.08 16.62 -7.16
CA ALA D 122 41.50 16.78 -7.43
C ALA D 122 41.78 16.60 -8.91
N LYS D 123 42.93 17.11 -9.34
CA LYS D 123 43.44 16.88 -10.68
C LYS D 123 44.89 16.42 -10.61
N HIS E 40 41.71 -57.17 12.34
CA HIS E 40 40.31 -57.08 12.73
C HIS E 40 39.50 -56.33 11.68
N ARG E 41 38.19 -56.23 11.91
CA ARG E 41 37.27 -55.61 10.97
C ARG E 41 36.56 -54.44 11.65
N TYR E 42 36.67 -53.26 11.06
CA TYR E 42 35.89 -52.12 11.53
C TYR E 42 34.40 -52.37 11.29
N ARG E 43 33.58 -51.82 12.16
CA ARG E 43 32.14 -52.02 12.03
C ARG E 43 31.57 -51.18 10.90
N PRO E 44 30.42 -51.59 10.35
CA PRO E 44 29.75 -50.78 9.31
C PRO E 44 29.53 -49.34 9.72
N GLY E 45 30.11 -48.40 8.95
CA GLY E 45 29.96 -46.98 9.18
C GLY E 45 31.27 -46.27 9.49
N THR E 46 32.19 -46.95 10.17
CA THR E 46 33.45 -46.30 10.53
C THR E 46 34.26 -45.95 9.28
N VAL E 47 34.36 -46.88 8.33
CA VAL E 47 35.07 -46.59 7.09
C VAL E 47 34.36 -45.52 6.29
N ALA E 48 33.02 -45.53 6.31
CA ALA E 48 32.26 -44.53 5.56
C ALA E 48 32.56 -43.12 6.05
N LEU E 49 32.59 -42.93 7.37
CA LEU E 49 32.88 -41.60 7.90
C LEU E 49 34.32 -41.18 7.63
N ARG E 50 35.26 -42.13 7.68
CA ARG E 50 36.63 -41.82 7.31
C ARG E 50 36.73 -41.38 5.85
N GLU E 51 35.99 -42.05 4.96
CA GLU E 51 35.98 -41.64 3.56
C GLU E 51 35.31 -40.28 3.39
N ILE E 52 34.27 -39.99 4.17
CA ILE E 52 33.64 -38.68 4.09
C ILE E 52 34.65 -37.57 4.40
N ARG E 53 35.39 -37.73 5.49
CA ARG E 53 36.34 -36.69 5.87
C ARG E 53 37.49 -36.58 4.87
N ARG E 54 37.95 -37.72 4.34
CA ARG E 54 39.04 -37.68 3.37
C ARG E 54 38.64 -36.95 2.09
N TYR E 55 37.46 -37.28 1.56
CA TYR E 55 37.03 -36.70 0.29
C TYR E 55 36.43 -35.32 0.46
N GLN E 56 36.09 -34.91 1.68
CA GLN E 56 35.66 -33.54 1.92
C GLN E 56 36.84 -32.61 2.15
N LYS E 57 37.95 -33.14 2.66
CA LYS E 57 39.16 -32.33 2.80
C LYS E 57 39.84 -32.09 1.45
N SER E 58 39.87 -33.11 0.60
CA SER E 58 40.63 -33.03 -0.65
C SER E 58 39.88 -32.24 -1.70
N THR E 59 40.64 -31.71 -2.66
CA THR E 59 40.08 -31.00 -3.80
C THR E 59 40.27 -31.77 -5.11
N GLU E 60 40.87 -32.95 -5.06
CA GLU E 60 41.14 -33.70 -6.28
C GLU E 60 39.85 -34.20 -6.92
N LEU E 61 39.90 -34.41 -8.23
CA LEU E 61 38.75 -34.88 -8.98
C LEU E 61 38.57 -36.38 -8.76
N LEU E 62 37.31 -36.82 -8.81
CA LEU E 62 36.94 -38.18 -8.41
C LEU E 62 36.63 -39.10 -9.59
N ILE E 63 35.91 -38.62 -10.60
CA ILE E 63 35.70 -39.40 -11.80
C ILE E 63 36.98 -39.42 -12.63
N ARG E 64 37.37 -40.61 -13.09
CA ARG E 64 38.61 -40.75 -13.83
C ARG E 64 38.55 -39.97 -15.15
N LYS E 65 39.71 -39.44 -15.54
CA LYS E 65 39.76 -38.49 -16.66
C LYS E 65 39.45 -39.17 -17.98
N LEU E 66 40.21 -40.20 -18.34
CA LEU E 66 40.03 -40.81 -19.66
C LEU E 66 38.67 -41.46 -19.87
N PRO E 67 38.13 -42.28 -18.95
CA PRO E 67 36.78 -42.84 -19.19
C PRO E 67 35.66 -41.83 -19.11
N PHE E 68 35.91 -40.63 -18.59
CA PHE E 68 34.94 -39.54 -18.67
C PHE E 68 35.13 -38.73 -19.95
N GLN E 69 36.38 -38.60 -20.41
CA GLN E 69 36.63 -37.96 -21.70
C GLN E 69 35.94 -38.71 -22.83
N ARG E 70 36.00 -40.05 -22.80
CA ARG E 70 35.36 -40.85 -23.84
C ARG E 70 33.84 -40.67 -23.83
N LEU E 71 33.24 -40.50 -22.65
CA LEU E 71 31.81 -40.32 -22.58
C LEU E 71 31.37 -38.99 -23.19
N VAL E 72 32.19 -37.95 -22.99
CA VAL E 72 31.92 -36.66 -23.62
C VAL E 72 31.99 -36.79 -25.14
N ARG E 73 33.03 -37.45 -25.64
CA ARG E 73 33.17 -37.67 -27.08
C ARG E 73 31.97 -38.41 -27.63
N GLU E 74 31.43 -39.36 -26.85
CA GLU E 74 30.31 -40.15 -27.33
C GLU E 74 29.02 -39.35 -27.36
N ILE E 75 28.82 -38.45 -26.40
CA ILE E 75 27.61 -37.63 -26.42
C ILE E 75 27.70 -36.58 -27.52
N ALA E 76 28.88 -35.99 -27.73
CA ALA E 76 29.05 -35.04 -28.82
C ALA E 76 28.98 -35.71 -30.18
N GLN E 77 29.05 -37.03 -30.24
CA GLN E 77 28.94 -37.74 -31.51
C GLN E 77 27.59 -37.49 -32.17
N ASP E 78 26.53 -37.42 -31.37
CA ASP E 78 25.17 -37.27 -31.89
C ASP E 78 24.86 -35.85 -32.36
N PHE E 79 25.74 -34.88 -32.11
CA PHE E 79 25.47 -33.50 -32.46
C PHE E 79 26.32 -32.96 -33.59
N LYS E 80 27.58 -33.37 -33.70
CA LYS E 80 28.38 -33.06 -34.87
C LYS E 80 29.54 -34.04 -34.95
N THR E 81 29.71 -34.66 -36.12
CA THR E 81 30.75 -35.65 -36.32
C THR E 81 32.11 -34.98 -36.48
N ASP E 82 33.16 -35.76 -36.21
CA ASP E 82 34.55 -35.33 -36.36
C ASP E 82 34.88 -34.14 -35.46
N LEU E 83 34.24 -34.07 -34.30
CA LEU E 83 34.52 -33.01 -33.35
C LEU E 83 35.87 -33.21 -32.67
N ARG E 84 36.44 -32.12 -32.19
CA ARG E 84 37.70 -32.15 -31.46
C ARG E 84 37.55 -31.39 -30.15
N PHE E 85 38.04 -31.97 -29.07
CA PHE E 85 37.86 -31.43 -27.73
C PHE E 85 39.21 -30.99 -27.15
N GLN E 86 39.25 -29.77 -26.62
CA GLN E 86 40.40 -29.32 -25.85
C GLN E 86 40.43 -30.00 -24.49
N SER E 87 41.65 -30.12 -23.94
CA SER E 87 41.80 -30.66 -22.59
C SER E 87 41.13 -29.76 -21.57
N SER E 88 41.27 -28.45 -21.72
CA SER E 88 40.67 -27.54 -20.74
C SER E 88 39.19 -27.44 -20.89
N ALA E 89 38.59 -28.06 -21.91
CA ALA E 89 37.15 -28.09 -22.08
C ALA E 89 36.57 -29.45 -21.77
N VAL E 90 37.38 -30.50 -21.82
CA VAL E 90 36.99 -31.74 -21.19
C VAL E 90 37.09 -31.63 -19.68
N MET E 91 38.11 -30.92 -19.18
CA MET E 91 38.24 -30.70 -17.75
C MET E 91 37.20 -29.69 -17.24
N ALA E 92 36.81 -28.71 -18.06
CA ALA E 92 35.73 -27.79 -17.68
C ALA E 92 34.40 -28.50 -17.56
N LEU E 93 34.19 -29.54 -18.37
CA LEU E 93 33.01 -30.36 -18.22
C LEU E 93 33.12 -31.30 -17.03
N GLN E 94 34.31 -31.81 -16.74
CA GLN E 94 34.48 -32.68 -15.57
C GLN E 94 34.20 -31.94 -14.27
N GLU E 95 34.78 -30.75 -14.09
CA GLU E 95 34.59 -30.05 -12.84
C GLU E 95 33.20 -29.45 -12.73
N ALA E 96 32.40 -29.50 -13.80
CA ALA E 96 31.00 -29.10 -13.74
C ALA E 96 30.07 -30.29 -13.58
N SER E 97 30.53 -31.49 -13.95
CA SER E 97 29.79 -32.71 -13.64
C SER E 97 29.94 -33.13 -12.18
N GLU E 98 31.17 -33.18 -11.67
CA GLU E 98 31.40 -33.65 -10.31
C GLU E 98 30.75 -32.73 -9.28
N ALA E 99 30.92 -31.42 -9.46
CA ALA E 99 30.32 -30.48 -8.51
C ALA E 99 28.81 -30.40 -8.62
N TYR E 100 28.21 -31.01 -9.64
CA TYR E 100 26.76 -31.08 -9.73
C TYR E 100 26.21 -32.33 -9.06
N LEU E 101 26.85 -33.47 -9.26
CA LEU E 101 26.45 -34.68 -8.55
C LEU E 101 26.67 -34.54 -7.05
N VAL E 102 27.77 -33.88 -6.65
CA VAL E 102 28.08 -33.72 -5.23
C VAL E 102 27.02 -32.92 -4.52
N ALA E 103 26.54 -31.83 -5.12
CA ALA E 103 25.48 -31.05 -4.51
C ALA E 103 24.14 -31.77 -4.64
N LEU E 104 23.90 -32.42 -5.78
CA LEU E 104 22.72 -33.28 -5.91
C LEU E 104 22.74 -34.38 -4.87
N PHE E 105 23.91 -34.94 -4.59
CA PHE E 105 23.98 -36.00 -3.60
C PHE E 105 23.78 -35.46 -2.20
N GLU E 106 24.16 -34.20 -1.96
CA GLU E 106 23.85 -33.54 -0.70
C GLU E 106 22.34 -33.36 -0.52
N ASP E 107 21.66 -32.91 -1.58
CA ASP E 107 20.20 -32.77 -1.52
C ASP E 107 19.54 -34.13 -1.34
N THR E 108 20.08 -35.16 -1.99
CA THR E 108 19.56 -36.51 -1.85
C THR E 108 19.73 -37.01 -0.41
N ASN E 109 20.88 -36.73 0.21
CA ASN E 109 21.09 -37.09 1.60
C ASN E 109 20.12 -36.35 2.52
N LEU E 110 19.88 -35.07 2.24
CA LEU E 110 18.90 -34.33 3.04
C LEU E 110 17.52 -34.94 2.91
N ALA E 111 17.14 -35.37 1.70
CA ALA E 111 15.84 -35.98 1.51
C ALA E 111 15.74 -37.36 2.13
N ALA E 112 16.85 -38.11 2.16
CA ALA E 112 16.83 -39.44 2.76
C ALA E 112 16.79 -39.38 4.28
N ILE E 113 17.50 -38.42 4.88
CA ILE E 113 17.40 -38.20 6.32
C ILE E 113 15.98 -37.77 6.68
N HIS E 114 15.31 -37.03 5.78
CA HIS E 114 13.94 -36.62 6.02
C HIS E 114 13.02 -37.82 6.23
N ALA E 115 13.13 -38.83 5.38
CA ALA E 115 12.31 -40.03 5.50
C ALA E 115 12.76 -40.94 6.63
N LYS E 116 13.64 -40.45 7.51
CA LYS E 116 14.20 -41.24 8.60
C LYS E 116 14.93 -42.46 8.07
N ARG E 117 15.85 -42.22 7.14
CA ARG E 117 16.70 -43.25 6.58
C ARG E 117 18.14 -42.76 6.53
N VAL E 118 19.06 -43.71 6.47
CA VAL E 118 20.47 -43.41 6.32
C VAL E 118 20.95 -43.63 4.89
N THR E 119 20.29 -44.49 4.11
CA THR E 119 20.73 -44.86 2.78
C THR E 119 19.94 -44.10 1.73
N ILE E 120 20.65 -43.50 0.78
CA ILE E 120 19.99 -42.79 -0.31
C ILE E 120 19.44 -43.80 -1.30
N MET E 121 18.35 -43.42 -1.96
CA MET E 121 17.64 -44.32 -2.87
C MET E 121 17.20 -43.57 -4.12
N PRO E 122 16.82 -44.29 -5.19
CA PRO E 122 16.39 -43.58 -6.41
C PRO E 122 15.22 -42.63 -6.17
N LYS E 123 14.31 -42.97 -5.27
CA LYS E 123 13.21 -42.09 -4.92
C LYS E 123 13.66 -40.81 -4.24
N ASP E 124 14.89 -40.77 -3.73
CA ASP E 124 15.44 -39.55 -3.16
C ASP E 124 16.04 -38.65 -4.22
N ILE E 125 16.74 -39.23 -5.21
CA ILE E 125 17.29 -38.45 -6.30
C ILE E 125 16.17 -37.82 -7.12
N GLN E 126 15.12 -38.59 -7.40
CA GLN E 126 14.04 -38.07 -8.23
C GLN E 126 13.25 -36.97 -7.52
N LEU E 127 13.12 -37.03 -6.20
CA LEU E 127 12.43 -35.96 -5.49
C LEU E 127 13.23 -34.68 -5.49
N ALA E 128 14.54 -34.78 -5.26
CA ALA E 128 15.40 -33.60 -5.30
C ALA E 128 15.36 -32.96 -6.69
N ARG E 129 15.40 -33.79 -7.74
CA ARG E 129 15.41 -33.25 -9.10
C ARG E 129 14.04 -32.74 -9.53
N ARG E 130 12.96 -33.21 -8.89
CA ARG E 130 11.65 -32.67 -9.16
C ARG E 130 11.42 -31.36 -8.42
N ILE E 131 12.05 -31.17 -7.27
CA ILE E 131 11.88 -29.93 -6.52
C ILE E 131 12.78 -28.84 -7.06
N ARG E 132 13.98 -29.20 -7.53
CA ARG E 132 14.86 -28.22 -8.14
C ARG E 132 14.30 -27.66 -9.44
N GLY E 133 13.36 -28.37 -10.08
CA GLY E 133 12.78 -27.93 -11.33
C GLY E 133 13.35 -28.59 -12.56
N GLU E 134 14.29 -29.52 -12.40
CA GLU E 134 14.86 -30.21 -13.55
C GLU E 134 13.94 -31.30 -14.10
N ARG E 135 12.88 -31.64 -13.38
CA ARG E 135 11.90 -32.60 -13.84
C ARG E 135 10.56 -32.26 -13.20
N ALA E 136 9.48 -32.45 -13.95
CA ALA E 136 8.14 -32.17 -13.44
C ALA E 136 7.21 -33.35 -13.69
N ASN F 26 29.91 -46.54 -23.07
CA ASN F 26 31.02 -45.75 -22.54
C ASN F 26 30.60 -45.03 -21.27
N ILE F 27 29.30 -45.04 -20.98
CA ILE F 27 28.81 -44.42 -19.76
C ILE F 27 29.15 -45.26 -18.54
N GLN F 28 29.30 -46.57 -18.72
CA GLN F 28 29.66 -47.44 -17.61
C GLN F 28 31.12 -47.32 -17.23
N GLY F 29 31.85 -46.39 -17.84
CA GLY F 29 33.16 -46.02 -17.36
C GLY F 29 33.13 -45.11 -16.17
N ILE F 30 31.93 -44.64 -15.80
CA ILE F 30 31.71 -43.97 -14.53
C ILE F 30 31.52 -45.07 -13.51
N THR F 31 32.61 -45.54 -12.91
CA THR F 31 32.60 -46.77 -12.16
C THR F 31 31.79 -46.62 -10.87
N LYS F 32 31.37 -47.76 -10.33
CA LYS F 32 30.65 -47.76 -9.06
C LYS F 32 31.44 -47.09 -7.94
N PRO F 33 32.72 -47.38 -7.72
CA PRO F 33 33.48 -46.59 -6.74
C PRO F 33 33.53 -45.10 -7.04
N ALA F 34 33.53 -44.73 -8.33
CA ALA F 34 33.55 -43.31 -8.67
C ALA F 34 32.29 -42.62 -8.17
N ILE F 35 31.13 -43.26 -8.32
CA ILE F 35 29.89 -42.70 -7.79
C ILE F 35 29.94 -42.67 -6.27
N ARG F 36 30.54 -43.69 -5.66
CA ARG F 36 30.65 -43.73 -4.20
C ARG F 36 31.48 -42.56 -3.69
N ARG F 37 32.61 -42.29 -4.33
CA ARG F 37 33.46 -41.19 -3.90
C ARG F 37 32.72 -39.85 -4.02
N LEU F 38 31.94 -39.68 -5.09
CA LEU F 38 31.15 -38.46 -5.24
C LEU F 38 30.14 -38.31 -4.12
N ALA F 39 29.52 -39.42 -3.72
CA ALA F 39 28.56 -39.37 -2.62
C ALA F 39 29.24 -39.08 -1.29
N ARG F 40 30.44 -39.61 -1.08
CA ARG F 40 31.16 -39.34 0.16
C ARG F 40 31.47 -37.86 0.29
N ARG F 41 31.89 -37.23 -0.81
CA ARG F 41 32.11 -35.79 -0.79
C ARG F 41 30.82 -35.04 -0.50
N GLY F 42 29.68 -35.60 -0.91
CA GLY F 42 28.38 -35.01 -0.66
C GLY F 42 27.82 -35.30 0.72
N GLY F 43 28.43 -36.20 1.48
CA GLY F 43 27.99 -36.50 2.82
C GLY F 43 27.15 -37.75 2.99
N VAL F 44 27.01 -38.56 1.94
CA VAL F 44 26.19 -39.76 2.03
C VAL F 44 26.95 -40.85 2.78
N LYS F 45 26.29 -41.49 3.74
CA LYS F 45 26.87 -42.56 4.53
C LYS F 45 26.58 -43.95 3.98
N ARG F 46 25.37 -44.17 3.47
CA ARG F 46 24.98 -45.47 2.94
C ARG F 46 24.35 -45.29 1.57
N ILE F 47 24.67 -46.19 0.65
CA ILE F 47 24.26 -46.08 -0.74
C ILE F 47 23.49 -47.34 -1.12
N SER F 48 22.29 -47.15 -1.68
CA SER F 48 21.51 -48.26 -2.20
C SER F 48 22.08 -48.72 -3.55
N GLY F 49 21.80 -49.99 -3.88
CA GLY F 49 22.38 -50.59 -5.07
C GLY F 49 21.84 -50.07 -6.39
N LEU F 50 20.78 -49.26 -6.37
CA LEU F 50 20.20 -48.70 -7.58
C LEU F 50 20.51 -47.22 -7.78
N ILE F 51 21.25 -46.61 -6.85
CA ILE F 51 21.63 -45.21 -7.02
C ILE F 51 22.51 -45.03 -8.24
N TYR F 52 23.33 -46.04 -8.55
CA TYR F 52 24.35 -45.88 -9.59
C TYR F 52 23.72 -45.64 -10.96
N GLU F 53 22.68 -46.40 -11.31
CA GLU F 53 22.07 -46.22 -12.62
C GLU F 53 21.35 -44.88 -12.72
N GLU F 54 20.69 -44.45 -11.64
CA GLU F 54 20.07 -43.13 -11.63
C GLU F 54 21.14 -42.04 -11.73
N THR F 55 22.26 -42.22 -11.04
CA THR F 55 23.35 -41.24 -11.15
C THR F 55 23.88 -41.16 -12.57
N ARG F 56 23.98 -42.31 -13.24
CA ARG F 56 24.47 -42.33 -14.62
C ARG F 56 23.50 -41.62 -15.57
N GLY F 57 22.20 -41.84 -15.39
CA GLY F 57 21.22 -41.17 -16.23
C GLY F 57 21.21 -39.67 -16.03
N VAL F 58 21.31 -39.23 -14.77
CA VAL F 58 21.33 -37.80 -14.49
C VAL F 58 22.58 -37.16 -15.07
N LEU F 59 23.72 -37.87 -15.02
CA LEU F 59 24.94 -37.34 -15.62
C LEU F 59 24.84 -37.31 -17.14
N LYS F 60 24.23 -38.33 -17.75
CA LYS F 60 24.05 -38.30 -19.20
C LYS F 60 23.15 -37.15 -19.61
N VAL F 61 22.08 -36.90 -18.86
CA VAL F 61 21.22 -35.77 -19.19
C VAL F 61 21.96 -34.46 -19.04
N PHE F 62 22.68 -34.29 -17.92
CA PHE F 62 23.39 -33.04 -17.67
C PHE F 62 24.44 -32.78 -18.75
N LEU F 63 25.12 -33.83 -19.21
CA LEU F 63 26.10 -33.63 -20.28
C LEU F 63 25.43 -33.35 -21.60
N GLU F 64 24.30 -34.03 -21.90
CA GLU F 64 23.58 -33.76 -23.13
C GLU F 64 23.04 -32.34 -23.18
N ASN F 65 22.85 -31.70 -22.02
CA ASN F 65 22.47 -30.30 -22.02
C ASN F 65 23.66 -29.38 -22.28
N VAL F 66 24.75 -29.58 -21.54
CA VAL F 66 25.89 -28.67 -21.66
C VAL F 66 26.60 -28.84 -23.00
N ILE F 67 26.80 -30.08 -23.44
CA ILE F 67 27.57 -30.28 -24.66
C ILE F 67 26.79 -29.82 -25.90
N ARG F 68 25.45 -29.85 -25.84
CA ARG F 68 24.66 -29.33 -26.95
C ARG F 68 24.90 -27.84 -27.15
N ASP F 69 24.94 -27.08 -26.05
CA ASP F 69 25.25 -25.66 -26.15
C ASP F 69 26.67 -25.43 -26.64
N ALA F 70 27.62 -26.24 -26.16
CA ALA F 70 29.02 -26.12 -26.59
C ALA F 70 29.14 -26.30 -28.10
N VAL F 71 28.48 -27.32 -28.65
CA VAL F 71 28.53 -27.54 -30.09
C VAL F 71 27.83 -26.42 -30.84
N THR F 72 26.75 -25.87 -30.27
CA THR F 72 26.06 -24.75 -30.91
C THR F 72 26.98 -23.53 -31.02
N TYR F 73 27.73 -23.23 -29.95
CA TYR F 73 28.69 -22.14 -30.02
C TYR F 73 29.80 -22.44 -31.02
N THR F 74 30.27 -23.69 -31.05
CA THR F 74 31.32 -24.07 -31.99
C THR F 74 30.84 -23.96 -33.43
N GLU F 75 29.60 -24.38 -33.70
CA GLU F 75 29.06 -24.26 -35.06
C GLU F 75 28.92 -22.80 -35.48
N HIS F 76 28.48 -21.94 -34.56
CA HIS F 76 28.28 -20.54 -34.91
C HIS F 76 29.60 -19.88 -35.27
N ALA F 77 30.68 -20.22 -34.56
CA ALA F 77 31.98 -19.63 -34.80
C ALA F 77 32.65 -20.15 -36.08
N LYS F 78 32.03 -21.09 -36.79
CA LYS F 78 32.63 -21.76 -37.94
C LYS F 78 33.95 -22.42 -37.54
N ARG F 79 33.85 -23.25 -36.50
CA ARG F 79 35.01 -23.91 -35.91
C ARG F 79 34.65 -25.37 -35.67
N LYS F 80 35.68 -26.22 -35.57
CA LYS F 80 35.51 -27.64 -35.27
C LYS F 80 35.93 -28.03 -33.86
N THR F 81 36.89 -27.31 -33.28
CA THR F 81 37.42 -27.68 -31.96
C THR F 81 36.58 -27.02 -30.86
N VAL F 82 36.01 -27.83 -29.96
CA VAL F 82 35.19 -27.31 -28.88
C VAL F 82 36.11 -26.84 -27.75
N THR F 83 35.97 -25.58 -27.36
CA THR F 83 36.91 -24.94 -26.45
C THR F 83 36.33 -24.76 -25.04
N ALA F 84 37.25 -24.47 -24.10
CA ALA F 84 36.85 -24.20 -22.73
C ALA F 84 36.02 -22.93 -22.64
N MET F 85 36.31 -21.95 -23.50
CA MET F 85 35.54 -20.71 -23.49
C MET F 85 34.09 -21.00 -23.87
N ASP F 86 33.91 -21.88 -24.87
CA ASP F 86 32.59 -22.30 -25.29
C ASP F 86 31.89 -23.11 -24.20
N VAL F 87 32.63 -23.97 -23.51
CA VAL F 87 32.00 -24.77 -22.45
C VAL F 87 31.59 -23.90 -21.26
N VAL F 88 32.42 -22.91 -20.91
CA VAL F 88 32.03 -22.03 -19.83
C VAL F 88 30.88 -21.13 -20.26
N TYR F 89 30.78 -20.76 -21.54
CA TYR F 89 29.55 -20.13 -21.99
C TYR F 89 28.35 -21.06 -21.90
N ALA F 90 28.56 -22.35 -22.16
CA ALA F 90 27.45 -23.31 -22.08
C ALA F 90 26.92 -23.40 -20.66
N LEU F 91 27.82 -23.39 -19.67
CA LEU F 91 27.39 -23.37 -18.28
C LEU F 91 26.85 -22.01 -17.87
N LYS F 92 27.39 -20.93 -18.45
CA LYS F 92 26.92 -19.59 -18.13
C LYS F 92 25.50 -19.33 -18.63
N ARG F 93 25.07 -20.02 -19.68
CA ARG F 93 23.70 -19.82 -20.12
C ARG F 93 22.70 -20.50 -19.19
N GLN F 94 23.13 -21.54 -18.47
CA GLN F 94 22.25 -22.29 -17.57
C GLN F 94 22.50 -21.94 -16.11
N GLY F 95 23.41 -21.00 -15.84
CA GLY F 95 23.57 -20.51 -14.48
C GLY F 95 24.36 -21.43 -13.57
N ARG F 96 25.41 -22.05 -14.09
CA ARG F 96 26.37 -22.84 -13.31
C ARG F 96 27.76 -22.27 -13.51
N THR F 97 27.89 -20.96 -13.30
CA THR F 97 29.09 -20.24 -13.69
C THR F 97 30.33 -20.85 -13.06
N LEU F 98 31.32 -21.12 -13.90
CA LEU F 98 32.51 -21.86 -13.50
C LEU F 98 33.71 -20.93 -13.63
N TYR F 99 34.47 -20.81 -12.55
CA TYR F 99 35.66 -19.98 -12.51
C TYR F 99 36.93 -20.81 -12.55
N GLY F 100 37.89 -20.39 -13.38
CA GLY F 100 39.16 -21.07 -13.46
C GLY F 100 39.63 -21.26 -14.88
N PHE F 101 38.76 -20.99 -15.85
CA PHE F 101 39.04 -21.21 -17.26
C PHE F 101 38.97 -19.97 -18.13
N GLY F 102 38.23 -18.93 -17.73
CA GLY F 102 38.25 -17.72 -18.51
C GLY F 102 36.92 -16.99 -18.65
N GLY F 103 35.82 -17.72 -18.49
CA GLY F 103 34.50 -17.11 -18.57
C GLY F 103 34.19 -16.23 -17.38
N ALA G 15 2.91 -3.83 -50.67
CA ALA G 15 3.95 -3.78 -51.67
C ALA G 15 5.14 -2.95 -51.21
N LYS G 16 4.84 -1.86 -50.48
CA LYS G 16 5.86 -0.96 -49.95
C LYS G 16 6.08 -1.15 -48.46
N THR G 17 5.90 -2.36 -47.95
CA THR G 17 6.17 -2.67 -46.55
C THR G 17 6.99 -3.95 -46.48
N ARG G 18 7.95 -3.98 -45.56
CA ARG G 18 8.82 -5.16 -45.46
C ARG G 18 8.06 -6.39 -44.98
N SER G 19 6.97 -6.19 -44.24
CA SER G 19 6.15 -7.33 -43.83
C SER G 19 5.53 -8.02 -45.04
N SER G 20 5.09 -7.25 -46.03
CA SER G 20 4.49 -7.84 -47.23
C SER G 20 5.51 -8.51 -48.13
N ARG G 21 6.79 -8.10 -48.06
CA ARG G 21 7.82 -8.76 -48.84
C ARG G 21 8.21 -10.10 -48.24
N ALA G 22 8.20 -10.20 -46.91
CA ALA G 22 8.57 -11.43 -46.23
C ALA G 22 7.42 -12.42 -46.13
N GLY G 23 6.19 -12.00 -46.44
CA GLY G 23 5.04 -12.85 -46.16
C GLY G 23 4.71 -12.90 -44.68
N LEU G 24 5.07 -11.86 -43.94
CA LEU G 24 5.00 -11.86 -42.49
C LEU G 24 3.89 -10.91 -42.03
N GLN G 25 3.30 -11.24 -40.89
CA GLN G 25 2.29 -10.39 -40.28
C GLN G 25 2.85 -9.49 -39.21
N PHE G 26 3.92 -9.92 -38.53
CA PHE G 26 4.57 -9.12 -37.51
C PHE G 26 5.44 -8.05 -38.15
N PRO G 27 5.73 -6.97 -37.41
CA PRO G 27 6.43 -5.84 -38.02
C PRO G 27 7.93 -6.04 -38.14
N VAL G 28 8.43 -6.22 -39.38
CA VAL G 28 9.87 -6.27 -39.59
C VAL G 28 10.51 -4.95 -39.17
N GLY G 29 9.89 -3.83 -39.55
CA GLY G 29 10.51 -2.53 -39.30
C GLY G 29 10.63 -2.19 -37.82
N ARG G 30 9.58 -2.47 -37.04
CA ARG G 30 9.62 -2.13 -35.62
C ARG G 30 10.67 -2.95 -34.89
N VAL G 31 10.80 -4.23 -35.24
CA VAL G 31 11.81 -5.08 -34.62
C VAL G 31 13.20 -4.55 -34.94
N HIS G 32 13.39 -4.04 -36.15
CA HIS G 32 14.64 -3.38 -36.52
C HIS G 32 14.91 -2.18 -35.63
N ARG G 33 13.87 -1.38 -35.37
CA ARG G 33 14.01 -0.21 -34.51
C ARG G 33 14.40 -0.62 -33.10
N LEU G 34 13.74 -1.65 -32.57
CA LEU G 34 14.01 -2.08 -31.20
C LEU G 34 15.42 -2.67 -31.08
N LEU G 35 15.87 -3.40 -32.10
CA LEU G 35 17.22 -3.94 -32.07
C LEU G 35 18.26 -2.83 -32.11
N ARG G 36 18.06 -1.83 -32.98
CA ARG G 36 19.02 -0.72 -33.06
C ARG G 36 18.99 0.12 -31.80
N LYS G 37 17.80 0.49 -31.34
CA LYS G 37 17.65 1.40 -30.20
C LYS G 37 17.69 0.67 -28.86
N GLY G 38 17.88 -0.63 -28.84
CA GLY G 38 18.01 -1.40 -27.63
C GLY G 38 19.43 -1.65 -27.19
N ASN G 39 20.42 -1.21 -27.96
CA ASN G 39 21.83 -1.35 -27.64
C ASN G 39 22.19 -2.82 -27.39
N TYR G 40 22.01 -3.62 -28.44
CA TYR G 40 22.51 -4.99 -28.49
C TYR G 40 23.83 -5.09 -29.24
N ALA G 41 24.01 -4.29 -30.29
CA ALA G 41 25.25 -4.26 -31.05
C ALA G 41 25.29 -2.97 -31.85
N GLU G 42 26.45 -2.69 -32.43
CA GLU G 42 26.60 -1.48 -33.23
C GLU G 42 25.90 -1.57 -34.57
N ARG G 43 25.65 -2.78 -35.07
CA ARG G 43 24.98 -2.96 -36.35
C ARG G 43 23.91 -4.03 -36.23
N VAL G 44 22.82 -3.86 -36.96
CA VAL G 44 21.76 -4.84 -37.09
C VAL G 44 21.60 -5.15 -38.58
N GLY G 45 21.86 -6.40 -38.96
CA GLY G 45 21.74 -6.78 -40.36
C GLY G 45 20.31 -6.63 -40.87
N ALA G 46 20.21 -6.47 -42.18
CA ALA G 46 18.89 -6.28 -42.79
C ALA G 46 18.04 -7.53 -42.73
N GLY G 47 18.64 -8.69 -42.43
CA GLY G 47 17.88 -9.92 -42.37
C GLY G 47 17.54 -10.36 -40.97
N ALA G 48 18.16 -9.73 -39.97
CA ALA G 48 17.84 -10.05 -38.58
C ALA G 48 16.39 -9.71 -38.22
N PRO G 49 15.87 -8.51 -38.53
CA PRO G 49 14.46 -8.24 -38.19
C PRO G 49 13.49 -9.20 -38.85
N VAL G 50 13.75 -9.60 -40.09
CA VAL G 50 12.88 -10.56 -40.76
C VAL G 50 12.90 -11.90 -40.02
N TYR G 51 14.10 -12.33 -39.62
CA TYR G 51 14.22 -13.61 -38.93
C TYR G 51 13.53 -13.58 -37.56
N LEU G 52 13.77 -12.52 -36.80
CA LEU G 52 13.22 -12.44 -35.45
C LEU G 52 11.70 -12.34 -35.47
N ALA G 53 11.14 -11.52 -36.37
CA ALA G 53 9.69 -11.38 -36.43
C ALA G 53 9.03 -12.70 -36.84
N ALA G 54 9.67 -13.44 -37.74
CA ALA G 54 9.13 -14.74 -38.14
C ALA G 54 9.07 -15.70 -36.95
N VAL G 55 10.10 -15.67 -36.10
CA VAL G 55 10.10 -16.49 -34.89
C VAL G 55 9.01 -16.04 -33.93
N LEU G 56 8.86 -14.72 -33.77
CA LEU G 56 7.84 -14.20 -32.85
C LEU G 56 6.44 -14.64 -33.27
N GLU G 57 6.15 -14.59 -34.58
CA GLU G 57 4.81 -14.94 -35.05
C GLU G 57 4.51 -16.42 -34.84
N TYR G 58 5.49 -17.29 -35.13
CA TYR G 58 5.28 -18.72 -34.95
C TYR G 58 5.01 -19.07 -33.49
N LEU G 59 5.80 -18.51 -32.57
CA LEU G 59 5.58 -18.81 -31.16
C LEU G 59 4.21 -18.33 -30.71
N THR G 60 3.77 -17.16 -31.18
CA THR G 60 2.43 -16.69 -30.84
C THR G 60 1.37 -17.57 -31.48
N ALA G 61 1.60 -18.00 -32.72
CA ALA G 61 0.62 -18.82 -33.42
C ALA G 61 0.40 -20.15 -32.70
N GLU G 62 1.48 -20.76 -32.22
CA GLU G 62 1.35 -22.02 -31.49
C GLU G 62 0.58 -21.84 -30.19
N ILE G 63 0.93 -20.82 -29.41
CA ILE G 63 0.25 -20.58 -28.15
C ILE G 63 -1.20 -20.19 -28.38
N LEU G 64 -1.45 -19.34 -29.38
CA LEU G 64 -2.84 -18.98 -29.68
C LEU G 64 -3.64 -20.18 -30.15
N GLU G 65 -3.02 -21.10 -30.90
CA GLU G 65 -3.73 -22.29 -31.34
C GLU G 65 -4.09 -23.18 -30.16
N LEU G 66 -3.13 -23.42 -29.25
CA LEU G 66 -3.42 -24.24 -28.09
C LEU G 66 -4.45 -23.59 -27.17
N ALA G 67 -4.39 -22.27 -27.02
CA ALA G 67 -5.35 -21.58 -26.16
C ALA G 67 -6.74 -21.53 -26.78
N GLY G 68 -6.83 -21.42 -28.11
CA GLY G 68 -8.13 -21.52 -28.75
C GLY G 68 -8.69 -22.92 -28.69
N ASN G 69 -7.83 -23.94 -28.76
CA ASN G 69 -8.30 -25.30 -28.53
C ASN G 69 -8.88 -25.46 -27.13
N ALA G 70 -8.19 -24.89 -26.13
CA ALA G 70 -8.71 -24.93 -24.77
C ALA G 70 -10.01 -24.15 -24.63
N ALA G 71 -10.13 -23.03 -25.36
CA ALA G 71 -11.38 -22.26 -25.35
C ALA G 71 -12.53 -23.07 -25.94
N ARG G 72 -12.28 -23.77 -27.05
CA ARG G 72 -13.31 -24.64 -27.60
C ARG G 72 -13.66 -25.77 -26.64
N ASP G 73 -12.67 -26.31 -25.94
CA ASP G 73 -12.92 -27.37 -24.97
C ASP G 73 -13.68 -26.87 -23.75
N ASN G 74 -13.58 -25.59 -23.44
CA ASN G 74 -14.28 -25.01 -22.31
C ASN G 74 -15.58 -24.35 -22.78
N LYS G 75 -15.85 -24.41 -24.08
CA LYS G 75 -17.09 -23.92 -24.69
C LYS G 75 -17.26 -22.42 -24.50
N LYS G 76 -16.19 -21.68 -24.74
CA LYS G 76 -16.23 -20.23 -24.81
C LYS G 76 -15.76 -19.79 -26.19
N THR G 77 -15.63 -18.47 -26.35
CA THR G 77 -15.22 -17.89 -27.62
C THR G 77 -14.00 -16.99 -27.47
N ARG G 78 -13.67 -16.54 -26.26
CA ARG G 78 -12.60 -15.59 -26.04
C ARG G 78 -11.49 -16.27 -25.26
N ILE G 79 -10.24 -16.04 -25.67
CA ILE G 79 -9.09 -16.60 -24.96
C ILE G 79 -8.85 -15.77 -23.70
N ILE G 80 -9.08 -16.37 -22.54
CA ILE G 80 -8.86 -15.72 -21.25
C ILE G 80 -7.56 -16.25 -20.66
N PRO G 81 -7.01 -15.64 -19.60
CA PRO G 81 -5.69 -16.06 -19.10
C PRO G 81 -5.57 -17.54 -18.76
N ARG G 82 -6.62 -18.19 -18.25
CA ARG G 82 -6.47 -19.61 -17.94
C ARG G 82 -6.44 -20.46 -19.19
N HIS G 83 -6.99 -19.96 -20.31
CA HIS G 83 -6.82 -20.67 -21.56
C HIS G 83 -5.39 -20.58 -22.07
N LEU G 84 -4.66 -19.52 -21.73
CA LEU G 84 -3.23 -19.47 -22.05
C LEU G 84 -2.43 -20.35 -21.10
N GLN G 85 -2.78 -20.34 -19.81
CA GLN G 85 -2.08 -21.16 -18.83
C GLN G 85 -2.25 -22.65 -19.13
N LEU G 86 -3.49 -23.06 -19.44
CA LEU G 86 -3.74 -24.46 -19.78
C LEU G 86 -3.03 -24.87 -21.05
N ALA G 87 -2.67 -23.91 -21.91
CA ALA G 87 -1.94 -24.22 -23.13
C ALA G 87 -0.45 -24.39 -22.85
N VAL G 88 0.13 -23.46 -22.08
CA VAL G 88 1.58 -23.47 -21.85
C VAL G 88 1.99 -24.70 -21.04
N ARG G 89 1.26 -25.01 -19.97
CA ARG G 89 1.71 -26.07 -19.07
C ARG G 89 1.49 -27.46 -19.64
N ASN G 90 0.46 -27.63 -20.48
CA ASN G 90 0.23 -28.93 -21.10
C ASN G 90 1.35 -29.30 -22.07
N ASP G 91 1.79 -28.35 -22.88
CA ASP G 91 2.84 -28.63 -23.85
C ASP G 91 4.18 -28.79 -23.13
N GLU G 92 4.87 -29.89 -23.42
CA GLU G 92 6.13 -30.18 -22.74
C GLU G 92 7.20 -29.15 -23.08
N GLU G 93 7.13 -28.54 -24.27
CA GLU G 93 8.18 -27.65 -24.72
C GLU G 93 7.89 -26.20 -24.35
N LEU G 94 6.63 -25.76 -24.49
CA LEU G 94 6.26 -24.42 -24.06
C LEU G 94 6.42 -24.25 -22.55
N ASN G 95 6.11 -25.30 -21.79
CA ASN G 95 6.30 -25.26 -20.35
C ASN G 95 7.77 -25.17 -19.98
N LYS G 96 8.65 -25.77 -20.78
CA LYS G 96 10.08 -25.64 -20.54
C LYS G 96 10.59 -24.25 -20.91
N LEU G 97 10.03 -23.63 -21.94
CA LEU G 97 10.42 -22.27 -22.27
C LEU G 97 9.94 -21.28 -21.22
N LEU G 98 8.71 -21.46 -20.74
CA LEU G 98 8.09 -20.56 -19.77
C LEU G 98 8.02 -21.17 -18.37
N GLY G 99 9.07 -21.91 -17.97
CA GLY G 99 9.03 -22.62 -16.70
C GLY G 99 9.04 -21.72 -15.49
N ARG G 100 9.82 -20.64 -15.53
CA ARG G 100 9.86 -19.66 -14.44
C ARG G 100 8.73 -18.64 -14.55
N VAL G 101 8.03 -18.65 -15.67
CA VAL G 101 6.95 -17.71 -15.89
C VAL G 101 5.77 -17.97 -14.97
N THR G 102 5.27 -16.92 -14.33
CA THR G 102 3.98 -16.88 -13.66
C THR G 102 3.00 -16.07 -14.49
N ILE G 103 1.86 -16.69 -14.81
CA ILE G 103 0.81 -16.06 -15.60
C ILE G 103 -0.27 -15.56 -14.65
N ALA G 104 -0.54 -14.26 -14.69
CA ALA G 104 -1.57 -13.68 -13.84
C ALA G 104 -2.94 -14.25 -14.19
N GLN G 105 -3.71 -14.55 -13.15
CA GLN G 105 -5.06 -15.12 -13.29
C GLN G 105 -5.03 -16.45 -14.04
N GLY G 106 -3.95 -17.21 -13.89
CA GLY G 106 -3.79 -18.41 -14.68
C GLY G 106 -4.16 -19.70 -13.96
N GLY G 107 -4.16 -19.67 -12.64
CA GLY G 107 -4.51 -20.85 -11.89
C GLY G 107 -3.46 -21.95 -12.02
N VAL G 108 -3.85 -23.16 -11.62
CA VAL G 108 -2.98 -24.33 -11.73
C VAL G 108 -3.79 -25.48 -12.32
N LEU G 109 -3.06 -26.42 -12.91
CA LEU G 109 -3.68 -27.56 -13.56
C LEU G 109 -4.19 -28.57 -12.52
N PRO G 110 -5.32 -29.20 -12.78
CA PRO G 110 -5.82 -30.25 -11.87
C PRO G 110 -4.86 -31.44 -11.82
N ASN G 111 -4.29 -31.67 -10.64
CA ASN G 111 -3.39 -32.80 -10.44
C ASN G 111 -3.46 -33.18 -8.97
N ILE G 112 -4.20 -34.25 -8.66
CA ILE G 112 -4.29 -34.79 -7.31
C ILE G 112 -3.48 -36.08 -7.29
N GLN G 113 -2.55 -36.18 -6.33
CA GLN G 113 -1.67 -37.33 -6.26
C GLN G 113 -2.48 -38.61 -6.03
N SER G 114 -1.99 -39.70 -6.61
CA SER G 114 -2.76 -40.94 -6.59
C SER G 114 -2.95 -41.48 -5.17
N VAL G 115 -2.00 -41.22 -4.28
CA VAL G 115 -2.11 -41.70 -2.91
C VAL G 115 -3.13 -40.94 -2.07
N LEU G 116 -3.57 -39.76 -2.51
CA LEU G 116 -4.50 -39.00 -1.69
C LEU G 116 -5.95 -39.38 -1.96
N LEU G 117 -6.25 -39.88 -3.16
CA LEU G 117 -7.60 -40.33 -3.46
C LEU G 117 -7.93 -41.57 -2.62
N PRO G 118 -9.09 -41.61 -1.98
CA PRO G 118 -9.38 -42.69 -1.04
C PRO G 118 -9.74 -43.99 -1.75
N LYS G 119 -9.62 -45.08 -1.01
CA LYS G 119 -10.01 -46.40 -1.50
C LYS G 119 -10.27 -47.34 -0.33
N THR H 30 2.91 10.09 -25.70
CA THR H 30 1.65 9.57 -25.16
C THR H 30 1.35 8.18 -25.70
N ARG H 31 1.63 7.97 -26.98
CA ARG H 31 1.34 6.70 -27.63
C ARG H 31 2.14 5.55 -27.02
N LYS H 32 1.42 4.54 -26.55
CA LYS H 32 2.03 3.35 -25.94
C LYS H 32 1.99 2.21 -26.96
N GLU H 33 3.03 2.18 -27.80
CA GLU H 33 3.09 1.19 -28.86
C GLU H 33 3.14 -0.22 -28.30
N SER H 34 2.45 -1.14 -28.97
CA SER H 34 2.27 -2.50 -28.47
C SER H 34 2.04 -3.44 -29.63
N TYR H 35 2.27 -4.73 -29.38
CA TYR H 35 2.02 -5.79 -30.36
C TYR H 35 0.54 -6.18 -30.47
N ALA H 36 -0.38 -5.31 -30.06
CA ALA H 36 -1.79 -5.67 -29.99
C ALA H 36 -2.39 -5.95 -31.36
N ILE H 37 -2.08 -5.13 -32.37
CA ILE H 37 -2.71 -5.30 -33.68
C ILE H 37 -2.24 -6.60 -34.33
N TYR H 38 -0.97 -6.97 -34.12
CA TYR H 38 -0.39 -8.12 -34.80
C TYR H 38 -0.83 -9.45 -34.20
N VAL H 39 -1.02 -9.52 -32.87
CA VAL H 39 -1.50 -10.75 -32.26
C VAL H 39 -2.88 -11.10 -32.80
N TYR H 40 -3.73 -10.09 -32.97
CA TYR H 40 -5.08 -10.32 -33.50
C TYR H 40 -5.03 -10.89 -34.91
N LYS H 41 -4.12 -10.40 -35.74
CA LYS H 41 -3.99 -10.93 -37.09
C LYS H 41 -3.60 -12.40 -37.06
N VAL H 42 -2.68 -12.77 -36.17
CA VAL H 42 -2.28 -14.17 -36.06
C VAL H 42 -3.44 -15.02 -35.53
N LEU H 43 -4.17 -14.50 -34.56
CA LEU H 43 -5.32 -15.24 -34.03
C LEU H 43 -6.40 -15.41 -35.08
N LYS H 44 -6.64 -14.36 -35.88
CA LYS H 44 -7.65 -14.45 -36.94
C LYS H 44 -7.22 -15.42 -38.04
N GLN H 45 -5.95 -15.75 -38.13
CA GLN H 45 -5.49 -16.75 -39.10
C GLN H 45 -5.56 -18.17 -38.54
N VAL H 46 -5.43 -18.33 -37.22
CA VAL H 46 -5.45 -19.66 -36.61
C VAL H 46 -6.86 -20.09 -36.26
N HIS H 47 -7.63 -19.21 -35.63
CA HIS H 47 -9.01 -19.50 -35.22
C HIS H 47 -9.87 -18.31 -35.62
N PRO H 48 -10.46 -18.36 -36.82
CA PRO H 48 -11.14 -17.15 -37.34
C PRO H 48 -12.30 -16.66 -36.49
N ASP H 49 -12.92 -17.53 -35.69
CA ASP H 49 -14.08 -17.14 -34.90
C ASP H 49 -13.72 -16.75 -33.47
N THR H 50 -12.61 -17.23 -32.93
CA THR H 50 -12.20 -16.93 -31.57
C THR H 50 -11.73 -15.48 -31.46
N GLY H 51 -11.92 -14.90 -30.27
CA GLY H 51 -11.40 -13.58 -29.95
C GLY H 51 -10.52 -13.65 -28.71
N ILE H 52 -10.04 -12.48 -28.30
CA ILE H 52 -9.04 -12.41 -27.22
C ILE H 52 -9.44 -11.31 -26.24
N SER H 53 -9.30 -11.61 -24.95
CA SER H 53 -9.67 -10.70 -23.89
C SER H 53 -8.56 -9.68 -23.64
N SER H 54 -8.91 -8.62 -22.90
CA SER H 54 -7.97 -7.53 -22.66
C SER H 54 -6.74 -8.00 -21.90
N LYS H 55 -6.92 -8.79 -20.84
CA LYS H 55 -5.76 -9.20 -20.05
C LYS H 55 -4.96 -10.30 -20.72
N ALA H 56 -5.62 -11.18 -21.47
CA ALA H 56 -4.87 -12.18 -22.24
C ALA H 56 -4.04 -11.52 -23.32
N MET H 57 -4.52 -10.40 -23.87
CA MET H 57 -3.71 -9.63 -24.80
C MET H 57 -2.46 -9.09 -24.12
N SER H 58 -2.59 -8.66 -22.86
CA SER H 58 -1.43 -8.14 -22.14
C SER H 58 -0.38 -9.23 -21.93
N ILE H 59 -0.83 -10.47 -21.66
CA ILE H 59 0.11 -11.58 -21.55
C ILE H 59 0.79 -11.84 -22.88
N MET H 60 0.02 -11.83 -23.96
CA MET H 60 0.59 -12.10 -25.27
C MET H 60 1.52 -10.97 -25.70
N ASN H 61 1.16 -9.72 -25.38
CA ASN H 61 2.06 -8.60 -25.65
C ASN H 61 3.36 -8.76 -24.89
N SER H 62 3.27 -9.12 -23.60
CA SER H 62 4.46 -9.30 -22.77
C SER H 62 5.21 -10.57 -23.15
N PHE H 63 4.50 -11.59 -23.64
CA PHE H 63 5.17 -12.79 -24.14
C PHE H 63 6.06 -12.47 -25.32
N VAL H 64 5.56 -11.66 -26.27
CA VAL H 64 6.37 -11.26 -27.42
C VAL H 64 7.62 -10.52 -26.96
N ASN H 65 7.46 -9.58 -26.02
CA ASN H 65 8.58 -8.76 -25.58
C ASN H 65 9.65 -9.58 -24.91
N ASP H 66 9.26 -10.56 -24.08
CA ASP H 66 10.27 -11.29 -23.31
C ASP H 66 11.08 -12.23 -24.20
N VAL H 67 10.42 -12.98 -25.08
CA VAL H 67 11.14 -13.83 -26.01
C VAL H 67 11.87 -12.99 -27.07
N PHE H 68 11.44 -11.75 -27.29
CA PHE H 68 12.24 -10.81 -28.06
C PHE H 68 13.54 -10.52 -27.34
N GLU H 69 13.46 -10.16 -26.07
CA GLU H 69 14.65 -9.76 -25.33
C GLU H 69 15.61 -10.93 -25.12
N ARG H 70 15.10 -12.14 -24.93
CA ARG H 70 15.98 -13.30 -24.78
C ARG H 70 16.80 -13.52 -26.05
N ILE H 71 16.12 -13.58 -27.19
CA ILE H 71 16.83 -13.82 -28.45
C ILE H 71 17.79 -12.68 -28.75
N ALA H 72 17.39 -11.43 -28.47
CA ALA H 72 18.26 -10.31 -28.75
C ALA H 72 19.48 -10.31 -27.85
N GLY H 73 19.32 -10.61 -26.56
CA GLY H 73 20.45 -10.66 -25.66
C GLY H 73 21.42 -11.77 -26.00
N GLU H 74 20.88 -12.95 -26.31
CA GLU H 74 21.75 -14.06 -26.73
C GLU H 74 22.45 -13.73 -28.04
N ALA H 75 21.74 -13.06 -28.96
CA ALA H 75 22.38 -12.62 -30.20
C ALA H 75 23.45 -11.58 -29.92
N SER H 76 23.21 -10.68 -28.97
CA SER H 76 24.21 -9.69 -28.62
C SER H 76 25.48 -10.34 -28.06
N ARG H 77 25.31 -11.31 -27.17
CA ARG H 77 26.45 -11.95 -26.55
C ARG H 77 27.22 -12.82 -27.55
N LEU H 78 26.49 -13.51 -28.44
CA LEU H 78 27.16 -14.29 -29.47
C LEU H 78 28.00 -13.42 -30.39
N ALA H 79 27.47 -12.24 -30.75
CA ALA H 79 28.25 -11.32 -31.58
C ALA H 79 29.48 -10.82 -30.84
N HIS H 80 29.35 -10.52 -29.55
CA HIS H 80 30.49 -10.04 -28.78
C HIS H 80 31.53 -11.13 -28.60
N TYR H 81 31.09 -12.39 -28.50
CA TYR H 81 32.01 -13.48 -28.20
C TYR H 81 32.96 -13.74 -29.36
N ASN H 82 32.47 -13.59 -30.60
CA ASN H 82 33.26 -13.82 -31.80
C ASN H 82 33.89 -12.54 -32.35
N LYS H 83 33.95 -11.50 -31.54
CA LYS H 83 34.51 -10.21 -31.94
C LYS H 83 33.81 -9.67 -33.19
N ARG H 84 32.48 -9.71 -33.15
CA ARG H 84 31.65 -9.25 -34.25
C ARG H 84 30.77 -8.10 -33.78
N SER H 85 30.47 -7.18 -34.71
CA SER H 85 29.68 -5.99 -34.39
C SER H 85 28.27 -6.03 -34.95
N THR H 86 27.93 -7.00 -35.78
CA THR H 86 26.63 -7.06 -36.44
C THR H 86 25.82 -8.26 -35.97
N ILE H 87 24.53 -8.03 -35.74
CA ILE H 87 23.58 -9.09 -35.39
C ILE H 87 22.85 -9.48 -36.67
N THR H 88 23.12 -10.70 -37.14
CA THR H 88 22.60 -11.18 -38.41
C THR H 88 21.59 -12.30 -38.20
N SER H 89 21.03 -12.77 -39.31
CA SER H 89 20.13 -13.92 -39.27
C SER H 89 20.83 -15.15 -38.69
N ARG H 90 22.13 -15.30 -38.95
CA ARG H 90 22.86 -16.42 -38.37
C ARG H 90 22.93 -16.30 -36.85
N GLU H 91 23.17 -15.10 -36.34
CA GLU H 91 23.18 -14.89 -34.89
C GLU H 91 21.82 -15.19 -34.29
N ILE H 92 20.76 -14.71 -34.94
CA ILE H 92 19.41 -14.95 -34.42
C ILE H 92 19.07 -16.43 -34.46
N GLN H 93 19.50 -17.12 -35.53
CA GLN H 93 19.24 -18.55 -35.65
C GLN H 93 19.95 -19.33 -34.56
N THR H 94 21.22 -18.99 -34.30
CA THR H 94 21.96 -19.71 -33.26
C THR H 94 21.47 -19.37 -31.87
N ALA H 95 20.85 -18.21 -31.68
CA ALA H 95 20.25 -17.90 -30.39
C ALA H 95 18.93 -18.61 -30.19
N VAL H 96 18.14 -18.76 -31.26
CA VAL H 96 16.91 -19.54 -31.18
C VAL H 96 17.24 -21.00 -30.90
N ARG H 97 18.24 -21.55 -31.59
CA ARG H 97 18.65 -22.94 -31.36
C ARG H 97 19.09 -23.16 -29.92
N LEU H 98 19.55 -22.11 -29.25
CA LEU H 98 20.00 -22.21 -27.86
C LEU H 98 18.85 -22.05 -26.88
N LEU H 99 17.95 -21.10 -27.13
CA LEU H 99 16.90 -20.79 -26.18
C LEU H 99 15.72 -21.75 -26.27
N LEU H 100 15.28 -22.11 -27.52
CA LEU H 100 14.04 -22.86 -27.60
C LEU H 100 14.29 -24.36 -27.49
N PRO H 101 13.27 -25.11 -27.05
CA PRO H 101 13.39 -26.58 -27.01
C PRO H 101 13.57 -27.22 -28.38
N GLY H 102 13.70 -28.54 -28.41
CA GLY H 102 14.21 -29.21 -29.61
C GLY H 102 13.32 -29.07 -30.83
N GLU H 103 12.02 -29.28 -30.67
CA GLU H 103 11.12 -29.22 -31.82
C GLU H 103 10.73 -27.79 -32.16
N LEU H 104 10.52 -26.95 -31.14
CA LEU H 104 10.24 -25.54 -31.39
C LEU H 104 11.40 -24.87 -32.12
N ALA H 105 12.63 -25.27 -31.82
CA ALA H 105 13.79 -24.72 -32.52
C ALA H 105 13.76 -25.09 -34.00
N LYS H 106 13.47 -26.35 -34.30
CA LYS H 106 13.43 -26.78 -35.69
C LYS H 106 12.32 -26.07 -36.45
N HIS H 107 11.15 -25.93 -35.83
CA HIS H 107 10.05 -25.25 -36.51
C HIS H 107 10.35 -23.77 -36.71
N ALA H 108 10.87 -23.09 -35.67
CA ALA H 108 11.16 -21.67 -35.77
C ALA H 108 12.25 -21.39 -36.80
N VAL H 109 13.29 -22.22 -36.84
CA VAL H 109 14.36 -22.00 -37.80
C VAL H 109 13.86 -22.16 -39.23
N SER H 110 12.99 -23.14 -39.46
CA SER H 110 12.42 -23.32 -40.80
C SER H 110 11.56 -22.13 -41.19
N GLU H 111 10.77 -21.59 -40.26
CA GLU H 111 9.97 -20.41 -40.56
C GLU H 111 10.85 -19.19 -40.78
N GLY H 112 11.89 -19.03 -39.96
CA GLY H 112 12.79 -17.90 -40.16
C GLY H 112 13.54 -17.95 -41.47
N THR H 113 14.03 -19.13 -41.85
CA THR H 113 14.71 -19.27 -43.14
C THR H 113 13.75 -19.14 -44.30
N LYS H 114 12.46 -19.42 -44.10
CA LYS H 114 11.48 -19.19 -45.15
C LYS H 114 11.26 -17.70 -45.36
N ALA H 115 11.11 -16.94 -44.27
CA ALA H 115 10.85 -15.51 -44.38
C ALA H 115 12.04 -14.79 -45.03
N VAL H 116 13.26 -15.10 -44.58
CA VAL H 116 14.44 -14.41 -45.09
C VAL H 116 14.66 -14.74 -46.56
N THR H 117 14.49 -16.00 -46.95
CA THR H 117 14.66 -16.38 -48.34
C THR H 117 13.62 -15.73 -49.25
N LYS H 118 12.42 -15.49 -48.74
CA LYS H 118 11.40 -14.81 -49.54
C LYS H 118 11.67 -13.32 -49.61
N TYR H 119 12.23 -12.73 -48.55
CA TYR H 119 12.50 -11.30 -48.54
C TYR H 119 13.63 -10.93 -49.49
N THR H 120 14.63 -11.79 -49.63
CA THR H 120 15.71 -11.54 -50.57
C THR H 120 15.25 -11.71 -52.02
N SER H 121 14.22 -12.52 -52.26
CA SER H 121 13.69 -12.73 -53.61
C SER H 121 12.70 -11.65 -54.00
N ALA H 122 11.88 -11.19 -53.06
CA ALA H 122 10.89 -10.16 -53.34
C ALA H 122 11.46 -8.77 -53.05
N ALA K 2 -52.88 -15.85 24.77
CA ALA K 2 -52.01 -14.71 25.03
C ALA K 2 -50.59 -15.00 24.54
N ARG K 3 -49.94 -14.01 23.95
CA ARG K 3 -48.59 -14.23 23.44
C ARG K 3 -47.54 -14.13 24.54
N THR K 4 -47.74 -13.25 25.52
CA THR K 4 -46.75 -12.99 26.56
C THR K 4 -46.28 -14.23 27.33
N ML3 K 5 -45.13 -14.10 27.99
CA ML3 K 5 -44.60 -15.15 28.83
CB ML3 K 5 -43.08 -15.05 29.00
SG ML3 K 5 -42.39 -14.80 27.67
CD ML3 K 5 -40.90 -14.60 27.89
CE ML3 K 5 -40.14 -15.54 26.96
NZ ML3 K 5 -39.05 -16.43 27.56
CM1 ML3 K 5 -38.27 -17.14 26.51
CM2 ML3 K 5 -38.13 -15.63 28.42
CM3 ML3 K 5 -39.74 -17.45 28.41
C ML3 K 5 -45.19 -15.18 30.23
O ML3 K 5 -44.94 -14.33 31.08
N GLN K 6 -46.01 -16.19 30.47
CA GLN K 6 -46.64 -16.37 31.78
C GLN K 6 -45.77 -17.23 32.71
N GLU L 269 -48.98 -16.66 14.17
CA GLU L 269 -49.26 -17.77 15.06
C GLU L 269 -48.04 -18.01 15.95
N GLU L 270 -48.16 -19.02 16.81
CA GLU L 270 -47.13 -19.30 17.82
C GLU L 270 -45.99 -20.11 17.21
N GLU L 271 -44.97 -20.38 18.03
CA GLU L 271 -43.81 -21.15 17.60
C GLU L 271 -43.21 -21.85 18.82
N GLU L 272 -42.14 -22.60 18.58
CA GLU L 272 -41.54 -23.41 19.62
C GLU L 272 -40.64 -22.57 20.54
N PHE L 273 -40.01 -23.26 21.49
CA PHE L 273 -39.33 -22.70 22.64
C PHE L 273 -37.81 -22.81 22.51
N GLU L 274 -37.11 -22.52 23.62
CA GLU L 274 -35.75 -22.95 23.87
C GLU L 274 -34.74 -22.33 22.89
N THR L 275 -34.59 -21.00 23.01
CA THR L 275 -33.45 -20.32 22.38
C THR L 275 -33.10 -19.04 23.14
N ILE L 276 -31.78 -18.82 23.35
CA ILE L 276 -31.22 -17.59 23.90
C ILE L 276 -30.90 -16.64 22.76
N GLU L 277 -30.88 -15.32 23.03
CA GLU L 277 -30.41 -14.36 22.04
C GLU L 277 -29.09 -13.69 22.43
N ARG L 278 -29.03 -12.95 23.54
CA ARG L 278 -27.91 -12.03 23.68
C ARG L 278 -27.72 -11.65 25.15
N PHE L 279 -26.48 -11.37 25.54
CA PHE L 279 -26.11 -11.06 26.91
C PHE L 279 -25.50 -9.66 26.99
N MET L 280 -26.28 -8.70 27.47
CA MET L 280 -25.82 -7.32 27.66
C MET L 280 -26.05 -6.80 29.07
N ASP L 281 -26.23 -7.69 30.06
CA ASP L 281 -26.63 -7.29 31.41
C ASP L 281 -25.66 -7.84 32.46
N CYS L 282 -25.47 -7.07 33.54
CA CYS L 282 -24.68 -7.52 34.68
C CYS L 282 -25.12 -6.75 35.92
N ARG L 283 -25.40 -7.46 37.02
CA ARG L 283 -25.97 -6.82 38.19
C ARG L 283 -25.66 -7.66 39.43
N ILE L 284 -26.04 -7.10 40.59
CA ILE L 284 -25.97 -7.80 41.87
C ILE L 284 -27.30 -7.62 42.58
N GLY L 285 -27.87 -8.73 43.07
CA GLY L 285 -29.20 -8.65 43.64
C GLY L 285 -29.57 -9.83 44.51
N ARG L 286 -30.70 -9.65 45.22
CA ARG L 286 -31.22 -10.69 46.10
C ARG L 286 -31.71 -11.91 45.31
N LYS L 287 -31.56 -13.08 45.91
CA LYS L 287 -32.01 -14.32 45.31
C LYS L 287 -33.54 -14.32 45.14
N GLY L 288 -34.02 -15.25 44.31
CA GLY L 288 -35.43 -15.52 44.20
C GLY L 288 -36.22 -14.59 43.31
N ALA L 289 -35.56 -13.75 42.51
CA ALA L 289 -36.26 -12.87 41.60
C ALA L 289 -36.94 -13.67 40.50
N THR L 290 -38.12 -13.23 40.10
CA THR L 290 -38.90 -13.88 39.05
C THR L 290 -39.57 -12.83 38.19
N GLY L 291 -39.77 -13.17 36.92
CA GLY L 291 -40.42 -12.29 35.98
C GLY L 291 -39.54 -11.20 35.41
N ALA L 292 -39.93 -9.94 35.63
CA ALA L 292 -39.25 -8.80 35.02
C ALA L 292 -39.13 -7.65 36.04
N THR L 293 -38.90 -8.01 37.30
CA THR L 293 -39.03 -7.11 38.46
C THR L 293 -38.67 -5.64 38.20
N THR L 294 -37.52 -5.37 37.61
CA THR L 294 -37.05 -4.00 37.47
C THR L 294 -37.64 -3.28 36.26
N THR L 295 -38.33 -4.00 35.37
CA THR L 295 -38.99 -3.34 34.25
C THR L 295 -40.22 -2.58 34.74
N ILE L 296 -40.55 -1.51 34.01
CA ILE L 296 -41.57 -0.57 34.47
C ILE L 296 -42.93 -1.26 34.64
N TYR L 297 -43.27 -2.19 33.74
CA TYR L 297 -44.57 -2.84 33.87
C TYR L 297 -44.61 -3.75 35.10
N ALA L 298 -43.49 -4.41 35.40
CA ALA L 298 -43.43 -5.25 36.60
C ALA L 298 -43.24 -4.42 37.87
N VAL L 299 -42.58 -3.27 37.78
CA VAL L 299 -42.45 -2.39 38.94
C VAL L 299 -43.83 -1.97 39.43
N GLU L 300 -44.71 -1.59 38.49
CA GLU L 300 -46.09 -1.27 38.86
C GLU L 300 -46.81 -2.47 39.46
N ALA L 301 -46.52 -3.67 38.94
CA ALA L 301 -47.26 -4.85 39.39
C ALA L 301 -46.78 -5.35 40.74
N ASP L 302 -45.46 -5.54 40.89
CA ASP L 302 -44.93 -6.13 42.11
C ASP L 302 -43.95 -5.25 42.86
N GLY L 303 -43.68 -4.04 42.39
CA GLY L 303 -42.58 -3.28 42.96
C GLY L 303 -41.30 -3.99 42.60
N ASP L 304 -40.66 -4.60 43.60
CA ASP L 304 -39.48 -5.41 43.36
C ASP L 304 -39.26 -6.36 44.53
N PRO L 305 -39.20 -7.66 44.29
CA PRO L 305 -38.78 -8.59 45.37
C PRO L 305 -37.32 -8.43 45.75
N ASN L 306 -36.52 -7.76 44.92
CA ASN L 306 -35.12 -7.46 45.19
C ASN L 306 -34.93 -6.12 45.88
N ALA L 307 -36.01 -5.40 46.17
CA ALA L 307 -35.92 -4.08 46.77
C ALA L 307 -35.31 -4.16 48.16
N GLY L 308 -34.51 -3.16 48.51
CA GLY L 308 -33.83 -3.12 49.79
C GLY L 308 -32.54 -3.90 49.85
N PHE L 309 -32.13 -4.52 48.75
CA PHE L 309 -30.92 -5.34 48.76
C PHE L 309 -29.67 -4.45 48.83
N GLU L 310 -28.62 -5.02 49.43
CA GLU L 310 -27.30 -4.41 49.42
C GLU L 310 -26.30 -5.53 49.16
N LYS L 311 -25.21 -5.18 48.47
CA LYS L 311 -24.28 -6.19 47.95
C LYS L 311 -23.80 -7.14 49.02
N ASN L 312 -23.53 -6.63 50.23
CA ASN L 312 -22.98 -7.44 51.30
C ASN L 312 -23.97 -7.79 52.40
N LYS L 313 -25.06 -7.02 52.55
CA LYS L 313 -25.93 -7.18 53.70
C LYS L 313 -26.67 -8.51 53.69
N GLU L 314 -27.09 -8.98 52.54
CA GLU L 314 -27.97 -10.13 52.41
C GLU L 314 -27.32 -11.13 51.47
N PRO L 315 -27.54 -12.44 51.68
CA PRO L 315 -26.97 -13.42 50.76
C PRO L 315 -27.64 -13.40 49.39
N GLY L 316 -27.29 -12.41 48.57
CA GLY L 316 -27.81 -12.26 47.24
C GLY L 316 -26.91 -12.88 46.18
N GLU L 317 -27.07 -12.39 44.95
CA GLU L 317 -26.44 -13.04 43.81
C GLU L 317 -26.03 -12.01 42.76
N ILE L 318 -24.94 -12.32 42.04
CA ILE L 318 -24.39 -11.41 41.02
C ILE L 318 -24.97 -11.86 39.67
N GLN L 319 -26.06 -11.21 39.27
CA GLN L 319 -26.78 -11.65 38.09
C GLN L 319 -26.28 -10.99 36.82
N TYR L 320 -26.65 -11.64 35.71
CA TYR L 320 -26.36 -11.12 34.36
C TYR L 320 -27.45 -11.74 33.48
N LEU L 321 -28.74 -11.56 33.84
CA LEU L 321 -29.85 -12.24 33.11
C LEU L 321 -29.78 -11.95 31.61
N ILE L 322 -30.64 -12.59 30.81
CA ILE L 322 -30.40 -12.50 29.34
C ILE L 322 -31.53 -11.93 28.50
N LYS L 323 -31.18 -11.22 27.43
CA LYS L 323 -32.18 -10.81 26.45
C LYS L 323 -32.54 -12.02 25.61
N TRP L 324 -33.84 -12.29 25.48
CA TRP L 324 -34.31 -13.58 24.99
C TRP L 324 -34.79 -13.46 23.54
N LYS L 325 -34.63 -14.54 22.79
CA LYS L 325 -34.97 -14.49 21.37
C LYS L 325 -36.47 -14.63 21.17
N GLY L 326 -36.99 -13.89 20.20
CA GLY L 326 -38.41 -13.86 19.93
C GLY L 326 -39.19 -12.98 20.86
N TRP L 327 -38.53 -12.25 21.75
CA TRP L 327 -39.17 -11.36 22.71
C TRP L 327 -38.35 -10.10 22.85
N SER L 328 -39.04 -9.02 23.23
CA SER L 328 -38.46 -7.69 23.21
C SER L 328 -37.73 -7.41 24.52
N HIS L 329 -37.21 -6.18 24.65
CA HIS L 329 -36.61 -5.75 25.90
C HIS L 329 -37.66 -5.49 26.97
N ILE L 330 -38.88 -5.13 26.56
CA ILE L 330 -39.98 -5.03 27.50
C ILE L 330 -40.30 -6.39 28.12
N HIS L 331 -39.96 -7.48 27.43
CA HIS L 331 -40.15 -8.83 27.95
C HIS L 331 -38.87 -9.42 28.54
N ASN L 332 -37.86 -8.59 28.76
CA ASN L 332 -36.61 -9.06 29.34
C ASN L 332 -36.88 -9.66 30.70
N THR L 333 -36.62 -10.96 30.84
CA THR L 333 -36.99 -11.68 32.05
C THR L 333 -35.82 -11.74 33.04
N TRP L 334 -36.17 -11.65 34.32
CA TRP L 334 -35.23 -11.90 35.41
C TRP L 334 -35.73 -13.08 36.24
N GLU L 335 -34.84 -14.04 36.48
CA GLU L 335 -35.18 -15.28 37.13
C GLU L 335 -33.95 -15.73 37.91
N THR L 336 -34.10 -16.85 38.63
CA THR L 336 -32.93 -17.57 39.12
C THR L 336 -32.25 -18.24 37.94
N GLU L 337 -31.03 -17.81 37.62
CA GLU L 337 -30.38 -18.22 36.38
C GLU L 337 -30.07 -19.71 36.34
N GLU L 338 -30.15 -20.41 37.47
CA GLU L 338 -30.14 -21.86 37.45
C GLU L 338 -31.24 -22.45 36.57
N THR L 339 -32.36 -21.72 36.42
CA THR L 339 -33.45 -22.21 35.59
C THR L 339 -33.05 -22.30 34.12
N LEU L 340 -32.07 -21.49 33.71
CA LEU L 340 -31.65 -21.47 32.31
C LEU L 340 -31.10 -22.83 31.89
N LYS L 341 -30.11 -23.32 32.61
CA LYS L 341 -29.62 -24.67 32.39
C LYS L 341 -30.74 -25.70 32.57
N GLN L 342 -31.71 -25.41 33.45
CA GLN L 342 -32.79 -26.34 33.77
C GLN L 342 -33.78 -26.52 32.57
N GLN L 343 -33.63 -25.70 31.53
CA GLN L 343 -34.54 -25.69 30.40
C GLN L 343 -33.81 -26.11 29.14
N ASN L 344 -32.50 -26.38 29.23
CA ASN L 344 -31.71 -26.87 28.10
C ASN L 344 -31.81 -25.95 26.89
N VAL L 345 -31.66 -24.65 27.13
CA VAL L 345 -31.87 -23.63 26.11
C VAL L 345 -30.70 -23.63 25.13
N ARG L 346 -31.02 -23.63 23.84
CA ARG L 346 -29.99 -23.54 22.83
C ARG L 346 -29.29 -22.18 22.89
N GLY L 347 -28.03 -22.16 22.47
CA GLY L 347 -27.26 -20.92 22.44
C GLY L 347 -26.52 -20.56 23.71
N MET L 348 -26.20 -21.53 24.56
CA MET L 348 -25.46 -21.22 25.79
C MET L 348 -24.02 -20.80 25.53
N LYS L 349 -23.51 -21.01 24.31
CA LYS L 349 -22.11 -20.68 24.02
C LYS L 349 -21.83 -19.19 24.13
N LYS L 350 -22.84 -18.35 23.90
CA LYS L 350 -22.68 -16.92 24.14
C LYS L 350 -22.46 -16.60 25.62
N LEU L 351 -22.95 -17.46 26.53
CA LEU L 351 -22.70 -17.23 27.95
C LEU L 351 -21.22 -17.33 28.28
N ASP L 352 -20.53 -18.32 27.71
CA ASP L 352 -19.10 -18.45 27.94
C ASP L 352 -18.33 -17.27 27.38
N ASN L 353 -18.76 -16.76 26.22
CA ASN L 353 -18.13 -15.56 25.69
C ASN L 353 -18.29 -14.38 26.63
N TYR L 354 -19.41 -14.33 27.36
CA TYR L 354 -19.68 -13.19 28.22
C TYR L 354 -18.67 -13.11 29.37
N LYS L 355 -18.34 -14.25 29.96
CA LYS L 355 -17.36 -14.27 31.05
C LYS L 355 -15.99 -13.83 30.54
N LYS L 356 -15.55 -14.40 29.41
CA LYS L 356 -14.20 -14.10 28.93
C LYS L 356 -14.06 -12.64 28.56
N LYS L 357 -15.11 -12.06 27.97
CA LYS L 357 -15.10 -10.63 27.66
C LYS L 357 -15.17 -9.80 28.94
N ASP L 358 -15.97 -10.24 29.92
CA ASP L 358 -16.04 -9.54 31.20
C ASP L 358 -14.76 -9.70 32.00
N GLN L 359 -14.16 -10.90 31.97
CA GLN L 359 -12.90 -11.11 32.67
C GLN L 359 -11.77 -10.28 32.08
N GLU L 360 -11.72 -10.16 30.75
CA GLU L 360 -10.82 -9.19 30.14
C GLU L 360 -11.22 -7.77 30.53
N THR L 361 -12.52 -7.52 30.72
CA THR L 361 -12.98 -6.16 30.97
C THR L 361 -12.42 -5.60 32.28
N LYS L 362 -12.52 -6.35 33.38
CA LYS L 362 -12.02 -5.81 34.65
C LYS L 362 -10.50 -5.71 34.68
N ARG L 363 -9.80 -6.58 33.94
CA ARG L 363 -8.35 -6.49 33.92
C ARG L 363 -7.87 -5.17 33.32
N TRP L 364 -8.64 -4.61 32.38
CA TRP L 364 -8.33 -3.29 31.86
C TRP L 364 -8.86 -2.18 32.75
N LEU L 365 -10.10 -2.33 33.25
CA LEU L 365 -10.75 -1.24 33.98
C LEU L 365 -10.08 -0.96 35.31
N LYS L 366 -9.57 -1.99 35.99
CA LYS L 366 -8.97 -1.82 37.30
C LYS L 366 -7.59 -1.19 37.27
N ASN L 367 -6.91 -1.22 36.12
CA ASN L 367 -5.55 -0.75 36.01
C ASN L 367 -5.37 0.48 35.12
N ALA L 368 -6.40 0.87 34.37
CA ALA L 368 -6.30 2.04 33.51
C ALA L 368 -6.19 3.31 34.35
N SER L 369 -5.80 4.40 33.68
CA SER L 369 -5.68 5.68 34.36
C SER L 369 -7.05 6.14 34.85
N PRO L 370 -7.12 6.82 36.00
CA PRO L 370 -8.43 7.22 36.53
C PRO L 370 -9.25 8.07 35.56
N GLU L 371 -8.59 8.91 34.76
CA GLU L 371 -9.31 9.67 33.75
C GLU L 371 -9.97 8.75 32.74
N ASP L 372 -9.25 7.71 32.30
CA ASP L 372 -9.84 6.74 31.36
C ASP L 372 -10.86 5.85 32.05
N VAL L 373 -10.66 5.54 33.33
CA VAL L 373 -11.65 4.74 34.06
C VAL L 373 -12.97 5.50 34.16
N GLU L 374 -12.89 6.79 34.50
CA GLU L 374 -14.11 7.60 34.54
C GLU L 374 -14.68 7.81 33.15
N TYR L 375 -13.83 7.88 32.13
CA TYR L 375 -14.32 7.95 30.75
C TYR L 375 -15.12 6.71 30.41
N TYR L 376 -14.61 5.54 30.76
CA TYR L 376 -15.35 4.30 30.53
C TYR L 376 -16.62 4.25 31.37
N ASN L 377 -16.59 4.85 32.56
CA ASN L 377 -17.80 4.94 33.37
C ASN L 377 -18.86 5.80 32.67
N CYS L 378 -18.44 6.91 32.06
CA CYS L 378 -19.37 7.68 31.24
C CYS L 378 -19.82 6.90 30.02
N GLN L 379 -18.91 6.12 29.43
CA GLN L 379 -19.29 5.28 28.30
C GLN L 379 -20.29 4.21 28.72
N GLN L 380 -20.13 3.65 29.92
CA GLN L 380 -21.16 2.75 30.43
C GLN L 380 -22.47 3.50 30.66
N GLU L 381 -22.40 4.71 31.23
CA GLU L 381 -23.60 5.49 31.53
C GLU L 381 -24.40 5.78 30.27
N LEU L 382 -23.70 6.14 29.18
CA LEU L 382 -24.37 6.26 27.90
C LEU L 382 -24.91 4.91 27.43
N THR L 383 -24.17 3.84 27.73
CA THR L 383 -24.52 2.53 27.18
C THR L 383 -25.85 2.02 27.72
N ASP L 384 -25.99 1.94 29.05
CA ASP L 384 -27.18 1.32 29.61
C ASP L 384 -28.39 2.20 29.41
N ASP L 385 -28.19 3.52 29.37
CA ASP L 385 -29.28 4.44 29.06
C ASP L 385 -29.78 4.20 27.63
N LEU L 386 -28.85 4.06 26.69
CA LEU L 386 -29.21 3.61 25.35
C LEU L 386 -29.92 2.26 25.40
N HIS L 387 -29.48 1.37 26.27
CA HIS L 387 -30.15 0.09 26.44
C HIS L 387 -31.50 0.26 27.13
N LYS L 388 -31.55 1.08 28.18
CA LYS L 388 -32.84 1.38 28.81
C LYS L 388 -33.79 2.06 27.83
N GLN L 389 -33.28 2.95 26.99
CA GLN L 389 -34.14 3.66 26.05
C GLN L 389 -34.78 2.73 25.01
N TYR L 390 -34.24 1.52 24.82
CA TYR L 390 -34.86 0.59 23.89
C TYR L 390 -36.26 0.18 24.32
N GLN L 391 -36.56 0.28 25.61
CA GLN L 391 -37.85 -0.21 26.11
C GLN L 391 -39.01 0.64 25.61
N ILE L 392 -38.79 1.93 25.40
CA ILE L 392 -39.91 2.84 25.12
C ILE L 392 -40.40 2.64 23.69
N VAL L 393 -41.71 2.51 23.54
CA VAL L 393 -42.32 2.37 22.22
C VAL L 393 -42.26 3.74 21.54
N GLU L 394 -42.40 3.76 20.22
CA GLU L 394 -42.56 5.00 19.46
C GLU L 394 -43.90 5.07 18.77
N ARG L 395 -44.30 4.00 18.07
CA ARG L 395 -45.61 3.90 17.47
C ARG L 395 -45.99 2.42 17.35
N ILE L 396 -47.26 2.13 17.55
CA ILE L 396 -47.81 0.88 17.06
C ILE L 396 -48.17 1.05 15.59
N ILE L 397 -47.77 0.09 14.75
CA ILE L 397 -47.92 0.22 13.32
C ILE L 397 -49.34 -0.22 12.96
N ALA L 398 -50.29 0.71 13.02
CA ALA L 398 -51.68 0.38 12.69
C ALA L 398 -51.87 0.34 11.18
N ALA L 405 -58.46 -9.15 15.54
CA ALA L 405 -59.23 -9.61 16.69
C ALA L 405 -59.09 -8.66 17.87
N ALA L 406 -58.28 -7.61 17.68
CA ALA L 406 -58.07 -6.59 18.70
C ALA L 406 -58.00 -5.18 18.12
N GLY L 407 -58.31 -5.00 16.84
CA GLY L 407 -58.15 -3.73 16.18
C GLY L 407 -57.19 -3.91 15.01
N TYR L 408 -56.03 -3.27 15.08
CA TYR L 408 -54.92 -3.78 14.28
C TYR L 408 -54.29 -4.86 15.14
N PRO L 409 -54.51 -6.14 14.84
CA PRO L 409 -54.36 -7.19 15.85
C PRO L 409 -53.01 -7.16 16.55
N ASP L 410 -53.06 -7.28 17.87
CA ASP L 410 -51.89 -7.45 18.74
C ASP L 410 -50.91 -6.28 18.66
N TYR L 411 -51.36 -5.13 18.13
CA TYR L 411 -50.67 -3.86 18.28
C TYR L 411 -49.19 -3.94 17.87
N TYR L 412 -48.98 -4.31 16.62
CA TYR L 412 -47.66 -4.35 16.02
C TYR L 412 -46.97 -2.99 16.17
N CYS L 413 -45.82 -2.95 16.85
CA CYS L 413 -45.25 -1.70 17.35
C CYS L 413 -43.74 -1.64 17.21
N LYS L 414 -43.22 -0.41 17.22
CA LYS L 414 -41.80 -0.10 17.17
C LYS L 414 -41.27 0.27 18.55
N TRP L 415 -40.04 -0.12 18.83
CA TRP L 415 -39.33 0.36 20.00
C TRP L 415 -38.28 1.39 19.63
N GLN L 416 -37.91 2.20 20.62
CA GLN L 416 -36.89 3.21 20.40
C GLN L 416 -35.52 2.55 20.19
N GLY L 417 -34.80 3.04 19.18
CA GLY L 417 -33.44 2.58 18.88
C GLY L 417 -33.38 1.49 17.84
N LEU L 418 -34.13 0.41 18.06
CA LEU L 418 -34.19 -0.69 17.10
C LEU L 418 -34.71 -0.21 15.75
N PRO L 419 -34.12 -0.65 14.63
CA PRO L 419 -34.76 -0.43 13.33
C PRO L 419 -36.11 -1.13 13.22
N TYR L 420 -36.84 -0.89 12.12
CA TYR L 420 -38.19 -1.45 11.98
C TYR L 420 -38.20 -2.97 11.95
N SER L 421 -37.05 -3.61 11.73
CA SER L 421 -37.01 -5.07 11.66
C SER L 421 -37.44 -5.72 12.97
N GLU L 422 -37.18 -5.06 14.09
CA GLU L 422 -37.42 -5.61 15.41
C GLU L 422 -38.83 -5.33 15.93
N CYS L 423 -39.68 -4.71 15.10
CA CYS L 423 -41.06 -4.47 15.48
C CYS L 423 -41.76 -5.79 15.77
N SER L 424 -42.59 -5.80 16.81
CA SER L 424 -43.14 -7.05 17.35
C SER L 424 -44.55 -6.78 17.87
N TRP L 425 -45.07 -7.69 18.71
CA TRP L 425 -46.47 -7.66 19.11
C TRP L 425 -46.61 -7.54 20.62
N GLU L 426 -47.80 -7.16 21.06
CA GLU L 426 -48.18 -7.17 22.47
C GLU L 426 -49.67 -7.46 22.57
N ASP L 427 -50.05 -8.18 23.64
CA ASP L 427 -51.44 -8.59 23.84
C ASP L 427 -52.31 -7.45 24.36
N GLY L 428 -51.74 -6.29 24.66
CA GLY L 428 -52.48 -5.25 25.32
C GLY L 428 -52.64 -5.46 26.81
N ALA L 429 -51.63 -6.04 27.46
CA ALA L 429 -51.68 -6.29 28.89
C ALA L 429 -50.57 -5.61 29.67
N LEU L 430 -49.51 -5.15 29.01
CA LEU L 430 -48.44 -4.43 29.69
C LEU L 430 -48.20 -3.10 28.99
N ILE L 431 -48.32 -3.10 27.66
CA ILE L 431 -48.23 -1.85 26.90
C ILE L 431 -49.51 -1.05 27.07
N SER L 432 -50.66 -1.72 27.20
CA SER L 432 -51.93 -1.04 27.43
C SER L 432 -51.87 -0.18 28.70
N LYS L 433 -51.08 -0.60 29.68
CA LYS L 433 -50.95 0.15 30.92
C LYS L 433 -49.92 1.27 30.81
N LYS L 434 -48.78 0.99 30.17
CA LYS L 434 -47.64 1.91 30.24
C LYS L 434 -47.89 3.20 29.47
N PHE L 435 -48.10 3.11 28.16
CA PHE L 435 -48.19 4.30 27.32
C PHE L 435 -49.29 4.25 26.28
N GLN L 436 -50.13 3.21 26.25
CA GLN L 436 -51.20 3.15 25.27
C GLN L 436 -52.23 4.26 25.45
N ALA L 437 -52.26 4.90 26.63
CA ALA L 437 -53.16 6.02 26.85
C ALA L 437 -52.89 7.14 25.85
N CYS L 438 -51.62 7.49 25.66
CA CYS L 438 -51.26 8.46 24.64
C CYS L 438 -51.07 7.81 23.28
N ILE L 439 -50.70 6.53 23.24
CA ILE L 439 -50.51 5.85 21.96
C ILE L 439 -51.83 5.65 21.23
N ASP L 440 -52.92 5.41 21.97
CA ASP L 440 -54.23 5.32 21.34
C ASP L 440 -54.58 6.60 20.62
N GLU L 441 -54.19 7.75 21.18
CA GLU L 441 -54.36 9.02 20.48
C GLU L 441 -53.57 9.06 19.18
N TYR L 442 -52.40 8.42 19.15
CA TYR L 442 -51.67 8.25 17.89
C TYR L 442 -52.30 7.17 17.03
N PHE L 443 -52.78 6.10 17.65
CA PHE L 443 -53.55 5.09 16.93
C PHE L 443 -54.77 5.71 16.28
N SER L 444 -55.46 6.60 17.01
CA SER L 444 -56.62 7.29 16.44
C SER L 444 -56.20 8.20 15.28
N ARG L 445 -54.97 8.72 15.33
CA ARG L 445 -54.47 9.59 14.27
C ARG L 445 -54.42 8.86 12.93
N ASN L 446 -54.35 7.54 12.94
CA ASN L 446 -54.34 6.78 11.69
C ASN L 446 -55.60 7.07 10.89
N GLN L 447 -56.76 7.04 11.55
CA GLN L 447 -58.02 7.29 10.84
C GLN L 447 -58.13 8.75 10.41
N SER L 448 -57.35 9.65 11.02
CA SER L 448 -57.40 11.06 10.66
C SER L 448 -57.01 11.27 9.21
N LYS L 449 -57.75 12.14 8.52
CA LYS L 449 -57.58 12.31 7.09
C LYS L 449 -56.38 13.20 6.78
N THR L 450 -55.36 12.60 6.17
CA THR L 450 -54.16 13.31 5.72
C THR L 450 -53.64 12.64 4.45
N THR L 451 -52.98 13.45 3.62
CA THR L 451 -52.41 13.03 2.34
C THR L 451 -53.27 12.04 1.55
N ARG L 462 -51.91 26.20 -8.34
CA ARG L 462 -51.16 27.21 -7.62
C ARG L 462 -52.05 28.40 -7.30
N PRO L 463 -51.93 28.92 -6.09
CA PRO L 463 -52.78 30.04 -5.67
C PRO L 463 -52.13 31.42 -5.88
N ARG L 464 -52.92 32.43 -5.57
CA ARG L 464 -52.49 33.82 -5.70
C ARG L 464 -51.59 34.20 -4.51
N PHE L 465 -51.24 35.48 -4.44
CA PHE L 465 -50.46 35.97 -3.32
C PHE L 465 -51.24 35.82 -2.01
N VAL L 466 -50.51 35.60 -0.92
CA VAL L 466 -51.12 35.30 0.36
C VAL L 466 -50.75 36.39 1.35
N ALA L 467 -51.62 36.61 2.34
CA ALA L 467 -51.42 37.62 3.37
C ALA L 467 -50.34 37.14 4.36
N LEU L 468 -49.10 37.25 3.92
CA LEU L 468 -47.96 36.79 4.70
C LEU L 468 -47.55 37.85 5.72
N LYS L 469 -46.50 37.53 6.48
CA LYS L 469 -45.88 38.44 7.45
C LYS L 469 -46.83 38.85 8.56
N LYS L 470 -47.78 38.00 8.90
CA LYS L 470 -48.53 38.16 10.13
C LYS L 470 -47.74 37.54 11.28
N GLN L 471 -48.35 37.44 12.46
CA GLN L 471 -47.70 36.77 13.58
C GLN L 471 -48.35 35.42 13.84
N PRO L 472 -47.87 34.35 13.19
CA PRO L 472 -48.49 33.02 13.37
C PRO L 472 -47.84 32.16 14.44
N SER L 473 -47.03 32.71 15.34
CA SER L 473 -46.24 31.92 16.28
C SER L 473 -47.09 30.98 17.13
N TYR L 474 -48.41 31.16 17.17
CA TYR L 474 -49.26 30.23 17.91
C TYR L 474 -49.29 28.85 17.25
N ILE L 475 -49.11 28.80 15.93
CA ILE L 475 -49.07 27.54 15.21
C ILE L 475 -47.75 26.81 15.40
N GLY L 476 -46.75 27.47 16.01
CA GLY L 476 -45.43 26.87 16.12
C GLY L 476 -45.40 25.64 17.02
N GLY L 477 -46.07 25.68 18.15
CA GLY L 477 -46.08 24.54 19.04
C GLY L 477 -46.56 24.90 20.42
N HIS L 478 -46.52 23.89 21.29
CA HIS L 478 -47.07 24.01 22.64
C HIS L 478 -46.23 24.95 23.52
N GLU L 479 -44.95 25.14 23.18
CA GLU L 479 -44.19 26.36 23.52
C GLU L 479 -43.63 27.00 22.27
N GLY L 480 -44.43 27.10 21.22
CA GLY L 480 -43.96 27.50 19.92
C GLY L 480 -43.73 28.99 19.71
N LEU L 481 -43.36 29.72 20.77
CA LEU L 481 -43.20 31.17 20.76
C LEU L 481 -41.77 31.65 20.47
N GLU L 482 -40.80 30.74 20.29
CA GLU L 482 -39.39 31.12 20.22
C GLU L 482 -38.94 31.61 18.85
N LEU L 483 -39.82 31.65 17.84
CA LEU L 483 -39.42 32.14 16.53
C LEU L 483 -38.95 33.59 16.60
N ARG L 484 -37.72 33.85 16.18
CA ARG L 484 -37.20 35.21 16.11
C ARG L 484 -37.76 35.91 14.87
N ASP L 485 -37.39 37.18 14.71
CA ASP L 485 -37.87 37.96 13.58
C ASP L 485 -37.26 37.48 12.26
N TYR L 486 -35.95 37.17 12.27
CA TYR L 486 -35.30 36.77 11.03
C TYR L 486 -35.77 35.39 10.58
N GLN L 487 -35.99 34.48 11.53
CA GLN L 487 -36.55 33.18 11.18
C GLN L 487 -37.94 33.33 10.57
N LEU L 488 -38.75 34.23 11.12
CA LEU L 488 -40.07 34.49 10.55
C LEU L 488 -39.95 35.04 9.14
N ASN L 489 -39.00 35.94 8.91
CA ASN L 489 -38.79 36.47 7.58
C ASN L 489 -38.34 35.39 6.60
N GLY L 490 -37.58 34.41 7.08
CA GLY L 490 -37.23 33.29 6.24
C GLY L 490 -38.45 32.49 5.82
N LEU L 491 -39.37 32.25 6.75
CA LEU L 491 -40.64 31.65 6.41
C LEU L 491 -41.42 32.53 5.44
N ASN L 492 -41.36 33.85 5.64
CA ASN L 492 -42.01 34.77 4.72
C ASN L 492 -41.36 34.74 3.35
N TRP L 493 -40.05 34.52 3.30
CA TRP L 493 -39.36 34.27 2.04
C TRP L 493 -39.92 33.04 1.33
N LEU L 494 -39.99 31.92 2.05
CA LEU L 494 -40.35 30.67 1.40
C LEU L 494 -41.77 30.70 0.89
N ALA L 495 -42.69 31.29 1.66
CA ALA L 495 -44.07 31.40 1.21
C ALA L 495 -44.18 32.34 0.01
N HIS L 496 -43.47 33.47 0.03
CA HIS L 496 -43.49 34.37 -1.11
C HIS L 496 -42.95 33.69 -2.36
N SER L 497 -41.91 32.87 -2.20
CA SER L 497 -41.31 32.21 -3.34
C SER L 497 -42.29 31.24 -4.00
N TRP L 498 -43.04 30.48 -3.19
CA TRP L 498 -44.02 29.57 -3.78
C TRP L 498 -45.21 30.33 -4.37
N CYS L 499 -45.56 31.48 -3.77
CA CYS L 499 -46.63 32.29 -4.35
C CYS L 499 -46.24 32.77 -5.74
N LYS L 500 -44.96 33.10 -5.95
CA LYS L 500 -44.43 33.34 -7.28
C LYS L 500 -44.15 32.05 -8.04
N GLY L 501 -44.21 30.90 -7.37
CA GLY L 501 -43.90 29.63 -7.97
C GLY L 501 -42.42 29.30 -8.04
N ASN L 502 -41.57 30.15 -7.47
CA ASN L 502 -40.14 29.97 -7.60
C ASN L 502 -39.63 28.98 -6.56
N SER L 503 -38.41 28.50 -6.78
CA SER L 503 -37.74 27.57 -5.89
C SER L 503 -36.68 28.29 -5.08
N CYS L 504 -36.14 27.61 -4.08
CA CYS L 504 -35.28 28.25 -3.08
C CYS L 504 -34.02 27.45 -2.81
N ILE L 505 -32.92 28.18 -2.59
CA ILE L 505 -31.71 27.63 -2.00
C ILE L 505 -31.52 28.33 -0.66
N LEU L 506 -31.61 27.58 0.43
CA LEU L 506 -31.54 28.16 1.77
C LEU L 506 -30.06 28.39 2.11
N ALA L 507 -29.54 29.50 1.61
CA ALA L 507 -28.12 29.85 1.80
C ALA L 507 -27.91 30.64 3.10
N ASP L 508 -28.45 30.11 4.20
CA ASP L 508 -28.20 30.73 5.50
C ASP L 508 -26.76 30.46 5.93
N GLU L 509 -26.16 31.47 6.57
CA GLU L 509 -24.77 31.39 7.01
C GLU L 509 -24.67 30.51 8.26
N MET L 510 -24.88 29.19 8.02
CA MET L 510 -24.70 28.10 8.99
C MET L 510 -25.19 28.45 10.40
N GLY L 511 -26.22 29.29 10.48
CA GLY L 511 -26.86 29.59 11.75
C GLY L 511 -27.88 28.53 12.11
N LEU L 512 -28.76 28.90 13.04
CA LEU L 512 -29.79 27.97 13.48
C LEU L 512 -30.85 27.72 12.41
N GLY L 513 -30.86 28.52 11.34
CA GLY L 513 -31.86 28.39 10.28
C GLY L 513 -31.79 27.12 9.46
N LYS L 514 -30.90 26.21 9.81
CA LYS L 514 -30.82 24.94 9.10
C LYS L 514 -32.09 24.13 9.26
N THR L 515 -32.47 23.85 10.51
CA THR L 515 -33.60 22.96 10.78
C THR L 515 -34.88 23.72 11.14
N ILE L 516 -34.80 24.62 12.14
CA ILE L 516 -36.02 25.13 12.78
C ILE L 516 -36.92 25.84 11.78
N GLN L 517 -36.34 26.73 10.96
CA GLN L 517 -37.16 27.44 9.99
C GLN L 517 -37.52 26.57 8.79
N THR L 518 -36.80 25.46 8.58
CA THR L 518 -37.12 24.59 7.46
C THR L 518 -38.33 23.72 7.74
N ILE L 519 -38.35 23.04 8.89
CA ILE L 519 -39.47 22.17 9.21
C ILE L 519 -40.74 22.98 9.41
N SER L 520 -40.62 24.19 9.97
CA SER L 520 -41.80 25.01 10.22
C SER L 520 -42.46 25.44 8.92
N PHE L 521 -41.66 25.65 7.86
CA PHE L 521 -42.24 26.10 6.60
C PHE L 521 -43.18 25.08 6.00
N LEU L 522 -42.95 23.79 6.23
CA LEU L 522 -43.86 22.78 5.73
C LEU L 522 -45.23 22.87 6.38
N ASN L 523 -45.33 23.56 7.53
CA ASN L 523 -46.64 23.78 8.14
C ASN L 523 -47.49 24.72 7.29
N TYR L 524 -46.85 25.52 6.44
CA TYR L 524 -47.58 26.47 5.60
C TYR L 524 -48.58 25.76 4.70
N LEU L 525 -48.17 24.64 4.11
CA LEU L 525 -49.05 23.88 3.22
C LEU L 525 -49.96 22.89 3.94
N PHE L 526 -49.79 22.68 5.25
CA PHE L 526 -50.58 21.66 5.92
C PHE L 526 -51.52 22.27 6.94
N HIS L 527 -50.96 23.04 7.89
CA HIS L 527 -51.75 23.50 9.02
C HIS L 527 -52.46 24.81 8.76
N GLU L 528 -52.01 25.59 7.78
CA GLU L 528 -52.77 26.78 7.33
C GLU L 528 -53.66 26.40 6.15
N HIS L 529 -53.06 25.89 5.08
CA HIS L 529 -53.77 25.68 3.82
C HIS L 529 -54.38 24.29 3.68
N GLN L 530 -53.92 23.31 4.45
CA GLN L 530 -54.31 21.91 4.31
C GLN L 530 -54.05 21.37 2.89
N LEU L 531 -53.15 22.01 2.15
CA LEU L 531 -52.72 21.52 0.85
C LEU L 531 -51.57 20.52 1.01
N TYR L 532 -51.81 19.49 1.81
CA TYR L 532 -50.77 18.58 2.30
C TYR L 532 -50.49 17.45 1.31
N GLY L 533 -49.57 17.75 0.38
CA GLY L 533 -49.00 16.71 -0.42
C GLY L 533 -47.95 15.92 0.33
N PRO L 534 -47.28 15.00 -0.36
CA PRO L 534 -46.22 14.21 0.28
C PRO L 534 -44.91 14.99 0.31
N PHE L 535 -44.26 15.01 1.47
CA PHE L 535 -43.02 15.76 1.68
C PHE L 535 -41.86 14.80 1.88
N LEU L 536 -40.76 15.04 1.16
CA LEU L 536 -39.50 14.33 1.32
C LEU L 536 -38.43 15.25 1.88
N LEU L 537 -37.69 14.76 2.87
CA LEU L 537 -36.47 15.41 3.35
C LEU L 537 -35.36 14.38 3.42
N VAL L 538 -34.34 14.56 2.59
CA VAL L 538 -33.17 13.68 2.56
C VAL L 538 -32.09 14.36 3.40
N VAL L 539 -31.85 13.84 4.59
CA VAL L 539 -30.87 14.42 5.51
C VAL L 539 -29.76 13.41 5.76
N PRO L 540 -28.53 13.85 6.02
CA PRO L 540 -27.44 12.90 6.30
C PRO L 540 -27.69 12.17 7.62
N LEU L 541 -27.12 10.97 7.71
CA LEU L 541 -27.32 10.13 8.89
C LEU L 541 -26.82 10.81 10.16
N SER L 542 -25.78 11.64 10.06
CA SER L 542 -25.23 12.30 11.25
C SER L 542 -26.23 13.25 11.86
N THR L 543 -27.06 13.91 11.05
CA THR L 543 -28.02 14.89 11.52
C THR L 543 -29.45 14.36 11.57
N LEU L 544 -29.65 13.07 11.31
CA LEU L 544 -31.01 12.54 11.24
C LEU L 544 -31.69 12.57 12.60
N THR L 545 -30.96 12.28 13.67
CA THR L 545 -31.56 12.29 15.00
C THR L 545 -32.06 13.68 15.37
N SER L 546 -31.31 14.72 15.00
CA SER L 546 -31.77 16.08 15.25
C SER L 546 -33.01 16.41 14.45
N TRP L 547 -33.00 16.07 13.16
CA TRP L 547 -34.17 16.32 12.32
C TRP L 547 -35.40 15.56 12.82
N GLN L 548 -35.20 14.33 13.30
CA GLN L 548 -36.31 13.54 13.81
C GLN L 548 -36.77 13.99 15.19
N ARG L 549 -35.91 14.66 15.95
CA ARG L 549 -36.33 15.16 17.25
C ARG L 549 -37.12 16.47 17.13
N GLU L 550 -36.73 17.32 16.18
CA GLU L 550 -37.40 18.61 16.01
C GLU L 550 -38.61 18.55 15.07
N ILE L 551 -38.82 17.42 14.37
CA ILE L 551 -40.07 17.26 13.63
C ILE L 551 -41.21 16.89 14.56
N GLN L 552 -40.90 16.45 15.78
CA GLN L 552 -41.90 16.19 16.81
C GLN L 552 -42.05 17.36 17.77
N THR L 553 -40.95 17.95 18.23
CA THR L 553 -41.05 19.11 19.11
C THR L 553 -41.77 20.27 18.41
N TRP L 554 -41.28 20.65 17.24
CA TRP L 554 -42.03 21.56 16.38
C TRP L 554 -42.80 20.76 15.35
N ALA L 555 -43.92 21.31 14.89
CA ALA L 555 -44.82 20.64 13.96
C ALA L 555 -45.27 19.28 14.51
N SER L 556 -45.61 19.25 15.80
CA SER L 556 -45.92 17.99 16.47
C SER L 556 -47.06 17.25 15.79
N GLN L 557 -47.99 17.96 15.17
CA GLN L 557 -49.12 17.33 14.52
C GLN L 557 -48.71 16.83 13.14
N MET L 558 -47.69 15.97 13.10
CA MET L 558 -47.13 15.48 11.85
C MET L 558 -46.78 14.01 12.05
N ASN L 559 -46.70 13.26 10.95
CA ASN L 559 -46.19 11.89 10.99
C ASN L 559 -44.94 11.79 10.13
N ALA L 560 -44.04 10.86 10.49
CA ALA L 560 -42.69 10.82 9.92
C ALA L 560 -42.23 9.37 9.81
N VAL L 561 -42.21 8.84 8.58
CA VAL L 561 -41.66 7.51 8.36
C VAL L 561 -40.15 7.61 8.17
N VAL L 562 -39.39 7.29 9.21
CA VAL L 562 -37.94 7.24 9.07
C VAL L 562 -37.58 6.03 8.22
N TYR L 563 -37.04 6.29 7.04
CA TYR L 563 -36.75 5.23 6.07
C TYR L 563 -35.32 4.74 6.21
N LEU L 564 -34.99 4.23 7.40
CA LEU L 564 -33.66 3.72 7.70
C LEU L 564 -33.67 2.19 7.78
N GLY L 565 -32.50 1.63 8.04
CA GLY L 565 -32.37 0.23 8.40
C GLY L 565 -32.10 -0.67 7.21
N ASP L 566 -31.93 -1.96 7.53
CA ASP L 566 -31.71 -3.02 6.56
C ASP L 566 -32.94 -3.24 5.68
N ILE L 567 -32.82 -4.14 4.69
CA ILE L 567 -33.90 -4.36 3.73
C ILE L 567 -35.17 -4.82 4.44
N ASN L 568 -35.04 -5.56 5.53
CA ASN L 568 -36.22 -5.99 6.29
C ASN L 568 -36.93 -4.78 6.89
N SER L 569 -36.18 -3.82 7.41
CA SER L 569 -36.78 -2.64 8.02
C SER L 569 -37.59 -1.85 6.99
N ARG L 570 -37.04 -1.69 5.78
CA ARG L 570 -37.75 -0.96 4.74
C ARG L 570 -38.93 -1.76 4.19
N ASN L 571 -38.82 -3.10 4.17
CA ASN L 571 -39.97 -3.92 3.82
C ASN L 571 -41.11 -3.73 4.81
N MET L 572 -40.78 -3.66 6.11
CA MET L 572 -41.79 -3.37 7.12
C MET L 572 -42.37 -1.97 6.94
N ILE L 573 -41.55 -1.03 6.48
CA ILE L 573 -42.05 0.32 6.21
C ILE L 573 -43.12 0.28 5.11
N ARG L 574 -42.87 -0.49 4.05
CA ARG L 574 -43.74 -0.44 2.88
C ARG L 574 -45.06 -1.16 3.13
N THR L 575 -45.00 -2.33 3.76
CA THR L 575 -46.22 -3.10 3.96
C THR L 575 -47.12 -2.49 5.02
N HIS L 576 -46.55 -1.82 6.01
CA HIS L 576 -47.32 -1.51 7.22
C HIS L 576 -47.54 -0.04 7.51
N GLU L 577 -46.74 0.87 6.97
CA GLU L 577 -46.90 2.30 7.23
C GLU L 577 -46.93 3.15 5.97
N TRP L 578 -46.58 2.59 4.81
CA TRP L 578 -46.45 3.42 3.61
C TRP L 578 -47.79 3.92 3.09
N THR L 579 -48.83 3.04 2.99
CA THR L 579 -50.16 3.44 2.51
C THR L 579 -51.20 2.73 3.40
N HIS L 580 -51.61 3.41 4.48
CA HIS L 580 -52.54 2.78 5.41
C HIS L 580 -53.91 2.55 4.79
N HIS L 581 -54.46 3.54 4.09
CA HIS L 581 -55.88 3.51 3.77
C HIS L 581 -56.13 2.54 2.62
N GLN L 582 -55.59 2.82 1.44
CA GLN L 582 -55.78 1.92 0.29
C GLN L 582 -54.65 2.20 -0.70
N THR L 583 -54.82 1.70 -1.93
CA THR L 583 -53.80 1.84 -2.96
C THR L 583 -53.53 3.31 -3.28
N LYS L 584 -52.25 3.70 -3.21
CA LYS L 584 -51.73 5.00 -3.62
C LYS L 584 -52.31 6.18 -2.83
N ARG L 585 -53.07 5.94 -1.75
CA ARG L 585 -53.45 7.02 -0.85
C ARG L 585 -52.48 7.06 0.33
N LEU L 586 -51.31 7.64 0.05
CA LEU L 586 -50.22 7.71 1.01
C LEU L 586 -50.68 8.31 2.34
N LYS L 587 -50.14 7.79 3.43
CA LYS L 587 -50.47 8.28 4.77
C LYS L 587 -49.28 8.90 5.48
N PHE L 588 -48.12 9.02 4.83
CA PHE L 588 -46.99 9.69 5.45
C PHE L 588 -46.99 11.15 5.04
N ASN L 589 -46.84 12.03 6.03
CA ASN L 589 -46.71 13.45 5.73
C ASN L 589 -45.27 13.79 5.34
N ILE L 590 -44.32 13.36 6.16
CA ILE L 590 -42.90 13.57 5.91
C ILE L 590 -42.21 12.22 6.08
N LEU L 591 -41.14 12.00 5.32
CA LEU L 591 -40.26 10.86 5.53
C LEU L 591 -38.82 11.30 5.45
N LEU L 592 -38.00 10.78 6.36
CA LEU L 592 -36.58 11.10 6.44
C LEU L 592 -35.75 9.91 5.95
N THR L 593 -34.87 10.18 4.98
CA THR L 593 -34.02 9.15 4.41
C THR L 593 -32.62 9.71 4.24
N THR L 594 -31.62 8.84 4.38
CA THR L 594 -30.24 9.25 4.18
C THR L 594 -29.90 9.33 2.69
N TYR L 595 -28.79 9.95 2.38
CA TYR L 595 -28.53 10.01 0.96
C TYR L 595 -28.17 8.59 0.52
N GLU L 596 -27.71 7.77 1.46
CA GLU L 596 -27.16 6.44 1.06
C GLU L 596 -28.28 5.51 0.64
N ILE L 597 -29.39 5.59 1.32
CA ILE L 597 -30.59 4.77 1.12
C ILE L 597 -31.40 5.25 -0.09
N LEU L 598 -31.40 6.57 -0.35
CA LEU L 598 -32.12 7.08 -1.51
C LEU L 598 -31.60 6.48 -2.80
N LEU L 599 -30.29 6.21 -2.88
CA LEU L 599 -29.74 5.59 -4.08
C LEU L 599 -30.09 4.12 -4.18
N LYS L 600 -30.28 3.44 -3.05
CA LYS L 600 -30.56 2.01 -3.07
C LYS L 600 -31.99 1.73 -3.52
N ASP L 601 -32.95 2.50 -3.02
CA ASP L 601 -34.37 2.33 -3.30
C ASP L 601 -34.91 3.46 -4.16
N LYS L 602 -34.13 3.90 -5.16
CA LYS L 602 -34.52 5.05 -5.97
C LYS L 602 -35.86 4.83 -6.67
N ALA L 603 -36.21 3.58 -6.97
CA ALA L 603 -37.45 3.32 -7.69
C ALA L 603 -38.67 3.62 -6.84
N PHE L 604 -38.75 3.01 -5.65
CA PHE L 604 -39.93 3.16 -4.83
C PHE L 604 -40.11 4.59 -4.33
N LEU L 605 -39.01 5.28 -4.01
CA LEU L 605 -39.09 6.64 -3.51
C LEU L 605 -39.40 7.63 -4.61
N GLY L 606 -38.99 7.34 -5.85
CA GLY L 606 -39.20 8.24 -6.96
C GLY L 606 -40.50 8.08 -7.72
N GLY L 607 -41.33 7.11 -7.34
CA GLY L 607 -42.58 6.85 -8.04
C GLY L 607 -43.74 7.70 -7.63
N LEU L 608 -43.54 8.63 -6.70
CA LEU L 608 -44.62 9.44 -6.15
C LEU L 608 -44.43 10.90 -6.58
N ASN L 609 -45.53 11.56 -6.92
CA ASN L 609 -45.49 12.97 -7.31
C ASN L 609 -45.31 13.80 -6.05
N TRP L 610 -44.06 14.13 -5.76
CA TRP L 610 -43.74 14.73 -4.48
C TRP L 610 -44.20 16.18 -4.42
N ALA L 611 -44.72 16.57 -3.26
CA ALA L 611 -45.04 17.97 -3.02
C ALA L 611 -43.84 18.78 -2.57
N PHE L 612 -42.81 18.13 -2.04
CA PHE L 612 -41.67 18.83 -1.47
C PHE L 612 -40.52 17.84 -1.31
N ILE L 613 -39.36 18.21 -1.84
CA ILE L 613 -38.11 17.49 -1.60
C ILE L 613 -37.16 18.43 -0.89
N GLY L 614 -36.68 18.03 0.27
CA GLY L 614 -35.70 18.78 1.03
C GLY L 614 -34.38 18.02 1.14
N VAL L 615 -33.28 18.73 0.92
CA VAL L 615 -31.95 18.16 1.05
C VAL L 615 -31.16 19.04 2.00
N ASP L 616 -30.60 18.39 3.02
CA ASP L 616 -29.81 19.15 4.02
C ASP L 616 -28.40 19.24 3.45
N GLU L 617 -27.39 19.43 4.29
CA GLU L 617 -26.03 19.64 3.75
C GLU L 617 -26.07 19.51 2.23
N ALA L 618 -26.50 20.53 1.48
CA ALA L 618 -26.65 20.36 0.04
C ALA L 618 -25.38 20.66 -0.75
N HIS L 619 -24.25 20.95 -0.10
CA HIS L 619 -23.03 21.11 -0.89
C HIS L 619 -22.57 19.79 -1.49
N ARG L 620 -23.15 18.67 -1.06
CA ARG L 620 -22.94 17.40 -1.75
C ARG L 620 -23.48 17.43 -3.17
N LEU L 621 -24.43 18.32 -3.46
CA LEU L 621 -25.03 18.45 -4.78
C LEU L 621 -24.29 19.45 -5.67
N LYS L 622 -23.05 19.80 -5.33
CA LYS L 622 -22.30 20.79 -6.09
C LYS L 622 -21.79 20.26 -7.42
N ASN L 623 -21.97 18.97 -7.71
CA ASN L 623 -21.40 18.37 -8.91
C ASN L 623 -22.49 17.65 -9.67
N ASP L 624 -22.62 17.96 -10.97
CA ASP L 624 -23.61 17.31 -11.82
C ASP L 624 -23.24 15.89 -12.19
N ASP L 625 -22.01 15.46 -11.91
CA ASP L 625 -21.62 14.08 -12.10
C ASP L 625 -22.06 13.19 -10.94
N SER L 626 -22.54 13.78 -9.85
CA SER L 626 -22.98 13.01 -8.70
C SER L 626 -24.20 12.17 -9.03
N LEU L 627 -24.20 10.92 -8.57
CA LEU L 627 -25.35 10.05 -8.78
C LEU L 627 -26.57 10.55 -8.03
N LEU L 628 -26.39 11.11 -6.83
CA LEU L 628 -27.51 11.69 -6.10
C LEU L 628 -28.12 12.85 -6.86
N TYR L 629 -27.27 13.71 -7.43
CA TYR L 629 -27.77 14.82 -8.24
C TYR L 629 -28.55 14.31 -9.44
N LYS L 630 -27.99 13.32 -10.16
CA LYS L 630 -28.67 12.83 -11.36
C LYS L 630 -29.97 12.12 -11.04
N THR L 631 -30.02 11.39 -9.92
CA THR L 631 -31.23 10.67 -9.57
C THR L 631 -32.28 11.58 -8.91
N LEU L 632 -31.83 12.59 -8.16
CA LEU L 632 -32.80 13.50 -7.54
C LEU L 632 -33.42 14.44 -8.56
N ILE L 633 -32.70 14.74 -9.65
CA ILE L 633 -33.27 15.55 -10.73
C ILE L 633 -34.52 14.89 -11.30
N ASP L 634 -34.46 13.57 -11.51
CA ASP L 634 -35.54 12.84 -12.17
C ASP L 634 -36.76 12.62 -11.27
N PHE L 635 -36.71 13.07 -10.03
CA PHE L 635 -37.86 12.95 -9.13
C PHE L 635 -38.85 14.06 -9.43
N LYS L 636 -40.07 13.68 -9.82
CA LYS L 636 -41.11 14.66 -10.08
C LYS L 636 -41.56 15.29 -8.77
N SER L 637 -41.36 16.60 -8.62
CA SER L 637 -41.58 17.26 -7.35
C SER L 637 -42.14 18.66 -7.59
N ASN L 638 -43.15 19.02 -6.79
CA ASN L 638 -43.76 20.34 -6.92
C ASN L 638 -42.82 21.44 -6.47
N HIS L 639 -42.18 21.27 -5.32
CA HIS L 639 -41.31 22.29 -4.76
C HIS L 639 -40.01 21.65 -4.28
N ARG L 640 -38.94 22.44 -4.31
CA ARG L 640 -37.59 21.94 -4.03
C ARG L 640 -36.85 22.96 -3.17
N LEU L 641 -36.19 22.48 -2.11
CA LEU L 641 -35.46 23.36 -1.21
C LEU L 641 -34.12 22.71 -0.87
N LEU L 642 -33.05 23.49 -0.95
CA LEU L 642 -31.71 23.05 -0.60
C LEU L 642 -31.19 23.85 0.59
N ILE L 643 -30.67 23.16 1.60
CA ILE L 643 -30.07 23.78 2.77
C ILE L 643 -28.57 23.60 2.70
N THR L 644 -27.83 24.72 2.81
CA THR L 644 -26.38 24.70 2.78
C THR L 644 -25.83 25.54 3.92
N GLY L 645 -24.62 25.22 4.34
CA GLY L 645 -23.98 25.93 5.43
C GLY L 645 -22.70 26.65 5.04
N THR L 646 -22.59 27.01 3.77
CA THR L 646 -21.42 27.69 3.23
C THR L 646 -21.90 28.86 2.39
N PRO L 647 -21.07 29.88 2.18
CA PRO L 647 -21.42 30.95 1.25
C PRO L 647 -21.38 30.56 -0.22
N LEU L 648 -21.07 29.29 -0.51
CA LEU L 648 -21.14 28.72 -1.86
C LEU L 648 -20.47 29.63 -2.89
N GLN L 649 -19.26 30.09 -2.57
CA GLN L 649 -18.51 31.01 -3.42
C GLN L 649 -17.96 30.36 -4.68
N ASN L 650 -18.04 29.03 -4.80
CA ASN L 650 -17.28 28.32 -5.83
C ASN L 650 -17.75 28.74 -7.22
N SER L 651 -16.91 28.41 -8.21
CA SER L 651 -17.02 28.90 -9.58
C SER L 651 -18.40 28.62 -10.19
N LEU L 652 -18.61 29.20 -11.37
CA LEU L 652 -19.93 29.25 -12.00
C LEU L 652 -20.58 27.88 -12.11
N LYS L 653 -19.79 26.82 -12.32
CA LYS L 653 -20.38 25.51 -12.56
C LYS L 653 -21.06 24.97 -11.31
N GLU L 654 -20.54 25.29 -10.12
CA GLU L 654 -21.23 24.85 -8.91
C GLU L 654 -22.58 25.54 -8.77
N LEU L 655 -22.63 26.85 -9.02
CA LEU L 655 -23.88 27.59 -8.97
C LEU L 655 -24.84 27.13 -10.06
N TRP L 656 -24.30 26.89 -11.26
CA TRP L 656 -25.12 26.46 -12.38
C TRP L 656 -25.79 25.14 -12.06
N SER L 657 -25.05 24.22 -11.43
CA SER L 657 -25.64 22.95 -11.01
C SER L 657 -26.72 23.14 -9.95
N LEU L 658 -26.43 23.94 -8.92
CA LEU L 658 -27.41 24.17 -7.85
C LEU L 658 -28.65 24.86 -8.38
N LEU L 659 -28.47 25.89 -9.21
CA LEU L 659 -29.61 26.58 -9.81
C LEU L 659 -30.42 25.64 -10.68
N HIS L 660 -29.75 24.71 -11.37
CA HIS L 660 -30.47 23.76 -12.22
C HIS L 660 -31.32 22.81 -11.38
N PHE L 661 -30.83 22.41 -10.20
CA PHE L 661 -31.59 21.45 -9.40
C PHE L 661 -32.86 22.07 -8.83
N ILE L 662 -32.78 23.31 -8.34
CA ILE L 662 -33.96 23.96 -7.81
C ILE L 662 -34.91 24.38 -8.92
N MET L 663 -34.37 24.88 -10.04
CA MET L 663 -35.17 25.27 -11.19
C MET L 663 -34.66 24.55 -12.43
N PRO L 664 -35.34 23.52 -12.92
CA PRO L 664 -34.87 22.82 -14.13
C PRO L 664 -35.06 23.59 -15.42
N GLU L 665 -35.69 24.77 -15.37
CA GLU L 665 -36.04 25.53 -16.57
C GLU L 665 -35.39 26.90 -16.55
N LYS L 666 -35.22 27.45 -17.76
CA LYS L 666 -34.78 28.83 -17.99
C LYS L 666 -33.37 29.10 -17.48
N PHE L 667 -32.63 28.05 -17.12
CA PHE L 667 -31.25 28.18 -16.70
C PHE L 667 -30.41 27.03 -17.26
N SER L 668 -30.74 26.56 -18.46
CA SER L 668 -30.26 25.27 -18.93
C SER L 668 -28.85 25.30 -19.50
N SER L 669 -28.33 26.45 -19.95
CA SER L 669 -27.07 26.42 -20.68
C SER L 669 -26.36 27.77 -20.57
N TRP L 670 -25.07 27.73 -20.88
CA TRP L 670 -24.25 28.95 -20.88
C TRP L 670 -24.60 29.86 -22.06
N GLU L 671 -25.06 29.29 -23.17
CA GLU L 671 -25.33 30.09 -24.36
C GLU L 671 -26.39 31.15 -24.09
N ASP L 672 -27.42 30.79 -23.33
CA ASP L 672 -28.47 31.72 -22.93
C ASP L 672 -28.13 32.48 -21.65
N PHE L 673 -26.90 32.32 -21.14
CA PHE L 673 -26.49 32.86 -19.86
C PHE L 673 -25.26 33.74 -19.95
N GLU L 674 -24.47 33.64 -21.02
CA GLU L 674 -23.19 34.35 -21.10
C GLU L 674 -23.36 35.86 -20.97
N GLU L 675 -24.46 36.41 -21.47
CA GLU L 675 -24.66 37.86 -21.40
C GLU L 675 -24.72 38.34 -19.95
N GLU L 676 -25.18 37.48 -19.03
CA GLU L 676 -25.30 37.86 -17.64
C GLU L 676 -24.11 37.44 -16.79
N HIS L 677 -23.59 36.22 -16.97
CA HIS L 677 -22.51 35.75 -16.11
C HIS L 677 -21.15 36.21 -16.58
N GLY L 678 -21.07 36.84 -17.76
CA GLY L 678 -19.80 37.30 -18.30
C GLY L 678 -19.04 38.19 -17.33
N LYS L 679 -17.99 37.64 -16.74
CA LYS L 679 -17.20 38.28 -15.71
C LYS L 679 -16.16 39.22 -16.34
N GLY L 680 -15.41 39.88 -15.47
CA GLY L 680 -14.43 40.87 -15.89
C GLY L 680 -14.98 42.26 -16.11
N ARG L 681 -16.24 42.49 -15.77
CA ARG L 681 -16.90 43.77 -15.98
C ARG L 681 -17.29 44.36 -14.64
N GLU L 682 -16.90 45.62 -14.41
CA GLU L 682 -17.30 46.29 -13.18
C GLU L 682 -18.79 46.53 -13.12
N TYR L 683 -19.40 46.88 -14.27
CA TYR L 683 -20.86 46.96 -14.35
C TYR L 683 -21.52 45.60 -14.17
N GLY L 684 -20.77 44.51 -14.35
CA GLY L 684 -21.31 43.19 -14.13
C GLY L 684 -21.54 42.86 -12.67
N TYR L 685 -20.93 43.61 -11.75
CA TYR L 685 -21.17 43.42 -10.33
C TYR L 685 -22.60 43.73 -9.92
N ALA L 686 -23.36 44.44 -10.76
CA ALA L 686 -24.76 44.70 -10.47
C ALA L 686 -25.63 43.45 -10.64
N SER L 687 -25.08 42.39 -11.20
CA SER L 687 -25.79 41.15 -11.44
C SER L 687 -25.13 39.96 -10.77
N LEU L 688 -23.79 39.92 -10.73
CA LEU L 688 -23.09 38.82 -10.08
C LEU L 688 -23.47 38.72 -8.62
N HIS L 689 -24.19 37.65 -8.29
CA HIS L 689 -24.69 37.41 -6.93
C HIS L 689 -25.57 38.56 -6.44
N LYS L 690 -26.15 39.32 -7.38
CA LYS L 690 -27.14 40.32 -7.01
C LYS L 690 -28.48 40.08 -7.71
N GLU L 691 -28.43 39.86 -9.03
CA GLU L 691 -29.63 39.74 -9.85
C GLU L 691 -29.95 38.26 -10.09
N LEU L 692 -30.41 37.61 -9.02
CA LEU L 692 -30.73 36.19 -9.03
C LEU L 692 -32.17 36.02 -8.52
N GLU L 693 -33.09 35.82 -9.46
CA GLU L 693 -34.51 35.68 -9.16
C GLU L 693 -34.84 34.35 -8.47
N PRO L 694 -34.18 33.22 -8.82
CA PRO L 694 -34.28 32.03 -7.94
C PRO L 694 -33.54 32.30 -6.65
N PHE L 695 -34.18 33.05 -5.78
CA PHE L 695 -33.47 33.76 -4.74
C PHE L 695 -32.80 32.77 -3.80
N LEU L 696 -31.63 33.15 -3.33
CA LEU L 696 -30.97 32.57 -2.16
C LEU L 696 -31.03 33.61 -1.06
N LEU L 697 -31.23 33.19 0.18
CA LEU L 697 -31.26 34.15 1.27
C LEU L 697 -29.93 34.86 1.40
N ARG L 698 -28.83 34.09 1.42
CA ARG L 698 -27.48 34.62 1.62
C ARG L 698 -27.41 35.55 2.83
N ARG L 699 -28.34 35.39 3.76
CA ARG L 699 -28.50 36.32 4.86
C ARG L 699 -27.38 36.12 5.86
N VAL L 700 -26.47 37.10 5.94
CA VAL L 700 -25.20 36.95 6.66
C VAL L 700 -25.39 37.13 8.16
N LYS L 701 -24.34 36.80 8.92
CA LYS L 701 -24.34 36.99 10.36
C LYS L 701 -24.55 38.46 10.74
N LYS L 702 -23.92 39.37 9.97
CA LYS L 702 -23.97 40.79 10.31
C LYS L 702 -25.39 41.35 10.24
N ASP L 703 -26.29 40.73 9.48
CA ASP L 703 -27.65 41.24 9.38
C ASP L 703 -28.50 40.82 10.57
N VAL L 704 -28.31 39.59 11.06
CA VAL L 704 -29.18 39.07 12.11
C VAL L 704 -28.72 39.52 13.49
N GLU L 705 -27.41 39.54 13.73
CA GLU L 705 -26.90 39.87 15.05
C GLU L 705 -26.90 41.38 15.25
N LYS L 706 -27.48 41.83 16.37
CA LYS L 706 -27.68 43.25 16.62
C LYS L 706 -27.22 43.68 18.01
N SER L 707 -26.66 42.78 18.81
CA SER L 707 -26.23 43.11 20.16
C SER L 707 -24.82 42.61 20.47
N LEU L 708 -24.08 42.16 19.47
CA LEU L 708 -22.72 41.69 19.71
C LEU L 708 -21.77 42.88 19.81
N PRO L 709 -20.87 42.90 20.80
CA PRO L 709 -19.90 43.98 20.90
C PRO L 709 -18.96 44.02 19.70
N ALA L 710 -18.31 45.17 19.52
CA ALA L 710 -17.41 45.35 18.39
C ALA L 710 -16.21 44.41 18.49
N LYS L 711 -15.59 44.17 17.34
CA LYS L 711 -14.49 43.22 17.23
C LYS L 711 -13.29 43.89 16.57
N VAL L 712 -12.10 43.52 17.03
CA VAL L 712 -10.84 43.96 16.46
C VAL L 712 -9.91 42.77 16.38
N GLU L 713 -9.24 42.62 15.24
CA GLU L 713 -8.29 41.52 15.04
C GLU L 713 -6.95 41.92 15.63
N GLN L 714 -6.60 41.32 16.77
CA GLN L 714 -5.37 41.67 17.46
C GLN L 714 -4.17 41.07 16.72
N ILE L 715 -3.19 41.93 16.43
CA ILE L 715 -1.96 41.51 15.75
C ILE L 715 -0.82 41.82 16.69
N LEU L 716 -0.22 40.79 17.28
CA LEU L 716 0.86 40.97 18.25
C LEU L 716 2.21 40.94 17.54
N ARG L 717 2.45 41.98 16.73
CA ARG L 717 3.72 42.10 16.05
C ARG L 717 4.84 42.37 17.06
N MET L 718 5.97 41.69 16.87
CA MET L 718 7.06 41.76 17.83
C MET L 718 8.37 41.42 17.13
N GLU L 719 9.47 41.72 17.82
CA GLU L 719 10.80 41.36 17.33
C GLU L 719 11.02 39.85 17.46
N MET L 720 12.15 39.40 16.92
CA MET L 720 12.48 37.98 16.87
C MET L 720 13.42 37.59 18.00
N SER L 721 13.22 36.41 18.56
CA SER L 721 14.11 35.87 19.57
C SER L 721 15.48 35.57 18.98
N ALA L 722 16.48 35.44 19.86
CA ALA L 722 17.83 35.18 19.41
C ALA L 722 17.95 33.85 18.67
N LEU L 723 17.32 32.79 19.21
CA LEU L 723 17.36 31.50 18.55
C LEU L 723 16.68 31.56 17.19
N GLN L 724 15.52 32.22 17.12
CA GLN L 724 14.83 32.37 15.84
C GLN L 724 15.69 33.12 14.82
N LYS L 725 16.35 34.19 15.27
CA LYS L 725 17.21 34.96 14.38
C LYS L 725 18.33 34.09 13.80
N GLN L 726 18.96 33.27 14.65
CA GLN L 726 20.04 32.40 14.16
C GLN L 726 19.51 31.37 13.17
N TYR L 727 18.35 30.77 13.46
CA TYR L 727 17.80 29.77 12.55
C TYR L 727 17.27 30.44 11.28
N TYR L 728 16.67 31.62 11.40
CA TYR L 728 16.28 32.38 10.22
C TYR L 728 17.49 32.71 9.36
N LYS L 729 18.61 33.07 10.00
CA LYS L 729 19.85 33.28 9.26
C LYS L 729 20.35 31.97 8.65
N TRP L 730 20.22 30.87 9.38
CA TRP L 730 20.69 29.58 8.88
C TRP L 730 19.98 29.21 7.58
N ILE L 731 18.66 29.37 7.54
CA ILE L 731 17.90 29.01 6.35
C ILE L 731 18.31 29.89 5.17
N LEU L 732 18.32 31.21 5.38
CA LEU L 732 18.56 32.13 4.27
C LEU L 732 19.94 31.94 3.66
N THR L 733 20.96 31.78 4.50
CA THR L 733 22.31 31.62 3.99
C THR L 733 22.50 30.28 3.29
N ARG L 734 21.70 29.27 3.67
CA ARG L 734 21.78 27.97 3.00
C ARG L 734 21.34 28.06 1.55
N ASN L 735 20.29 28.84 1.28
CA ASN L 735 19.66 28.87 -0.04
C ASN L 735 20.14 30.02 -0.90
N TYR L 736 21.33 30.56 -0.63
CA TYR L 736 21.83 31.68 -1.44
C TYR L 736 21.98 31.28 -2.91
N LYS L 737 22.48 30.06 -3.16
CA LYS L 737 22.73 29.63 -4.53
C LYS L 737 21.47 29.54 -5.36
N ALA L 738 20.31 29.33 -4.73
CA ALA L 738 19.05 29.36 -5.46
C ALA L 738 18.56 30.79 -5.67
N LEU L 739 18.69 31.62 -4.63
CA LEU L 739 18.20 33.00 -4.71
C LEU L 739 18.94 33.84 -5.73
N SER L 740 20.15 33.45 -6.12
CA SER L 740 20.93 34.25 -7.05
C SER L 740 20.29 34.37 -8.42
N LYS L 741 19.41 33.43 -8.78
CA LYS L 741 18.76 33.46 -10.09
C LYS L 741 17.82 34.65 -10.24
N GLY L 742 17.28 35.18 -9.15
CA GLY L 742 16.39 36.32 -9.25
C GLY L 742 15.16 36.02 -10.08
N SER L 743 14.90 36.89 -11.06
CA SER L 743 13.74 36.72 -11.94
C SER L 743 13.80 35.41 -12.71
N LYS L 744 14.99 34.87 -12.92
CA LYS L 744 15.16 33.60 -13.63
C LYS L 744 15.04 32.40 -12.69
N GLY L 745 14.60 32.60 -11.45
CA GLY L 745 14.45 31.51 -10.50
C GLY L 745 13.26 30.62 -10.77
N SER L 746 12.80 29.89 -9.75
CA SER L 746 11.64 29.02 -9.86
C SER L 746 10.61 29.39 -8.81
N THR L 747 9.34 29.47 -9.22
CA THR L 747 8.26 29.72 -8.27
C THR L 747 8.22 28.64 -7.21
N SER L 748 8.39 27.38 -7.60
CA SER L 748 8.46 26.30 -6.63
C SER L 748 9.74 26.37 -5.81
N GLY L 749 10.80 26.93 -6.37
CA GLY L 749 12.03 27.16 -5.63
C GLY L 749 11.82 28.08 -4.45
N PHE L 750 11.22 29.24 -4.71
CA PHE L 750 10.93 30.19 -3.64
C PHE L 750 9.96 29.59 -2.62
N LEU L 751 8.90 28.93 -3.10
CA LEU L 751 7.84 28.48 -2.20
C LEU L 751 8.38 27.53 -1.15
N ASN L 752 9.33 26.67 -1.52
CA ASN L 752 9.98 25.83 -0.53
C ASN L 752 10.72 26.67 0.49
N ILE L 753 11.46 27.68 0.03
CA ILE L 753 12.21 28.54 0.95
C ILE L 753 11.26 29.27 1.88
N MET L 754 10.20 29.85 1.32
CA MET L 754 9.22 30.56 2.15
C MET L 754 8.51 29.60 3.11
N MET L 755 8.19 28.39 2.64
CA MET L 755 7.64 27.40 3.55
C MET L 755 8.61 27.04 4.65
N GLU L 756 9.90 26.97 4.32
CA GLU L 756 10.92 26.67 5.32
C GLU L 756 11.06 27.80 6.33
N LEU L 757 11.11 29.04 5.84
CA LEU L 757 11.21 30.18 6.74
C LEU L 757 9.98 30.32 7.64
N LYS L 758 8.81 29.89 7.16
CA LYS L 758 7.62 29.95 8.01
C LYS L 758 7.78 29.09 9.25
N LYS L 759 8.66 28.08 9.19
CA LYS L 759 9.02 27.34 10.39
C LYS L 759 9.76 28.20 11.41
N CYS L 760 10.24 29.38 11.01
CA CYS L 760 10.85 30.31 11.93
C CYS L 760 9.85 31.29 12.53
N CYS L 761 8.74 31.55 11.83
CA CYS L 761 7.62 32.24 12.47
C CYS L 761 7.03 31.36 13.57
N ASN L 762 6.88 30.07 13.29
CA ASN L 762 6.68 29.09 14.34
C ASN L 762 7.98 28.90 15.10
N HIS L 763 7.91 28.18 16.20
CA HIS L 763 9.07 28.08 17.06
C HIS L 763 10.13 27.17 16.46
N CYS L 764 11.36 27.32 16.94
CA CYS L 764 12.57 26.74 16.36
C CYS L 764 12.52 25.23 16.12
N TYR L 765 11.85 24.49 16.99
CA TYR L 765 12.01 23.04 17.02
C TYR L 765 11.51 22.34 15.75
N LEU L 766 10.77 23.03 14.89
CA LEU L 766 10.50 22.47 13.56
C LEU L 766 11.76 22.39 12.72
N ILE L 767 12.75 23.25 12.97
CA ILE L 767 13.98 23.26 12.18
C ILE L 767 15.00 22.27 12.74
N LYS L 768 15.27 22.34 14.04
CA LYS L 768 16.12 21.37 14.72
C LYS L 768 15.73 21.28 16.19
N PRO L 769 15.28 20.12 16.64
CA PRO L 769 14.78 19.98 18.01
C PRO L 769 15.89 20.19 19.02
N PRO L 770 15.54 20.48 20.27
CA PRO L 770 16.56 20.66 21.31
C PRO L 770 17.13 19.33 21.77
N ASP L 771 18.24 19.43 22.51
CA ASP L 771 18.94 18.24 23.00
C ASP L 771 18.09 17.51 24.03
N ASN L 772 17.91 16.20 23.81
CA ASN L 772 17.07 15.40 24.70
C ASN L 772 17.66 15.32 26.10
N ASN L 773 18.99 15.18 26.20
CA ASN L 773 19.62 14.99 27.51
C ASN L 773 19.34 16.14 28.46
N GLU L 774 19.14 17.35 27.93
CA GLU L 774 18.82 18.51 28.75
C GLU L 774 17.32 18.83 28.77
N PHE L 775 16.62 18.60 27.66
CA PHE L 775 15.20 18.95 27.58
C PHE L 775 14.36 18.08 28.51
N TYR L 776 14.78 16.86 28.79
CA TYR L 776 13.99 15.95 29.62
C TYR L 776 13.95 16.39 31.08
N ASN L 777 14.89 17.22 31.52
CA ASN L 777 14.96 17.64 32.91
C ASN L 777 13.93 18.74 33.15
N LYS L 778 12.84 18.39 33.83
CA LYS L 778 11.83 19.38 34.17
C LYS L 778 12.37 20.45 35.11
N GLN L 779 13.44 20.15 35.85
CA GLN L 779 14.10 21.17 36.65
C GLN L 779 14.74 22.25 35.79
N GLU L 780 14.96 21.97 34.50
CA GLU L 780 15.49 22.94 33.56
C GLU L 780 14.57 23.21 32.37
N ALA L 781 13.56 22.35 32.14
CA ALA L 781 12.65 22.55 31.02
C ALA L 781 11.81 23.81 31.19
N LEU L 782 11.47 24.17 32.42
CA LEU L 782 10.71 25.40 32.65
C LEU L 782 11.51 26.63 32.23
N GLN L 783 12.82 26.64 32.55
CA GLN L 783 13.68 27.71 32.07
C GLN L 783 13.81 27.66 30.54
N HIS L 784 13.90 26.45 29.98
CA HIS L 784 14.00 26.31 28.54
C HIS L 784 12.78 26.90 27.83
N LEU L 785 11.58 26.61 28.35
CA LEU L 785 10.36 27.11 27.73
C LEU L 785 10.29 28.64 27.79
N ILE L 786 10.48 29.20 28.99
CA ILE L 786 10.28 30.63 29.18
C ILE L 786 11.34 31.44 28.44
N ARG L 787 12.58 30.94 28.39
CA ARG L 787 13.63 31.70 27.72
C ARG L 787 13.48 31.64 26.20
N SER L 788 13.07 30.48 25.68
CA SER L 788 12.94 30.32 24.24
C SER L 788 11.68 31.00 23.70
N SER L 789 10.60 30.98 24.46
CA SER L 789 9.28 31.39 23.97
C SER L 789 8.85 32.67 24.68
N GLY L 790 9.27 33.81 24.14
CA GLY L 790 8.74 35.09 24.59
C GLY L 790 7.27 35.28 24.27
N LYS L 791 6.75 34.50 23.32
CA LYS L 791 5.36 34.63 22.89
C LYS L 791 4.36 34.34 24.01
N LEU L 792 4.79 33.66 25.08
CA LEU L 792 3.92 33.26 26.17
C LEU L 792 3.89 34.22 27.35
N ILE L 793 4.79 35.22 27.37
CA ILE L 793 4.97 36.04 28.58
C ILE L 793 3.71 36.82 28.91
N LEU L 794 3.03 37.38 27.90
CA LEU L 794 1.77 38.05 28.18
C LEU L 794 0.62 37.07 28.32
N LEU L 795 0.65 35.98 27.55
CA LEU L 795 -0.42 34.99 27.63
C LEU L 795 -0.50 34.35 29.00
N ASP L 796 0.65 34.20 29.68
CA ASP L 796 0.69 33.56 30.99
C ASP L 796 -0.26 34.22 31.97
N LYS L 797 -0.27 35.56 32.01
CA LYS L 797 -1.19 36.26 32.89
C LYS L 797 -2.63 36.14 32.43
N LEU L 798 -2.85 36.18 31.12
CA LEU L 798 -4.21 35.98 30.60
C LEU L 798 -4.72 34.58 30.91
N LEU L 799 -3.85 33.57 30.79
CA LEU L 799 -4.23 32.20 31.11
C LEU L 799 -4.74 32.09 32.54
N ILE L 800 -3.98 32.63 33.49
CA ILE L 800 -4.36 32.56 34.90
C ILE L 800 -5.62 33.39 35.14
N ARG L 801 -5.69 34.58 34.53
CA ARG L 801 -6.84 35.46 34.76
C ARG L 801 -8.14 34.81 34.27
N LEU L 802 -8.09 34.16 33.12
CA LEU L 802 -9.30 33.55 32.56
C LEU L 802 -9.57 32.15 33.10
N ARG L 803 -8.55 31.44 33.56
CA ARG L 803 -8.79 30.16 34.23
C ARG L 803 -9.52 30.37 35.56
N GLU L 804 -9.19 31.45 36.27
CA GLU L 804 -9.98 31.82 37.44
C GLU L 804 -11.39 32.24 37.03
N ARG L 805 -11.54 32.80 35.83
CA ARG L 805 -12.85 33.21 35.33
C ARG L 805 -13.64 32.05 34.73
N GLY L 806 -12.97 31.00 34.28
CA GLY L 806 -13.63 29.82 33.74
C GLY L 806 -13.67 29.72 32.23
N ASN L 807 -12.80 30.43 31.52
CA ASN L 807 -12.83 30.42 30.06
C ASN L 807 -12.20 29.16 29.50
N ARG L 808 -12.29 29.01 28.17
CA ARG L 808 -11.67 27.90 27.46
C ARG L 808 -11.03 28.45 26.19
N VAL L 809 -10.07 27.71 25.65
CA VAL L 809 -9.19 28.19 24.59
C VAL L 809 -9.23 27.24 23.41
N LEU L 810 -9.21 27.80 22.20
CA LEU L 810 -9.01 27.06 20.96
C LEU L 810 -7.80 27.64 20.23
N ILE L 811 -6.99 26.75 19.66
CA ILE L 811 -5.73 27.16 19.02
C ILE L 811 -5.71 26.60 17.60
N PHE L 812 -5.29 27.43 16.65
CA PHE L 812 -5.22 27.05 15.24
C PHE L 812 -3.79 27.09 14.75
N SER L 813 -3.40 26.07 13.99
CA SER L 813 -2.12 26.05 13.30
C SER L 813 -2.23 25.18 12.07
N GLN L 814 -1.51 25.56 11.02
CA GLN L 814 -1.52 24.77 9.79
C GLN L 814 -0.66 23.52 9.91
N MET L 815 0.51 23.62 10.54
CA MET L 815 1.49 22.55 10.52
C MET L 815 1.11 21.50 11.56
N VAL L 816 0.79 20.29 11.09
CA VAL L 816 0.43 19.20 11.99
C VAL L 816 1.59 18.84 12.91
N ARG L 817 2.82 18.89 12.40
CA ARG L 817 3.98 18.70 13.26
C ARG L 817 4.08 19.79 14.31
N MET L 818 3.74 21.04 13.96
CA MET L 818 3.77 22.13 14.93
C MET L 818 2.69 21.95 15.99
N LEU L 819 1.57 21.36 15.59
CA LEU L 819 0.54 20.94 16.53
C LEU L 819 1.06 19.89 17.50
N ASP L 820 1.89 18.97 16.99
CA ASP L 820 2.51 17.97 17.86
C ASP L 820 3.33 18.64 18.95
N ILE L 821 4.07 19.70 18.58
CA ILE L 821 4.83 20.45 19.58
C ILE L 821 3.89 21.01 20.63
N LEU L 822 2.72 21.52 20.21
CA LEU L 822 1.77 22.08 21.16
C LEU L 822 1.21 21.00 22.08
N ALA L 823 0.94 19.81 21.53
CA ALA L 823 0.44 18.73 22.37
C ALA L 823 1.47 18.35 23.43
N GLU L 824 2.74 18.23 23.02
CA GLU L 824 3.79 17.98 23.99
C GLU L 824 3.94 19.13 24.97
N TYR L 825 3.85 20.37 24.47
CA TYR L 825 3.93 21.53 25.35
C TYR L 825 2.77 21.57 26.33
N LEU L 826 1.56 21.25 25.85
CA LEU L 826 0.40 21.23 26.75
C LEU L 826 0.50 20.11 27.77
N LYS L 827 1.03 18.95 27.36
CA LYS L 827 1.24 17.86 28.32
C LYS L 827 2.23 18.27 29.40
N TYR L 828 3.19 19.14 29.07
CA TYR L 828 4.09 19.68 30.08
C TYR L 828 3.42 20.72 30.95
N ARG L 829 2.51 21.52 30.36
CA ARG L 829 1.79 22.52 31.14
C ARG L 829 0.65 21.90 31.94
N GLN L 830 0.24 20.68 31.60
CA GLN L 830 -0.76 19.90 32.31
C GLN L 830 -2.15 20.55 32.30
N PHE L 831 -2.39 21.50 31.40
CA PHE L 831 -3.77 21.92 31.19
C PHE L 831 -4.52 20.87 30.38
N PRO L 832 -5.76 20.56 30.74
CA PRO L 832 -6.55 19.64 29.92
C PRO L 832 -6.79 20.23 28.54
N PHE L 833 -6.73 19.37 27.52
CA PHE L 833 -6.81 19.84 26.16
C PHE L 833 -7.27 18.70 25.26
N GLN L 834 -7.71 19.09 24.06
CA GLN L 834 -8.12 18.14 23.03
C GLN L 834 -7.40 18.50 21.73
N ARG L 835 -7.51 17.61 20.76
CA ARG L 835 -6.85 17.80 19.47
C ARG L 835 -7.79 17.38 18.36
N LEU L 836 -7.64 18.02 17.20
CA LEU L 836 -8.53 17.77 16.06
C LEU L 836 -7.73 17.92 14.78
N ASP L 837 -7.42 16.80 14.14
CA ASP L 837 -6.74 16.81 12.84
C ASP L 837 -7.20 15.57 12.06
N GLY L 838 -6.71 15.46 10.83
CA GLY L 838 -7.16 14.43 9.92
C GLY L 838 -6.66 13.03 10.20
N SER L 839 -5.72 12.86 11.12
CA SER L 839 -5.17 11.55 11.44
C SER L 839 -5.95 10.83 12.55
N ILE L 840 -6.99 11.45 13.09
CA ILE L 840 -7.77 10.87 14.19
C ILE L 840 -8.93 10.08 13.61
N LYS L 841 -9.17 8.89 14.18
CA LYS L 841 -10.27 8.06 13.74
C LYS L 841 -11.61 8.70 14.09
N GLY L 842 -12.67 8.27 13.40
CA GLY L 842 -13.95 8.93 13.50
C GLY L 842 -14.54 8.90 14.90
N GLU L 843 -14.50 7.73 15.55
CA GLU L 843 -15.11 7.60 16.88
C GLU L 843 -14.42 8.50 17.89
N LEU L 844 -13.07 8.48 17.91
CA LEU L 844 -12.34 9.34 18.83
C LEU L 844 -12.52 10.81 18.46
N ARG L 845 -12.58 11.12 17.17
CA ARG L 845 -12.75 12.50 16.73
C ARG L 845 -14.07 13.08 17.21
N LYS L 846 -15.16 12.31 17.03
CA LYS L 846 -16.48 12.78 17.45
C LYS L 846 -16.55 12.94 18.97
N GLN L 847 -16.00 11.98 19.71
CA GLN L 847 -16.04 12.06 21.17
C GLN L 847 -15.21 13.21 21.69
N ALA L 848 -14.07 13.51 21.06
CA ALA L 848 -13.26 14.66 21.47
C ALA L 848 -14.03 15.96 21.29
N LEU L 849 -14.73 16.10 20.16
CA LEU L 849 -15.57 17.28 19.94
C LEU L 849 -16.71 17.33 20.94
N ASP L 850 -17.35 16.20 21.20
CA ASP L 850 -18.46 16.17 22.15
C ASP L 850 -17.99 16.45 23.57
N HIS L 851 -16.78 16.02 23.92
CA HIS L 851 -16.25 16.29 25.26
C HIS L 851 -16.13 17.79 25.50
N PHE L 852 -15.66 18.54 24.50
CA PHE L 852 -15.55 19.99 24.62
C PHE L 852 -16.89 20.69 24.51
N ASN L 853 -17.86 20.09 23.81
CA ASN L 853 -19.16 20.71 23.60
C ASN L 853 -20.18 20.34 24.69
N ALA L 854 -19.86 19.38 25.55
CA ALA L 854 -20.80 18.96 26.58
C ALA L 854 -21.01 20.09 27.59
N GLU L 855 -22.18 20.05 28.25
CA GLU L 855 -22.49 21.04 29.27
C GLU L 855 -21.50 20.95 30.41
N GLY L 856 -20.96 22.09 30.83
CA GLY L 856 -19.96 22.11 31.86
C GLY L 856 -18.65 21.45 31.47
N SER L 857 -18.23 21.59 30.22
CA SER L 857 -16.99 20.99 29.75
C SER L 857 -15.81 21.55 30.53
N GLU L 858 -14.90 20.66 30.93
CA GLU L 858 -13.76 21.03 31.75
C GLU L 858 -12.45 21.17 30.98
N ASP L 859 -12.37 20.62 29.77
CA ASP L 859 -11.15 20.71 28.99
C ASP L 859 -10.86 22.16 28.61
N PHE L 860 -9.59 22.55 28.72
CA PHE L 860 -9.21 23.95 28.63
C PHE L 860 -8.78 24.38 27.22
N CYS L 861 -8.11 23.50 26.48
CA CYS L 861 -7.56 23.86 25.17
C CYS L 861 -8.04 22.88 24.11
N PHE L 862 -7.83 23.26 22.84
CA PHE L 862 -8.28 22.46 21.70
C PHE L 862 -7.36 22.74 20.52
N LEU L 863 -6.61 21.72 20.09
CA LEU L 863 -5.78 21.81 18.90
C LEU L 863 -6.70 21.61 17.69
N LEU L 864 -7.05 22.72 17.03
CA LEU L 864 -8.02 22.69 15.95
C LEU L 864 -7.32 22.81 14.60
N SER L 865 -8.11 22.55 13.55
CA SER L 865 -7.66 22.65 12.17
C SER L 865 -8.73 23.35 11.35
N THR L 866 -8.32 23.97 10.24
CA THR L 866 -9.25 24.71 9.41
C THR L 866 -10.25 23.77 8.73
N ARG L 867 -9.82 22.57 8.34
CA ARG L 867 -10.67 21.67 7.57
C ARG L 867 -11.90 21.21 8.34
N ALA L 868 -11.92 21.39 9.66
CA ALA L 868 -13.08 21.01 10.46
C ALA L 868 -14.29 21.92 10.23
N GLY L 869 -14.11 23.04 9.53
CA GLY L 869 -15.22 23.97 9.33
C GLY L 869 -16.36 23.40 8.51
N GLY L 870 -16.09 22.39 7.68
CA GLY L 870 -17.13 21.77 6.88
C GLY L 870 -18.00 20.77 7.61
N LEU L 871 -17.68 20.47 8.87
CA LEU L 871 -18.44 19.51 9.65
C LEU L 871 -19.60 20.13 10.42
N GLY L 872 -19.73 21.45 10.42
CA GLY L 872 -20.80 22.10 11.15
C GLY L 872 -20.62 22.11 12.65
N ILE L 873 -19.39 22.01 13.14
CA ILE L 873 -19.16 21.95 14.59
C ILE L 873 -19.47 23.29 15.24
N ASN L 874 -19.65 23.26 16.55
CA ASN L 874 -19.97 24.44 17.35
C ASN L 874 -18.78 24.84 18.18
N LEU L 875 -18.46 26.14 18.17
CA LEU L 875 -17.35 26.69 18.94
C LEU L 875 -17.81 27.65 20.03
N ALA L 876 -19.11 27.77 20.28
CA ALA L 876 -19.62 28.73 21.24
C ALA L 876 -19.24 28.41 22.67
N SER L 877 -18.76 27.20 22.95
CA SER L 877 -18.40 26.83 24.32
C SER L 877 -17.13 27.52 24.79
N ALA L 878 -16.31 28.03 23.87
CA ALA L 878 -15.06 28.72 24.20
C ALA L 878 -15.12 30.13 23.63
N ASP L 879 -14.92 31.12 24.48
CA ASP L 879 -14.97 32.53 24.07
C ASP L 879 -13.59 33.13 23.80
N THR L 880 -12.52 32.36 23.98
CA THR L 880 -11.16 32.85 23.75
C THR L 880 -10.46 31.91 22.78
N VAL L 881 -9.89 32.47 21.72
CA VAL L 881 -9.21 31.72 20.67
C VAL L 881 -7.93 32.44 20.29
N VAL L 882 -6.86 31.68 20.07
CA VAL L 882 -5.56 32.22 19.69
C VAL L 882 -5.25 31.76 18.27
N ILE L 883 -5.00 32.71 17.38
CA ILE L 883 -4.55 32.39 16.01
C ILE L 883 -3.03 32.44 16.05
N PHE L 884 -2.42 31.32 16.45
CA PHE L 884 -0.96 31.25 16.52
C PHE L 884 -0.33 31.43 15.15
N ASP L 885 -0.87 30.77 14.14
CA ASP L 885 -0.23 30.71 12.84
C ASP L 885 -0.73 31.81 11.91
N SER L 886 -0.23 31.78 10.68
CA SER L 886 -0.72 32.63 9.61
C SER L 886 -1.04 31.76 8.40
N ASP L 887 -1.95 32.24 7.55
CA ASP L 887 -2.36 31.50 6.38
C ASP L 887 -2.39 32.42 5.16
N TRP L 888 -2.18 31.83 3.99
CA TRP L 888 -2.11 32.58 2.74
C TRP L 888 -3.48 32.86 2.14
N ASN L 889 -4.53 32.20 2.62
CA ASN L 889 -5.87 32.36 2.07
C ASN L 889 -6.77 32.98 3.14
N PRO L 890 -7.32 34.17 2.93
CA PRO L 890 -8.25 34.73 3.92
C PRO L 890 -9.53 33.92 4.08
N GLN L 891 -9.87 33.06 3.10
CA GLN L 891 -11.06 32.24 3.23
C GLN L 891 -10.95 31.26 4.41
N ASN L 892 -9.75 30.75 4.67
CA ASN L 892 -9.56 29.89 5.83
C ASN L 892 -9.79 30.65 7.12
N ASP L 893 -9.34 31.91 7.19
CA ASP L 893 -9.62 32.74 8.36
C ASP L 893 -11.11 32.98 8.52
N LEU L 894 -11.81 33.22 7.40
CA LEU L 894 -13.26 33.41 7.45
C LEU L 894 -13.96 32.14 7.94
N GLN L 895 -13.49 30.97 7.50
CA GLN L 895 -14.08 29.72 7.95
C GLN L 895 -13.84 29.49 9.44
N ALA L 896 -12.69 29.93 9.95
CA ALA L 896 -12.43 29.82 11.38
C ALA L 896 -13.33 30.76 12.18
N GLN L 897 -13.57 31.96 11.65
CA GLN L 897 -14.42 32.93 12.35
C GLN L 897 -15.89 32.57 12.24
N ALA L 898 -16.31 31.97 11.13
CA ALA L 898 -17.73 31.70 10.90
C ALA L 898 -18.29 30.71 11.92
N ARG L 899 -17.50 29.74 12.35
CA ARG L 899 -17.97 28.76 13.33
C ARG L 899 -17.96 29.29 14.75
N ALA L 900 -17.32 30.43 14.99
CA ALA L 900 -17.32 31.05 16.31
C ALA L 900 -18.33 32.18 16.44
N HIS L 901 -18.67 32.85 15.34
CA HIS L 901 -19.60 33.96 15.35
C HIS L 901 -21.04 33.43 15.40
N ARG L 902 -21.36 32.80 16.53
CA ARG L 902 -22.70 32.26 16.73
C ARG L 902 -23.67 33.35 17.13
N ILE L 903 -24.86 33.31 16.54
CA ILE L 903 -25.89 34.31 16.84
C ILE L 903 -26.36 34.12 18.28
N GLY L 904 -26.46 35.22 19.02
CA GLY L 904 -26.86 35.19 20.40
C GLY L 904 -25.71 35.29 21.40
N GLN L 905 -24.48 35.40 20.93
CA GLN L 905 -23.34 35.54 21.84
C GLN L 905 -23.37 36.91 22.50
N LYS L 906 -23.27 36.93 23.83
CA LYS L 906 -23.31 38.16 24.59
C LYS L 906 -21.92 38.71 24.92
N LYS L 907 -20.93 37.83 25.05
CA LYS L 907 -19.58 38.25 25.39
C LYS L 907 -18.84 38.76 24.16
N GLN L 908 -17.77 39.51 24.40
CA GLN L 908 -16.87 39.94 23.34
C GLN L 908 -15.87 38.83 23.07
N VAL L 909 -15.83 38.35 21.82
CA VAL L 909 -14.93 37.26 21.47
C VAL L 909 -13.49 37.75 21.52
N ASN L 910 -12.62 36.94 22.13
CA ASN L 910 -11.22 37.30 22.28
C ASN L 910 -10.41 36.56 21.22
N ILE L 911 -9.70 37.30 20.38
CA ILE L 911 -8.94 36.73 19.28
C ILE L 911 -7.56 37.40 19.26
N TYR L 912 -6.52 36.60 19.05
CA TYR L 912 -5.15 37.10 18.97
C TYR L 912 -4.41 36.43 17.83
N ARG L 913 -3.72 37.24 17.02
CA ARG L 913 -2.87 36.76 15.94
C ARG L 913 -1.44 37.20 16.21
N LEU L 914 -0.49 36.35 15.84
CA LEU L 914 0.92 36.54 16.18
C LEU L 914 1.71 36.88 14.94
N VAL L 915 2.48 37.97 15.00
CA VAL L 915 3.40 38.37 13.93
C VAL L 915 4.75 38.64 14.57
N THR L 916 5.82 38.27 13.86
CA THR L 916 7.16 38.24 14.44
C THR L 916 8.14 39.11 13.64
N LYS L 917 7.63 40.11 12.93
CA LYS L 917 8.47 41.04 12.16
C LYS L 917 9.38 40.26 11.20
N GLY L 918 8.82 39.24 10.57
CA GLY L 918 9.55 38.36 9.66
C GLY L 918 8.60 37.42 8.97
N SER L 919 8.90 37.06 7.72
CA SER L 919 7.91 36.45 6.84
C SER L 919 6.65 37.31 6.81
N VAL L 920 6.80 38.52 6.30
CA VAL L 920 5.85 39.60 6.52
C VAL L 920 4.51 39.24 5.88
N GLU L 921 3.52 38.93 6.71
CA GLU L 921 2.16 38.78 6.22
C GLU L 921 1.52 40.14 5.91
N GLU L 922 1.98 41.20 6.58
CA GLU L 922 1.44 42.53 6.32
C GLU L 922 1.72 42.98 4.89
N ASP L 923 2.75 42.43 4.24
CA ASP L 923 2.96 42.75 2.83
C ASP L 923 1.79 42.28 1.99
N ILE L 924 1.10 41.24 2.44
CA ILE L 924 -0.12 40.78 1.78
C ILE L 924 -1.32 41.60 2.22
N LEU L 925 -1.38 41.95 3.52
CA LEU L 925 -2.56 42.61 4.07
C LEU L 925 -2.78 43.98 3.44
N GLU L 926 -1.71 44.76 3.25
CA GLU L 926 -1.86 46.09 2.68
C GLU L 926 -2.42 46.03 1.27
N ARG L 927 -2.14 44.96 0.53
CA ARG L 927 -2.70 44.76 -0.80
C ARG L 927 -4.05 44.06 -0.74
N ALA L 928 -4.24 43.14 0.20
CA ALA L 928 -5.47 42.34 0.24
C ALA L 928 -6.68 43.19 0.59
N LYS L 929 -6.50 44.24 1.40
CA LYS L 929 -7.65 45.01 1.88
C LYS L 929 -8.42 45.68 0.75
N LYS L 930 -7.82 45.81 -0.43
CA LYS L 930 -8.54 46.39 -1.57
C LYS L 930 -9.53 45.41 -2.20
N LYS L 931 -9.46 44.12 -1.87
CA LYS L 931 -10.38 43.13 -2.41
C LYS L 931 -10.97 42.18 -1.39
N MET L 932 -10.32 41.97 -0.24
CA MET L 932 -10.82 41.01 0.74
C MET L 932 -12.10 41.49 1.38
N PRO L 961 1.99 35.70 -2.60
CA PRO L 961 1.85 34.30 -3.04
C PRO L 961 1.21 34.19 -4.41
N PHE L 962 1.36 35.21 -5.24
CA PHE L 962 0.68 35.20 -6.52
C PHE L 962 1.55 35.63 -7.70
N ASN L 963 2.68 36.28 -7.50
CA ASN L 963 3.48 36.78 -8.62
C ASN L 963 4.96 36.52 -8.33
N LYS L 964 5.68 36.02 -9.35
CA LYS L 964 7.07 35.64 -9.15
C LYS L 964 7.94 36.82 -8.73
N GLU L 965 7.76 37.98 -9.37
CA GLU L 965 8.55 39.14 -9.01
C GLU L 965 8.24 39.60 -7.58
N GLU L 966 6.95 39.64 -7.24
CA GLU L 966 6.55 40.01 -5.89
C GLU L 966 7.20 39.10 -4.84
N LEU L 967 7.18 37.79 -5.09
CA LEU L 967 7.62 36.85 -4.06
C LEU L 967 9.13 36.94 -3.84
N SER L 968 9.89 37.16 -4.90
CA SER L 968 11.32 37.42 -4.73
C SER L 968 11.55 38.71 -3.95
N ALA L 969 10.75 39.73 -4.23
CA ALA L 969 10.89 41.00 -3.52
C ALA L 969 10.48 40.87 -2.06
N ILE L 970 9.61 39.92 -1.73
CA ILE L 970 9.23 39.70 -0.34
C ILE L 970 10.44 39.30 0.48
N LEU L 971 11.27 38.41 -0.06
CA LEU L 971 12.50 38.05 0.63
C LEU L 971 13.49 39.21 0.66
N LYS L 972 13.49 40.03 -0.40
CA LYS L 972 14.40 41.16 -0.45
C LYS L 972 13.92 42.31 0.43
N PHE L 973 12.61 42.44 0.66
CA PHE L 973 12.07 43.42 1.59
C PHE L 973 11.86 42.85 2.99
N GLY L 974 11.30 41.64 3.10
CA GLY L 974 11.20 40.99 4.39
C GLY L 974 12.57 40.62 4.90
N ALA L 975 12.93 41.11 6.09
CA ALA L 975 14.29 40.95 6.64
C ALA L 975 15.32 41.55 5.69
N GLU L 976 14.97 42.70 5.10
CA GLU L 976 15.86 43.40 4.18
C GLU L 976 17.20 43.71 4.82
N GLU L 977 17.19 44.24 6.04
CA GLU L 977 18.41 44.76 6.65
C GLU L 977 18.82 44.11 7.95
N LEU L 978 17.88 43.61 8.76
CA LEU L 978 18.28 43.05 10.05
C LEU L 978 18.77 41.60 9.93
N PHE L 979 19.74 41.38 9.04
CA PHE L 979 20.40 40.09 8.92
C PHE L 979 21.41 39.93 10.05
N LYS L 980 22.36 38.99 9.88
CA LYS L 980 23.42 38.79 10.86
C LYS L 980 24.38 39.97 10.80
N GLU L 981 23.96 41.10 11.33
CA GLU L 981 24.77 42.30 11.35
C GLU L 981 25.92 42.12 12.35
N PRO L 982 26.98 42.92 12.21
CA PRO L 982 28.10 42.83 13.16
C PRO L 982 27.73 43.34 14.56
N GLU L 983 26.46 43.63 14.78
CA GLU L 983 25.99 44.12 16.08
C GLU L 983 26.28 43.13 17.20
N GLY L 984 26.48 41.85 16.88
CA GLY L 984 26.88 40.86 17.87
C GLY L 984 25.73 40.09 18.48
N GLU L 985 26.09 39.20 19.40
CA GLU L 985 25.13 38.32 20.05
C GLU L 985 24.47 39.02 21.23
N GLU L 986 23.70 38.23 22.00
CA GLU L 986 23.06 38.66 23.26
C GLU L 986 22.32 39.98 23.13
N GLN L 987 21.80 40.28 21.93
CA GLN L 987 20.98 41.48 21.75
C GLN L 987 19.67 41.36 22.54
N GLU L 988 19.02 40.20 22.47
CA GLU L 988 17.84 39.81 23.24
C GLU L 988 16.78 40.92 23.34
N PRO L 989 16.08 41.23 22.24
CA PRO L 989 15.05 42.30 22.29
C PRO L 989 13.75 41.82 22.92
N GLN L 990 13.77 41.65 24.24
CA GLN L 990 12.62 41.17 24.99
C GLN L 990 11.76 42.29 25.58
N GLU L 991 12.30 43.51 25.67
CA GLU L 991 11.77 44.50 26.61
C GLU L 991 10.47 45.14 26.14
N MET L 992 9.45 44.32 25.88
CA MET L 992 8.08 44.80 25.72
C MET L 992 7.08 43.81 26.31
N ASP L 993 7.41 43.21 27.45
CA ASP L 993 6.64 42.07 27.96
C ASP L 993 5.17 42.41 28.17
N ILE L 994 4.88 43.41 29.01
CA ILE L 994 3.52 43.71 29.41
C ILE L 994 3.31 45.22 29.49
N ASP L 995 2.11 45.65 29.08
CA ASP L 995 1.56 46.98 29.31
C ASP L 995 2.27 47.94 28.35
N GLU L 996 3.32 47.44 27.69
CA GLU L 996 3.84 48.12 26.51
C GLU L 996 3.06 47.74 25.28
N ILE L 997 2.90 46.43 25.05
CA ILE L 997 2.18 45.96 23.87
C ILE L 997 0.71 46.34 23.98
N LEU L 998 0.16 46.34 25.20
CA LEU L 998 -1.26 46.61 25.37
C LEU L 998 -1.63 48.03 24.98
N LYS L 999 -0.78 49.00 25.33
CA LYS L 999 -1.10 50.41 25.11
C LYS L 999 -0.76 50.86 23.70
N ARG L 1000 0.36 50.41 23.16
CA ARG L 1000 0.92 50.93 21.92
C ARG L 1000 0.41 50.23 20.67
N ALA L 1001 -0.35 49.15 20.82
CA ALA L 1001 -0.81 48.40 19.65
C ALA L 1001 -1.84 49.20 18.85
N GLU L 1002 -1.69 49.15 17.52
CA GLU L 1002 -2.69 49.73 16.64
C GLU L 1002 -3.89 48.80 16.51
N THR L 1003 -5.04 49.37 16.17
CA THR L 1003 -6.27 48.60 16.04
C THR L 1003 -7.01 49.03 14.78
N HIS L 1004 -7.74 48.08 14.20
CA HIS L 1004 -8.59 48.35 13.06
C HIS L 1004 -9.72 47.33 13.04
N GLU L 1005 -10.81 47.71 12.39
CA GLU L 1005 -11.97 46.81 12.28
C GLU L 1005 -11.82 45.87 11.09
N LYS L 1043 17.97 45.92 -5.27
CA LYS L 1043 19.04 45.27 -4.51
C LYS L 1043 19.17 43.79 -4.87
N ASN L 1044 20.38 43.39 -5.27
CA ASN L 1044 20.71 41.98 -5.47
C ASN L 1044 21.21 41.39 -4.17
N TRP L 1045 21.23 40.05 -4.11
CA TRP L 1045 21.53 39.38 -2.85
C TRP L 1045 22.95 39.66 -2.37
N GLU L 1046 23.91 39.79 -3.30
CA GLU L 1046 25.26 40.12 -2.87
C GLU L 1046 25.30 41.51 -2.23
N GLU L 1047 24.40 42.40 -2.65
CA GLU L 1047 24.24 43.69 -1.97
C GLU L 1047 23.53 43.54 -0.64
N ILE L 1048 22.67 42.55 -0.50
CA ILE L 1048 21.83 42.37 0.69
C ILE L 1048 22.54 41.54 1.74
N ILE L 1049 22.83 40.28 1.41
CA ILE L 1049 23.22 39.30 2.44
C ILE L 1049 24.66 39.60 2.85
N PRO L 1050 25.01 39.51 4.14
CA PRO L 1050 26.44 39.57 4.53
C PRO L 1050 27.20 38.32 4.11
N GLU L 1051 27.81 38.41 2.93
CA GLU L 1051 28.38 37.27 2.22
C GLU L 1051 29.54 36.61 2.97
N ASP L 1052 29.98 37.21 4.09
CA ASP L 1052 31.05 36.61 4.89
C ASP L 1052 30.61 35.27 5.45
N GLN L 1053 29.35 35.15 5.86
CA GLN L 1053 28.84 33.88 6.38
C GLN L 1053 28.88 32.77 5.35
N ARG L 1054 28.62 33.08 4.07
CA ARG L 1054 28.57 32.04 3.05
C ARG L 1054 29.91 31.34 2.93
N ARG L 1055 31.02 32.05 3.18
CA ARG L 1055 32.29 31.36 3.36
C ARG L 1055 32.19 30.38 4.51
N ARG L 1056 31.60 30.82 5.63
CA ARG L 1056 31.56 30.03 6.84
C ARG L 1056 30.62 28.84 6.73
N LEU L 1057 29.67 28.86 5.80
CA LEU L 1057 28.84 27.70 5.54
C LEU L 1057 29.41 26.79 4.46
N GLU L 1058 29.90 27.38 3.35
CA GLU L 1058 30.44 26.57 2.27
C GLU L 1058 31.66 25.78 2.72
N GLU L 1059 32.46 26.34 3.62
CA GLU L 1059 33.66 25.68 4.12
C GLU L 1059 33.37 24.72 5.27
N GLU L 1060 32.16 24.73 5.81
CA GLU L 1060 31.77 23.79 6.86
C GLU L 1060 30.85 22.69 6.36
N GLU L 1061 29.92 23.02 5.45
CA GLU L 1061 29.12 21.97 4.82
C GLU L 1061 29.97 21.06 3.96
N ARG L 1062 30.99 21.60 3.30
CA ARG L 1062 31.93 20.76 2.56
C ARG L 1062 32.70 19.83 3.50
N GLN L 1063 32.67 20.11 4.80
CA GLN L 1063 33.26 19.24 5.81
C GLN L 1063 32.25 18.26 6.38
N LYS L 1064 31.01 18.71 6.61
CA LYS L 1064 29.97 17.82 7.11
C LYS L 1064 29.66 16.71 6.10
N GLU L 1065 29.48 17.08 4.83
CA GLU L 1065 29.15 16.13 3.78
C GLU L 1065 30.37 15.49 3.14
N LEU L 1066 31.50 15.46 3.82
CA LEU L 1066 32.69 14.76 3.37
C LEU L 1066 33.12 13.67 4.34
N GLU L 1067 33.06 13.96 5.65
CA GLU L 1067 33.23 12.91 6.65
C GLU L 1067 32.10 11.90 6.59
N GLU L 1068 30.88 12.37 6.33
CA GLU L 1068 29.74 11.46 6.16
C GLU L 1068 29.96 10.50 5.00
N ILE L 1069 30.82 10.86 4.05
CA ILE L 1069 31.26 9.94 3.02
C ILE L 1069 32.45 9.12 3.50
N TYR L 1070 33.41 9.76 4.18
CA TYR L 1070 34.66 9.12 4.55
C TYR L 1070 34.56 8.31 5.84
N MET L 1071 33.53 8.48 6.65
CA MET L 1071 33.46 7.83 7.96
C MET L 1071 32.74 6.48 7.83
N LEU L 1072 33.42 5.55 7.17
CA LEU L 1072 33.00 4.16 7.03
C LEU L 1072 34.21 3.34 6.63
N PRO L 1073 34.45 2.20 7.27
CA PRO L 1073 35.70 1.47 7.05
C PRO L 1073 35.82 0.96 5.62
N ARG L 1074 37.08 0.82 5.18
CA ARG L 1074 37.36 0.22 3.89
C ARG L 1074 36.85 -1.21 3.81
N MET L 1075 36.80 -1.91 4.96
CA MET L 1075 36.52 -3.33 4.99
C MET L 1075 35.60 -3.64 6.17
N ARG L 1076 34.85 -4.73 6.04
CA ARG L 1076 34.02 -5.19 7.15
C ARG L 1076 34.92 -5.71 8.27
N ASN L 1077 34.47 -5.50 9.51
CA ASN L 1077 35.22 -5.91 10.70
C ASN L 1077 36.62 -5.31 10.70
N ARG M . 1.93 -27.93 -35.82
CA ARG M . 2.60 -28.89 -34.94
C ARG M . 2.33 -30.32 -35.40
O ARG M . 1.37 -30.58 -36.12
CB ARG M . 2.16 -28.70 -33.50
CG ARG M . 0.67 -28.85 -33.27
CD ARG M . 0.29 -28.54 -31.83
NE ARG M . 0.85 -29.50 -30.89
CZ ARG M . 1.83 -29.23 -30.04
NH1 ARG M . 2.39 -28.04 -29.99
NH2 ARG M . 2.27 -30.19 -29.23
#